data_7Q5U
#
_entry.id   7Q5U
#
_cell.length_a   92.321
_cell.length_b   129.312
_cell.length_c   95.346
_cell.angle_alpha   90.000
_cell.angle_beta   100.232
_cell.angle_gamma   90.000
#
_symmetry.space_group_name_H-M   'P 1 21 1'
#
loop_
_entity.id
_entity.type
_entity.pdbx_description
1 polymer 'Tyrosine-protein kinase SYK'
2 polymer 'T-cell surface glycoprotein CD3 gamma chain'
3 non-polymer 1,2-ETHANEDIOL
4 non-polymer DI(HYDROXYETHYL)ETHER
5 non-polymer 1-ETHOXY-2-(2-ETHOXYETHOXY)ETHANE
6 water water
#
loop_
_entity_poly.entity_id
_entity_poly.type
_entity_poly.pdbx_seq_one_letter_code
_entity_poly.pdbx_strand_id
1 'polypeptide(L)'
;SMADSANHLPFFFGNITREEAEDYLVQGGMSDGLYLLRQSRNYLGGFALSVAHGRKAHHYTIERELNGTYAIAGGRTHAS
PADLCHYHSQESDGLVCLLKKPFNRPQGVQPKTGPFEDLKENLIREYVKQTWNLQGQALEQAIISQKPQLEKLIATTAHE
KMPWFHGKISREESEQIVLIGSKTNGKFLIRARDNNGSYALCLLHEGKVLHYRIDKDKTGKLSIPEGKKFDTLWQLVEHY
SYKADGLLRVLTVPCQKIGTQGNVN
;
AAA,BBB,CCC,DDD,EEE,FFF
2 'polypeptide(L)' DQL(PTR)QPLKDREDDQ(PTR)SHLQG GGG,HHH,III,JJJ,KKK,LLL
#
# COMPACT_ATOMS: atom_id res chain seq x y z
N SER A 1 12.07 -2.07 41.09
CA SER A 1 11.78 -0.99 40.06
C SER A 1 12.99 -0.82 39.14
N MET A 2 12.76 -0.65 37.83
CA MET A 2 13.75 -0.13 36.87
C MET A 2 14.06 1.36 37.15
N ALA A 3 15.29 1.76 36.89
CA ALA A 3 15.75 3.17 36.98
C ALA A 3 14.87 4.09 36.13
N ASP A 4 14.46 3.64 34.93
CA ASP A 4 13.52 4.35 34.00
C ASP A 4 12.30 3.47 33.63
N SER A 5 11.23 4.10 33.13
CA SER A 5 10.00 3.42 32.62
C SER A 5 10.36 2.45 31.49
N ALA A 6 11.26 2.89 30.60
CA ALA A 6 11.86 2.10 29.49
C ALA A 6 13.17 1.39 29.92
N ASN A 7 13.38 0.17 29.42
CA ASN A 7 14.64 -0.60 29.59
C ASN A 7 15.69 -0.02 28.61
N HIS A 8 16.98 -0.08 28.97
CA HIS A 8 18.11 0.59 28.26
C HIS A 8 19.37 -0.26 28.16
N LEU A 9 19.31 -1.51 28.62
CA LEU A 9 20.41 -2.53 28.52
C LEU A 9 20.90 -2.72 27.08
N PRO A 10 22.19 -2.97 26.81
CA PRO A 10 22.66 -3.12 25.44
C PRO A 10 22.14 -4.41 24.76
N PHE A 11 21.64 -5.35 25.57
CA PHE A 11 21.13 -6.67 25.10
C PHE A 11 19.60 -6.72 25.20
N PHE A 12 18.94 -5.58 25.38
CA PHE A 12 17.45 -5.44 25.35
C PHE A 12 16.99 -5.01 23.95
N PHE A 13 16.08 -5.76 23.35
CA PHE A 13 15.65 -5.60 21.93
C PHE A 13 14.25 -5.00 21.87
N GLY A 14 13.69 -4.61 23.01
CA GLY A 14 12.28 -4.20 23.05
C GLY A 14 11.37 -5.31 22.52
N ASN A 15 10.39 -4.96 21.69
CA ASN A 15 9.22 -5.88 21.55
C ASN A 15 9.35 -6.75 20.30
N ILE A 16 10.54 -7.26 20.05
CA ILE A 16 10.80 -8.29 19.02
C ILE A 16 10.06 -9.58 19.40
N THR A 17 9.71 -10.38 18.40
CA THR A 17 9.01 -11.68 18.58
C THR A 17 9.98 -12.75 19.04
N ARG A 18 9.45 -13.87 19.52
CA ARG A 18 10.26 -15.07 19.84
C ARG A 18 11.13 -15.39 18.62
N GLU A 19 10.53 -15.36 17.43
CA GLU A 19 11.19 -15.75 16.16
C GLU A 19 12.35 -14.78 15.87
N GLU A 20 12.15 -13.47 16.04
CA GLU A 20 13.23 -12.46 15.81
C GLU A 20 14.34 -12.68 16.84
N ALA A 21 13.99 -12.99 18.09
CA ALA A 21 14.97 -13.27 19.16
C ALA A 21 15.82 -14.50 18.78
N GLU A 22 15.18 -15.55 18.28
CA GLU A 22 15.86 -16.80 17.85
C GLU A 22 16.78 -16.49 16.65
N ASP A 23 16.33 -15.70 15.67
CA ASP A 23 17.13 -15.27 14.50
C ASP A 23 18.39 -14.53 15.00
N TYR A 24 18.28 -13.68 16.02
CA TYR A 24 19.43 -12.95 16.59
C TYR A 24 20.36 -13.94 17.32
N LEU A 25 19.81 -14.93 18.03
CA LEU A 25 20.66 -15.93 18.74
C LEU A 25 21.42 -16.75 17.70
N VAL A 26 20.80 -17.11 16.58
CA VAL A 26 21.47 -17.84 15.47
C VAL A 26 22.55 -16.93 14.89
N GLN A 27 22.24 -15.67 14.63
CA GLN A 27 23.22 -14.66 14.10
C GLN A 27 24.40 -14.55 15.07
N GLY A 28 24.17 -14.72 16.38
CA GLY A 28 25.22 -14.56 17.40
C GLY A 28 25.95 -15.87 17.69
N GLY A 29 25.64 -16.95 16.96
CA GLY A 29 26.39 -18.22 17.07
C GLY A 29 25.65 -19.31 17.83
N MET A 30 24.54 -19.01 18.51
CA MET A 30 23.78 -20.03 19.28
C MET A 30 24.71 -20.79 20.23
N SER A 31 25.71 -20.09 20.77
CA SER A 31 26.65 -20.62 21.78
C SER A 31 25.91 -20.81 23.11
N ASP A 32 26.23 -21.86 23.86
CA ASP A 32 25.60 -22.13 25.19
C ASP A 32 25.74 -20.89 26.06
N GLY A 33 24.64 -20.44 26.68
CA GLY A 33 24.61 -19.30 27.60
C GLY A 33 24.61 -17.95 26.87
N LEU A 34 24.45 -17.94 25.54
CA LEU A 34 24.17 -16.71 24.79
C LEU A 34 22.72 -16.34 25.08
N TYR A 35 22.45 -15.05 25.30
CA TYR A 35 21.11 -14.60 25.76
C TYR A 35 20.87 -13.17 25.31
N LEU A 36 19.59 -12.84 25.21
CA LEU A 36 19.11 -11.44 25.10
C LEU A 36 17.83 -11.30 25.94
N LEU A 37 17.45 -10.04 26.14
CA LEU A 37 16.19 -9.64 26.80
C LEU A 37 15.28 -8.98 25.75
N ARG A 38 14.00 -9.36 25.78
CA ARG A 38 12.96 -8.69 24.99
C ARG A 38 11.82 -8.27 25.92
N GLN A 39 10.99 -7.35 25.47
CA GLN A 39 9.73 -6.98 26.17
C GLN A 39 8.73 -8.12 25.98
N SER A 40 8.04 -8.52 27.03
CA SER A 40 6.96 -9.54 26.96
C SER A 40 5.90 -8.99 26.02
N ARG A 41 5.35 -9.83 25.15
CA ARG A 41 4.32 -9.37 24.20
C ARG A 41 2.92 -9.70 24.74
N ASN A 42 2.82 -10.43 25.86
CA ASN A 42 1.49 -10.84 26.41
C ASN A 42 1.37 -10.63 27.92
N TYR A 43 2.42 -10.17 28.62
CA TYR A 43 2.37 -9.79 30.06
C TYR A 43 2.72 -8.32 30.21
N LEU A 44 1.76 -7.53 30.64
CA LEU A 44 1.93 -6.07 30.79
C LEU A 44 3.09 -5.83 31.76
N GLY A 45 4.03 -4.96 31.38
CA GLY A 45 5.20 -4.62 32.19
C GLY A 45 6.18 -5.76 32.31
N GLY A 46 5.92 -6.89 31.64
CA GLY A 46 6.77 -8.10 31.68
C GLY A 46 7.93 -8.02 30.69
N PHE A 47 8.87 -8.96 30.84
CA PHE A 47 10.02 -9.18 29.93
C PHE A 47 10.06 -10.67 29.60
N ALA A 48 10.91 -11.05 28.63
CA ALA A 48 11.23 -12.45 28.31
C ALA A 48 12.75 -12.58 28.16
N LEU A 49 13.31 -13.60 28.78
CA LEU A 49 14.73 -13.98 28.70
C LEU A 49 14.84 -15.11 27.72
N SER A 50 15.55 -14.87 26.62
CA SER A 50 15.78 -15.82 25.51
C SER A 50 17.25 -16.22 25.55
N VAL A 51 17.52 -17.48 25.85
CA VAL A 51 18.91 -17.99 26.07
C VAL A 51 19.08 -19.27 25.23
N ALA A 52 20.26 -19.41 24.62
CA ALA A 52 20.69 -20.57 23.82
C ALA A 52 21.37 -21.58 24.74
N HIS A 53 21.00 -22.85 24.60
CA HIS A 53 21.68 -24.01 25.23
C HIS A 53 21.28 -25.27 24.49
N GLY A 54 22.26 -26.12 24.13
CA GLY A 54 22.00 -27.39 23.42
C GLY A 54 21.58 -27.14 21.99
N ARG A 55 22.07 -26.04 21.42
CA ARG A 55 21.74 -25.52 20.06
C ARG A 55 20.23 -25.32 19.91
N LYS A 56 19.50 -25.15 21.02
CA LYS A 56 18.04 -24.84 21.12
C LYS A 56 17.89 -23.47 21.82
N ALA A 57 16.74 -22.82 21.62
CA ALA A 57 16.38 -21.57 22.33
C ALA A 57 15.43 -21.93 23.46
N HIS A 58 15.62 -21.29 24.62
CA HIS A 58 14.80 -21.44 25.84
C HIS A 58 14.29 -20.05 26.22
N HIS A 59 12.98 -19.90 26.40
CA HIS A 59 12.31 -18.59 26.61
C HIS A 59 11.59 -18.57 27.94
N TYR A 60 11.92 -17.61 28.80
CA TYR A 60 11.36 -17.47 30.16
C TYR A 60 10.64 -16.15 30.24
N THR A 61 9.39 -16.15 30.71
CA THR A 61 8.64 -14.91 31.01
C THR A 61 9.10 -14.37 32.35
N ILE A 62 9.51 -13.11 32.38
CA ILE A 62 9.82 -12.35 33.61
C ILE A 62 8.63 -11.41 33.88
N GLU A 63 7.81 -11.68 34.89
CA GLU A 63 6.64 -10.83 35.25
C GLU A 63 7.08 -9.65 36.12
N ARG A 64 6.36 -8.54 36.02
CA ARG A 64 6.37 -7.45 37.04
C ARG A 64 5.38 -7.84 38.14
N GLU A 65 5.89 -8.15 39.32
CA GLU A 65 5.13 -8.42 40.58
C GLU A 65 4.47 -7.12 41.04
N LEU A 66 3.48 -7.24 41.92
CA LEU A 66 2.61 -6.10 42.36
C LEU A 66 3.49 -4.99 42.95
N ASN A 67 4.56 -5.33 43.68
CA ASN A 67 5.44 -4.34 44.38
C ASN A 67 6.47 -3.67 43.46
N GLY A 68 6.46 -3.97 42.15
CA GLY A 68 7.38 -3.35 41.17
C GLY A 68 8.72 -4.08 41.04
N THR A 69 8.84 -5.27 41.63
CA THR A 69 9.98 -6.21 41.47
C THR A 69 9.68 -7.16 40.28
N TYR A 70 10.65 -7.97 39.86
CA TYR A 70 10.56 -8.87 38.69
C TYR A 70 10.93 -10.29 39.10
N ALA A 71 10.27 -11.28 38.51
CA ALA A 71 10.54 -12.70 38.80
C ALA A 71 10.06 -13.58 37.66
N ILE A 72 10.86 -14.56 37.26
CA ILE A 72 10.34 -15.78 36.57
C ILE A 72 9.46 -16.54 37.56
N ALA A 73 8.36 -17.14 37.09
CA ALA A 73 7.38 -17.92 37.90
C ALA A 73 8.11 -18.82 38.91
N GLY A 74 7.89 -18.56 40.20
CA GLY A 74 8.39 -19.36 41.33
C GLY A 74 9.81 -19.02 41.75
N GLY A 75 10.45 -18.03 41.12
CA GLY A 75 11.86 -17.68 41.40
C GLY A 75 11.96 -16.58 42.42
N ARG A 76 13.15 -16.27 42.88
CA ARG A 76 13.37 -15.07 43.72
C ARG A 76 12.99 -13.84 42.88
N THR A 77 12.54 -12.79 43.56
CA THR A 77 12.28 -11.46 43.01
C THR A 77 13.62 -10.72 42.86
N HIS A 78 13.69 -9.78 41.93
CA HIS A 78 14.86 -8.91 41.66
C HIS A 78 14.35 -7.49 41.45
N ALA A 79 15.19 -6.49 41.75
CA ALA A 79 14.85 -5.06 41.65
C ALA A 79 14.48 -4.69 40.19
N SER A 80 15.16 -5.32 39.24
CA SER A 80 15.14 -4.95 37.81
C SER A 80 15.54 -6.17 37.00
N PRO A 81 15.20 -6.22 35.69
CA PRO A 81 15.71 -7.27 34.82
C PRO A 81 17.23 -7.26 34.68
N ALA A 82 17.89 -6.10 34.80
CA ALA A 82 19.38 -6.00 34.84
C ALA A 82 19.93 -6.85 35.97
N ASP A 83 19.37 -6.69 37.18
CA ASP A 83 19.77 -7.47 38.38
C ASP A 83 19.49 -8.96 38.09
N LEU A 84 18.33 -9.27 37.51
CA LEU A 84 17.95 -10.69 37.27
C LEU A 84 19.02 -11.32 36.39
N CYS A 85 19.44 -10.63 35.34
CA CYS A 85 20.39 -11.18 34.33
C CYS A 85 21.76 -11.39 35.00
N HIS A 86 22.24 -10.42 35.77
CA HIS A 86 23.57 -10.47 36.43
C HIS A 86 23.61 -11.63 37.44
N TYR A 87 22.54 -11.76 38.23
CA TYR A 87 22.36 -12.89 39.16
C TYR A 87 22.46 -14.21 38.40
N HIS A 88 21.70 -14.38 37.32
CA HIS A 88 21.67 -15.67 36.58
C HIS A 88 22.99 -15.88 35.81
N SER A 89 23.92 -14.92 35.86
CA SER A 89 25.27 -15.07 35.27
C SER A 89 26.18 -15.74 36.30
N GLN A 90 25.75 -15.81 37.56
CA GLN A 90 26.53 -16.33 38.72
C GLN A 90 25.92 -17.63 39.27
N GLU A 91 24.59 -17.71 39.33
CA GLU A 91 23.84 -18.91 39.79
C GLU A 91 22.77 -19.26 38.73
N SER A 92 22.72 -20.53 38.33
CA SER A 92 21.69 -21.05 37.41
C SER A 92 20.32 -20.92 38.08
N ASP A 93 20.22 -21.33 39.35
CA ASP A 93 19.01 -21.20 40.21
C ASP A 93 17.73 -21.55 39.42
N GLY A 94 17.74 -22.66 38.67
CA GLY A 94 16.55 -23.17 37.98
C GLY A 94 16.61 -22.99 36.46
N LEU A 95 17.45 -22.08 35.96
CA LEU A 95 17.57 -21.82 34.50
C LEU A 95 18.31 -23.01 33.87
N VAL A 96 18.11 -23.23 32.59
CA VAL A 96 18.70 -24.39 31.85
C VAL A 96 20.23 -24.31 31.91
N CYS A 97 20.81 -23.13 32.03
CA CYS A 97 22.28 -22.93 32.18
C CYS A 97 22.60 -21.54 32.75
N LEU A 98 23.87 -21.30 33.06
CA LEU A 98 24.36 -19.94 33.44
C LEU A 98 24.24 -19.06 32.22
N LEU A 99 23.89 -17.79 32.41
CA LEU A 99 24.07 -16.77 31.35
C LEU A 99 25.57 -16.45 31.24
N LYS A 100 26.14 -16.68 30.07
CA LYS A 100 27.59 -16.52 29.81
C LYS A 100 27.83 -15.25 28.97
N LYS A 101 27.10 -15.08 27.86
CA LYS A 101 27.40 -14.01 26.88
C LYS A 101 26.13 -13.27 26.43
N PRO A 102 25.99 -11.98 26.76
CA PRO A 102 24.90 -11.18 26.20
C PRO A 102 25.10 -11.05 24.70
N PHE A 103 24.03 -11.20 23.93
CA PHE A 103 24.00 -10.80 22.51
C PHE A 103 23.46 -9.39 22.46
N ASN A 104 24.28 -8.43 22.08
CA ASN A 104 23.92 -6.99 22.09
C ASN A 104 23.24 -6.61 20.78
N ARG A 105 22.39 -5.59 20.83
CA ARG A 105 21.85 -4.91 19.63
C ARG A 105 23.02 -4.60 18.69
N PRO A 106 22.98 -5.06 17.43
CA PRO A 106 23.94 -4.61 16.42
C PRO A 106 23.97 -3.08 16.35
N GLN A 107 25.06 -2.49 15.85
CA GLN A 107 25.25 -1.02 15.85
C GLN A 107 24.06 -0.35 15.15
N GLY A 108 23.50 0.68 15.78
CA GLY A 108 22.40 1.49 15.21
C GLY A 108 21.05 0.79 15.20
N VAL A 109 20.94 -0.48 15.65
CA VAL A 109 19.64 -1.16 15.94
C VAL A 109 19.17 -0.69 17.32
N GLN A 110 17.94 -0.16 17.37
CA GLN A 110 17.28 0.36 18.58
C GLN A 110 16.29 -0.67 19.09
N PRO A 111 15.88 -0.59 20.37
CA PRO A 111 14.83 -1.47 20.88
C PRO A 111 13.55 -1.20 20.08
N LYS A 112 12.89 -2.24 19.60
CA LYS A 112 11.58 -2.15 18.94
C LYS A 112 10.53 -1.74 19.97
N THR A 113 9.56 -0.93 19.52
CA THR A 113 8.38 -0.46 20.26
C THR A 113 7.17 -0.82 19.41
N GLY A 114 6.01 -0.94 20.06
CA GLY A 114 4.73 -1.10 19.34
C GLY A 114 3.98 0.23 19.26
N PRO A 115 2.83 0.25 18.55
CA PRO A 115 1.91 1.39 18.61
C PRO A 115 1.64 1.93 20.01
N PHE A 116 1.30 1.05 20.96
CA PHE A 116 0.99 1.43 22.35
C PHE A 116 2.18 2.13 23.01
N GLU A 117 3.36 1.53 22.94
CA GLU A 117 4.59 2.09 23.57
C GLU A 117 4.87 3.49 23.00
N ASP A 118 4.55 3.74 21.74
CA ASP A 118 4.84 5.02 21.07
C ASP A 118 3.85 6.11 21.53
N LEU A 119 2.65 5.72 21.96
CA LEU A 119 1.58 6.65 22.42
C LEU A 119 1.60 6.83 23.93
N LYS A 120 2.24 5.93 24.68
CA LYS A 120 2.02 5.72 26.14
C LYS A 120 2.31 7.00 26.93
N GLU A 121 3.47 7.64 26.72
CA GLU A 121 3.90 8.79 27.57
C GLU A 121 2.95 9.96 27.34
N ASN A 122 2.55 10.20 26.09
CA ASN A 122 1.65 11.31 25.73
C ASN A 122 0.24 11.04 26.25
N LEU A 123 -0.28 9.81 26.16
CA LEU A 123 -1.61 9.44 26.73
C LEU A 123 -1.63 9.77 28.25
N ILE A 124 -0.57 9.44 28.97
CA ILE A 124 -0.46 9.68 30.44
C ILE A 124 -0.41 11.19 30.68
N ARG A 125 0.33 11.93 29.86
CA ARG A 125 0.51 13.39 30.02
C ARG A 125 -0.86 14.03 29.84
N GLU A 126 -1.60 13.62 28.81
CA GLU A 126 -2.91 14.22 28.46
C GLU A 126 -3.87 13.92 29.63
N TYR A 127 -3.84 12.70 30.18
CA TYR A 127 -4.75 12.31 31.28
C TYR A 127 -4.52 13.17 32.53
N VAL A 128 -3.27 13.37 32.93
CA VAL A 128 -2.97 14.11 34.19
C VAL A 128 -3.30 15.59 33.98
N LYS A 129 -2.99 16.12 32.79
CA LYS A 129 -3.25 17.55 32.43
C LYS A 129 -4.75 17.81 32.53
N GLN A 130 -5.57 16.94 31.95
CA GLN A 130 -7.03 17.14 31.83
C GLN A 130 -7.72 16.81 33.16
N THR A 131 -7.27 15.79 33.90
CA THR A 131 -7.91 15.41 35.18
C THR A 131 -7.59 16.45 36.26
N TRP A 132 -6.36 16.97 36.35
CA TRP A 132 -5.88 17.68 37.55
C TRP A 132 -5.61 19.13 37.22
N ASN A 133 -5.76 19.53 35.97
CA ASN A 133 -5.53 20.92 35.49
C ASN A 133 -4.11 21.40 35.88
N LEU A 134 -3.08 20.72 35.39
CA LEU A 134 -1.66 21.00 35.71
C LEU A 134 -0.88 21.33 34.44
N GLN A 135 0.17 22.13 34.59
CA GLN A 135 1.09 22.57 33.52
C GLN A 135 2.53 22.49 34.05
N GLY A 136 3.47 22.57 33.11
CA GLY A 136 4.91 22.76 33.38
C GLY A 136 5.42 21.78 34.41
N GLN A 137 6.20 22.27 35.38
CA GLN A 137 6.89 21.44 36.40
C GLN A 137 5.85 20.62 37.16
N ALA A 138 4.76 21.23 37.58
CA ALA A 138 3.71 20.60 38.42
C ALA A 138 3.20 19.34 37.69
N LEU A 139 2.92 19.46 36.40
CA LEU A 139 2.49 18.33 35.54
C LEU A 139 3.55 17.22 35.59
N GLU A 140 4.81 17.60 35.35
CA GLU A 140 5.96 16.65 35.30
C GLU A 140 6.09 15.92 36.65
N GLN A 141 5.93 16.63 37.76
CA GLN A 141 6.07 16.07 39.13
C GLN A 141 4.93 15.10 39.39
N ALA A 142 3.71 15.44 38.98
CA ALA A 142 2.50 14.63 39.21
C ALA A 142 2.62 13.30 38.44
N ILE A 143 3.08 13.35 37.20
CA ILE A 143 3.30 12.13 36.36
C ILE A 143 4.25 11.21 37.14
N ILE A 144 5.39 11.76 37.60
CA ILE A 144 6.47 10.98 38.27
C ILE A 144 5.91 10.40 39.56
N SER A 145 5.21 11.20 40.37
CA SER A 145 4.73 10.79 41.71
C SER A 145 3.77 9.58 41.63
N GLN A 146 3.00 9.45 40.55
CA GLN A 146 2.09 8.29 40.39
C GLN A 146 2.42 7.47 39.13
N LYS A 147 3.64 7.53 38.60
CA LYS A 147 3.99 6.87 37.31
C LYS A 147 3.45 5.43 37.25
N PRO A 148 3.71 4.54 38.23
CA PRO A 148 3.29 3.13 38.10
C PRO A 148 1.77 2.95 37.91
N GLN A 149 0.95 3.67 38.67
CA GLN A 149 -0.55 3.60 38.66
C GLN A 149 -1.06 4.17 37.34
N LEU A 150 -0.50 5.30 36.90
CA LEU A 150 -0.81 5.94 35.60
C LEU A 150 -0.50 4.97 34.45
N GLU A 151 0.64 4.29 34.48
CA GLU A 151 1.02 3.29 33.44
C GLU A 151 -0.04 2.17 33.41
N LYS A 152 -0.50 1.68 34.55
CA LYS A 152 -1.49 0.59 34.59
C LYS A 152 -2.83 1.07 33.99
N LEU A 153 -3.24 2.29 34.34
CA LEU A 153 -4.55 2.86 33.91
C LEU A 153 -4.54 3.07 32.39
N ILE A 154 -3.55 3.77 31.86
CA ILE A 154 -3.45 4.11 30.42
C ILE A 154 -3.39 2.82 29.59
N ALA A 155 -2.69 1.80 30.09
CA ALA A 155 -2.63 0.47 29.44
C ALA A 155 -4.03 -0.15 29.26
N THR A 156 -4.91 -0.01 30.25
CA THR A 156 -6.26 -0.66 30.32
C THR A 156 -7.26 0.08 29.43
N THR A 157 -7.01 1.36 29.10
CA THR A 157 -7.94 2.25 28.36
C THR A 157 -7.41 2.63 26.98
N ALA A 158 -6.12 2.43 26.67
CA ALA A 158 -5.50 3.04 25.46
C ALA A 158 -6.15 2.51 24.17
N HIS A 159 -6.65 1.25 24.22
CA HIS A 159 -7.32 0.59 23.07
C HIS A 159 -8.50 1.43 22.58
N GLU A 160 -9.25 2.08 23.47
CA GLU A 160 -10.47 2.87 23.15
C GLU A 160 -10.18 3.92 22.07
N LYS A 161 -8.96 4.45 22.05
CA LYS A 161 -8.56 5.59 21.19
C LYS A 161 -7.88 5.09 19.90
N MET A 162 -7.59 3.79 19.79
CA MET A 162 -6.76 3.24 18.68
C MET A 162 -7.64 2.93 17.48
N PRO A 163 -7.08 3.01 16.25
CA PRO A 163 -7.89 3.09 15.04
C PRO A 163 -8.71 1.81 14.76
N TRP A 164 -8.31 0.65 15.27
CA TRP A 164 -8.97 -0.65 14.99
C TRP A 164 -10.11 -0.91 15.98
N PHE A 165 -10.27 -0.08 17.01
CA PHE A 165 -11.28 -0.33 18.06
C PHE A 165 -12.53 0.50 17.81
N HIS A 166 -13.66 -0.15 17.52
CA HIS A 166 -14.91 0.52 17.07
C HIS A 166 -15.96 0.53 18.18
N GLY A 167 -15.59 0.14 19.40
CA GLY A 167 -16.49 0.21 20.57
C GLY A 167 -17.63 -0.78 20.46
N LYS A 168 -18.80 -0.44 21.02
CA LYS A 168 -20.00 -1.32 21.03
C LYS A 168 -20.78 -1.06 19.74
N ILE A 169 -20.56 -1.90 18.74
CA ILE A 169 -21.30 -1.93 17.44
C ILE A 169 -21.73 -3.39 17.23
N SER A 170 -22.82 -3.60 16.51
CA SER A 170 -23.39 -4.96 16.30
C SER A 170 -22.52 -5.73 15.32
N ARG A 171 -22.67 -7.05 15.32
CA ARG A 171 -22.13 -7.95 14.29
C ARG A 171 -22.45 -7.40 12.89
N GLU A 172 -23.68 -6.96 12.69
CA GLU A 172 -24.20 -6.51 11.37
C GLU A 172 -23.49 -5.20 10.99
N GLU A 173 -23.40 -4.23 11.91
CA GLU A 173 -22.70 -2.94 11.64
C GLU A 173 -21.24 -3.22 11.25
N SER A 174 -20.63 -4.23 11.88
CA SER A 174 -19.21 -4.56 11.69
C SER A 174 -19.00 -5.11 10.28
N GLU A 175 -19.85 -6.05 9.82
CA GLU A 175 -19.74 -6.61 8.45
C GLU A 175 -19.89 -5.48 7.43
N GLN A 176 -20.82 -4.59 7.68
CA GLN A 176 -21.15 -3.47 6.76
C GLN A 176 -19.94 -2.53 6.66
N ILE A 177 -19.33 -2.16 7.79
CA ILE A 177 -18.24 -1.15 7.81
C ILE A 177 -16.95 -1.77 7.27
N VAL A 178 -16.70 -3.07 7.51
CA VAL A 178 -15.49 -3.77 6.99
C VAL A 178 -15.56 -3.93 5.45
N LEU A 179 -16.76 -4.12 4.88
CA LEU A 179 -16.97 -4.40 3.43
C LEU A 179 -17.00 -3.10 2.61
N ILE A 180 -17.01 -1.93 3.24
CA ILE A 180 -16.93 -0.60 2.55
C ILE A 180 -15.49 -0.41 2.05
N GLY A 181 -15.33 -0.03 0.81
CA GLY A 181 -14.02 0.34 0.24
C GLY A 181 -13.22 -0.87 -0.18
N SER A 182 -11.92 -0.68 -0.33
CA SER A 182 -10.99 -1.70 -0.89
C SER A 182 -11.06 -2.95 -0.02
N LYS A 183 -11.34 -4.12 -0.60
CA LYS A 183 -11.45 -5.39 0.17
C LYS A 183 -10.05 -5.96 0.43
N THR A 184 -9.17 -5.16 1.00
CA THR A 184 -7.79 -5.53 1.41
C THR A 184 -7.85 -6.72 2.36
N ASN A 185 -7.20 -7.82 2.01
CA ASN A 185 -7.13 -9.01 2.91
C ASN A 185 -6.46 -8.60 4.23
N GLY A 186 -7.03 -9.07 5.35
CA GLY A 186 -6.52 -8.78 6.69
C GLY A 186 -7.08 -7.50 7.27
N LYS A 187 -7.91 -6.78 6.53
CA LYS A 187 -8.59 -5.60 7.11
C LYS A 187 -9.41 -6.07 8.31
N PHE A 188 -9.34 -5.37 9.42
CA PHE A 188 -9.87 -5.88 10.70
C PHE A 188 -10.33 -4.73 11.59
N LEU A 189 -11.24 -5.05 12.52
CA LEU A 189 -11.58 -4.19 13.67
C LEU A 189 -11.85 -5.09 14.88
N ILE A 190 -11.84 -4.48 16.06
CA ILE A 190 -12.35 -5.14 17.28
C ILE A 190 -13.54 -4.33 17.80
N ARG A 191 -14.60 -5.04 18.16
CA ARG A 191 -15.81 -4.46 18.79
C ARG A 191 -16.03 -5.09 20.17
N ALA A 192 -16.66 -4.34 21.08
CA ALA A 192 -17.21 -4.84 22.37
C ALA A 192 -18.52 -5.57 22.10
N ARG A 193 -18.81 -6.62 22.87
CA ARG A 193 -20.11 -7.36 22.87
C ARG A 193 -20.95 -6.99 24.11
N ASP A 194 -20.32 -6.90 25.28
CA ASP A 194 -20.91 -6.42 26.55
C ASP A 194 -19.93 -5.43 27.17
N ASN A 195 -20.17 -5.02 28.42
CA ASN A 195 -19.30 -4.11 29.23
C ASN A 195 -18.34 -4.95 30.08
N ASN A 196 -18.40 -6.29 29.98
CA ASN A 196 -17.67 -7.25 30.86
C ASN A 196 -16.51 -7.87 30.10
N GLY A 197 -15.72 -7.05 29.40
CA GLY A 197 -14.51 -7.45 28.65
C GLY A 197 -14.73 -8.67 27.78
N SER A 198 -15.87 -8.80 27.11
CA SER A 198 -16.05 -9.73 25.97
C SER A 198 -16.02 -8.90 24.68
N TYR A 199 -15.27 -9.35 23.67
CA TYR A 199 -15.10 -8.62 22.39
C TYR A 199 -15.24 -9.59 21.21
N ALA A 200 -15.18 -9.05 20.00
CA ALA A 200 -14.99 -9.85 18.77
C ALA A 200 -13.95 -9.19 17.86
N LEU A 201 -13.15 -10.03 17.22
CA LEU A 201 -12.20 -9.66 16.14
C LEU A 201 -12.94 -9.93 14.83
N CYS A 202 -13.11 -8.90 14.00
CA CYS A 202 -13.73 -9.01 12.66
C CYS A 202 -12.63 -8.85 11.61
N LEU A 203 -12.49 -9.83 10.73
CA LEU A 203 -11.34 -9.98 9.82
C LEU A 203 -11.81 -10.25 8.40
N LEU A 204 -11.33 -9.48 7.42
CA LEU A 204 -11.69 -9.69 5.99
C LEU A 204 -10.77 -10.73 5.36
N HIS A 205 -11.34 -11.80 4.84
CA HIS A 205 -10.65 -12.96 4.21
C HIS A 205 -11.35 -13.30 2.89
N GLU A 206 -10.72 -13.00 1.76
CA GLU A 206 -11.22 -13.32 0.39
C GLU A 206 -12.64 -12.77 0.23
N GLY A 207 -12.85 -11.50 0.62
CA GLY A 207 -14.12 -10.78 0.44
C GLY A 207 -15.21 -11.17 1.44
N LYS A 208 -14.88 -12.02 2.43
CA LYS A 208 -15.83 -12.49 3.47
C LYS A 208 -15.36 -12.03 4.86
N VAL A 209 -16.30 -11.62 5.72
CA VAL A 209 -15.99 -11.14 7.09
C VAL A 209 -16.13 -12.30 8.07
N LEU A 210 -15.02 -12.68 8.71
CA LEU A 210 -14.93 -13.67 9.80
C LEU A 210 -15.04 -12.94 11.13
N HIS A 211 -15.66 -13.59 12.12
CA HIS A 211 -15.76 -13.11 13.52
C HIS A 211 -15.14 -14.15 14.45
N TYR A 212 -14.15 -13.74 15.24
CA TYR A 212 -13.54 -14.57 16.30
C TYR A 212 -13.96 -13.96 17.64
N ARG A 213 -14.32 -14.81 18.60
CA ARG A 213 -14.68 -14.42 19.99
C ARG A 213 -13.38 -14.02 20.72
N ILE A 214 -13.41 -12.93 21.50
CA ILE A 214 -12.32 -12.60 22.47
C ILE A 214 -12.96 -12.52 23.87
N ASP A 215 -12.46 -13.34 24.81
CA ASP A 215 -13.06 -13.49 26.17
C ASP A 215 -12.03 -13.16 27.24
N LYS A 216 -12.49 -12.52 28.32
CA LYS A 216 -11.72 -12.31 29.57
C LYS A 216 -11.93 -13.55 30.45
N ASP A 217 -10.90 -14.35 30.70
CA ASP A 217 -10.94 -15.50 31.64
C ASP A 217 -10.90 -14.94 33.08
N LYS A 218 -10.95 -15.82 34.08
CA LYS A 218 -11.13 -15.47 35.51
C LYS A 218 -9.87 -14.75 36.05
N THR A 219 -8.72 -14.90 35.39
CA THR A 219 -7.45 -14.20 35.72
C THR A 219 -7.47 -12.73 35.26
N GLY A 220 -8.28 -12.38 34.26
CA GLY A 220 -8.26 -11.06 33.61
C GLY A 220 -7.56 -11.07 32.25
N LYS A 221 -7.22 -12.26 31.75
CA LYS A 221 -6.48 -12.50 30.47
C LYS A 221 -7.49 -12.58 29.32
N LEU A 222 -7.24 -11.82 28.24
CA LEU A 222 -8.01 -11.87 26.97
C LEU A 222 -7.43 -12.94 26.06
N SER A 223 -8.29 -13.69 25.36
CA SER A 223 -7.86 -14.66 24.32
C SER A 223 -9.02 -15.04 23.41
N ILE A 224 -8.66 -15.41 22.19
CA ILE A 224 -9.49 -16.25 21.30
C ILE A 224 -9.38 -17.67 21.85
N PRO A 225 -10.51 -18.42 21.94
CA PRO A 225 -10.48 -19.79 22.46
C PRO A 225 -9.34 -20.63 21.88
N GLU A 226 -8.53 -21.21 22.76
CA GLU A 226 -7.35 -22.08 22.43
C GLU A 226 -6.15 -21.21 22.01
N GLY A 227 -6.24 -19.90 22.19
CA GLY A 227 -5.25 -18.96 21.67
C GLY A 227 -4.32 -18.45 22.75
N LYS A 228 -3.22 -17.82 22.36
CA LYS A 228 -2.33 -17.08 23.28
C LYS A 228 -3.18 -16.13 24.14
N LYS A 229 -2.80 -15.95 25.40
CA LYS A 229 -3.48 -15.10 26.39
C LYS A 229 -2.69 -13.81 26.56
N PHE A 230 -3.40 -12.69 26.72
CA PHE A 230 -2.84 -11.33 26.78
C PHE A 230 -3.45 -10.57 27.96
N ASP A 231 -2.76 -9.54 28.43
CA ASP A 231 -3.32 -8.61 29.45
C ASP A 231 -4.14 -7.52 28.77
N THR A 232 -3.84 -7.14 27.51
CA THR A 232 -4.52 -6.02 26.81
C THR A 232 -4.87 -6.41 25.37
N LEU A 233 -5.86 -5.74 24.79
CA LEU A 233 -6.26 -5.88 23.37
C LEU A 233 -5.14 -5.39 22.46
N TRP A 234 -4.41 -4.33 22.84
CA TRP A 234 -3.32 -3.81 21.97
C TRP A 234 -2.21 -4.86 21.86
N GLN A 235 -1.99 -5.65 22.91
CA GLN A 235 -1.03 -6.77 22.85
C GLN A 235 -1.55 -7.82 21.88
N LEU A 236 -2.85 -8.15 21.96
CA LEU A 236 -3.48 -9.18 21.11
C LEU A 236 -3.32 -8.77 19.65
N VAL A 237 -3.65 -7.50 19.36
CA VAL A 237 -3.59 -6.97 17.96
C VAL A 237 -2.14 -7.01 17.46
N GLU A 238 -1.16 -6.64 18.28
CA GLU A 238 0.26 -6.63 17.84
C GLU A 238 0.67 -8.06 17.46
N HIS A 239 0.22 -9.05 18.24
CA HIS A 239 0.58 -10.48 18.04
C HIS A 239 0.00 -10.98 16.72
N TYR A 240 -1.30 -10.79 16.51
CA TYR A 240 -2.00 -11.35 15.33
C TYR A 240 -1.72 -10.50 14.08
N SER A 241 -1.07 -9.33 14.23
CA SER A 241 -0.50 -8.53 13.11
C SER A 241 0.86 -9.08 12.66
N TYR A 242 1.53 -9.90 13.46
CA TYR A 242 2.83 -10.50 13.09
C TYR A 242 2.63 -11.85 12.39
N LYS A 243 1.67 -12.64 12.84
CA LYS A 243 1.46 -14.02 12.34
C LYS A 243 -0.01 -14.39 12.60
N ALA A 244 -0.55 -15.27 11.75
CA ALA A 244 -1.93 -15.73 11.82
C ALA A 244 -2.16 -16.50 13.15
N ASP A 245 -1.23 -17.38 13.49
CA ASP A 245 -1.24 -18.20 14.73
C ASP A 245 -2.64 -18.76 14.97
N GLY A 246 -3.28 -19.30 13.93
CA GLY A 246 -4.59 -19.98 14.05
C GLY A 246 -5.72 -19.25 13.33
N LEU A 247 -5.61 -17.92 13.16
CA LEU A 247 -6.51 -17.13 12.28
C LEU A 247 -6.33 -17.65 10.84
N LEU A 248 -7.30 -17.41 9.97
CA LEU A 248 -7.18 -17.77 8.54
C LEU A 248 -6.10 -16.91 7.89
N ARG A 249 -5.82 -15.72 8.41
CA ARG A 249 -4.69 -14.89 7.90
C ARG A 249 -4.30 -13.82 8.91
N VAL A 250 -3.13 -13.25 8.72
CA VAL A 250 -2.54 -12.17 9.56
C VAL A 250 -3.43 -10.92 9.46
N LEU A 251 -3.53 -10.14 10.53
CA LEU A 251 -4.21 -8.82 10.51
C LEU A 251 -3.31 -7.82 9.77
N THR A 252 -3.89 -6.97 8.92
CA THR A 252 -3.16 -5.94 8.12
C THR A 252 -3.70 -4.56 8.51
N VAL A 253 -4.56 -3.99 7.69
CA VAL A 253 -4.96 -2.54 7.80
C VAL A 253 -6.12 -2.45 8.75
N PRO A 254 -6.05 -1.55 9.74
CA PRO A 254 -7.19 -1.34 10.64
C PRO A 254 -8.32 -0.67 9.86
N CYS A 255 -9.53 -1.20 10.01
CA CYS A 255 -10.74 -0.66 9.35
C CYS A 255 -10.97 0.74 9.94
N GLN A 256 -10.95 1.77 9.10
CA GLN A 256 -11.16 3.19 9.49
C GLN A 256 -12.57 3.38 10.06
N LYS A 257 -12.72 4.24 11.06
CA LYS A 257 -14.05 4.63 11.62
C LYS A 257 -14.69 5.73 10.75
N ILE A 258 -15.93 6.10 11.09
CA ILE A 258 -16.90 6.85 10.23
C ILE A 258 -17.70 7.85 11.07
N SER B 1 -39.94 -38.37 10.94
CA SER B 1 -39.59 -39.56 11.78
C SER B 1 -38.66 -39.20 12.94
N MET B 2 -37.82 -38.16 12.82
CA MET B 2 -37.11 -37.58 13.98
C MET B 2 -38.08 -36.68 14.74
N ALA B 3 -38.94 -35.92 14.06
CA ALA B 3 -40.04 -35.14 14.69
C ALA B 3 -40.93 -36.09 15.52
N ASP B 4 -41.22 -37.29 14.98
CA ASP B 4 -42.05 -38.35 15.64
C ASP B 4 -41.29 -38.93 16.84
N SER B 5 -40.01 -39.33 16.67
CA SER B 5 -39.17 -39.94 17.73
C SER B 5 -39.05 -38.95 18.90
N ALA B 6 -38.87 -37.66 18.60
CA ALA B 6 -38.78 -36.54 19.57
C ALA B 6 -40.11 -36.36 20.30
N ASN B 7 -41.27 -36.56 19.64
CA ASN B 7 -42.61 -36.41 20.29
C ASN B 7 -42.80 -37.43 21.42
N HIS B 8 -42.10 -38.56 21.37
CA HIS B 8 -42.17 -39.65 22.38
C HIS B 8 -41.18 -39.41 23.51
N LEU B 9 -40.27 -38.43 23.42
CA LEU B 9 -39.42 -38.04 24.58
C LEU B 9 -40.31 -37.31 25.58
N PRO B 10 -40.37 -37.76 26.86
CA PRO B 10 -41.22 -37.12 27.85
C PRO B 10 -40.76 -35.70 28.20
N PHE B 11 -39.53 -35.31 27.87
CA PHE B 11 -38.97 -33.96 28.20
C PHE B 11 -38.89 -33.07 26.96
N PHE B 12 -39.54 -33.47 25.85
CA PHE B 12 -39.65 -32.64 24.62
C PHE B 12 -40.99 -31.90 24.62
N PHE B 13 -40.96 -30.58 24.44
CA PHE B 13 -42.14 -29.68 24.58
C PHE B 13 -42.61 -29.19 23.21
N GLY B 14 -41.99 -29.68 22.14
CA GLY B 14 -42.24 -29.16 20.80
C GLY B 14 -41.99 -27.67 20.73
N ASN B 15 -42.91 -26.94 20.12
CA ASN B 15 -42.68 -25.56 19.65
C ASN B 15 -43.15 -24.57 20.71
N ILE B 16 -42.60 -24.65 21.91
CA ILE B 16 -42.76 -23.62 22.99
C ILE B 16 -41.67 -22.57 22.83
N THR B 17 -41.90 -21.36 23.31
CA THR B 17 -40.92 -20.25 23.24
C THR B 17 -39.88 -20.41 24.34
N ARG B 18 -38.78 -19.67 24.23
CA ARG B 18 -37.76 -19.58 25.30
C ARG B 18 -38.46 -19.27 26.62
N GLU B 19 -39.39 -18.31 26.58
CA GLU B 19 -40.08 -17.81 27.79
C GLU B 19 -40.91 -18.93 28.42
N GLU B 20 -41.63 -19.72 27.62
CA GLU B 20 -42.45 -20.85 28.13
C GLU B 20 -41.51 -21.90 28.74
N ALA B 21 -40.38 -22.17 28.09
CA ALA B 21 -39.37 -23.13 28.56
C ALA B 21 -38.84 -22.69 29.94
N GLU B 22 -38.53 -21.39 30.08
CA GLU B 22 -38.03 -20.82 31.35
C GLU B 22 -39.10 -20.97 32.45
N ASP B 23 -40.37 -20.64 32.14
CA ASP B 23 -41.52 -20.78 33.08
C ASP B 23 -41.62 -22.24 33.55
N TYR B 24 -41.41 -23.22 32.66
CA TYR B 24 -41.44 -24.66 33.03
C TYR B 24 -40.25 -25.01 33.94
N LEU B 25 -39.08 -24.47 33.65
CA LEU B 25 -37.88 -24.74 34.50
C LEU B 25 -38.10 -24.13 35.89
N VAL B 26 -38.73 -22.94 35.97
CA VAL B 26 -39.07 -22.29 37.27
C VAL B 26 -40.08 -23.21 37.99
N GLN B 27 -41.11 -23.67 37.30
CA GLN B 27 -42.16 -24.57 37.86
C GLN B 27 -41.48 -25.84 38.37
N GLY B 28 -40.41 -26.29 37.73
CA GLY B 28 -39.73 -27.56 38.09
C GLY B 28 -38.64 -27.37 39.13
N GLY B 29 -38.48 -26.15 39.67
CA GLY B 29 -37.58 -25.87 40.80
C GLY B 29 -36.30 -25.16 40.40
N MET B 30 -35.98 -25.04 39.10
CA MET B 30 -34.77 -24.32 38.64
C MET B 30 -33.53 -24.87 39.37
N SER B 31 -33.53 -26.16 39.69
CA SER B 31 -32.39 -26.90 40.27
C SER B 31 -31.27 -27.02 39.21
N ASP B 32 -30.01 -26.92 39.63
CA ASP B 32 -28.83 -27.03 38.74
C ASP B 32 -28.96 -28.31 37.92
N GLY B 33 -28.79 -28.21 36.60
CA GLY B 33 -28.81 -29.35 35.66
C GLY B 33 -30.24 -29.85 35.36
N LEU B 34 -31.26 -29.11 35.75
CA LEU B 34 -32.64 -29.35 35.29
C LEU B 34 -32.69 -28.84 33.84
N TYR B 35 -33.32 -29.61 32.95
CA TYR B 35 -33.27 -29.32 31.50
C TYR B 35 -34.55 -29.86 30.83
N LEU B 36 -34.87 -29.23 29.71
CA LEU B 36 -35.89 -29.75 28.76
C LEU B 36 -35.40 -29.50 27.34
N LEU B 37 -36.08 -30.15 26.40
CA LEU B 37 -35.85 -30.02 24.95
C LEU B 37 -37.06 -29.37 24.30
N ARG B 38 -36.81 -28.42 23.40
CA ARG B 38 -37.88 -27.78 22.59
C ARG B 38 -37.45 -27.80 21.13
N GLN B 39 -38.40 -27.64 20.21
CA GLN B 39 -38.08 -27.46 18.77
C GLN B 39 -37.49 -26.05 18.56
N SER B 40 -36.42 -25.94 17.80
CA SER B 40 -35.83 -24.63 17.43
C SER B 40 -36.88 -23.87 16.67
N ARG B 41 -36.99 -22.57 16.93
CA ARG B 41 -37.99 -21.73 16.26
C ARG B 41 -37.34 -20.96 15.12
N ASN B 42 -36.01 -21.06 14.93
CA ASN B 42 -35.33 -20.26 13.86
C ASN B 42 -34.31 -21.10 13.06
N TYR B 43 -34.09 -22.37 13.42
CA TYR B 43 -33.26 -23.34 12.67
C TYR B 43 -34.13 -24.49 12.22
N LEU B 44 -34.29 -24.63 10.91
CA LEU B 44 -35.14 -25.69 10.34
C LEU B 44 -34.54 -27.02 10.75
N GLY B 45 -35.36 -27.94 11.25
CA GLY B 45 -34.91 -29.29 11.69
C GLY B 45 -34.11 -29.22 12.98
N GLY B 46 -33.94 -28.02 13.56
CA GLY B 46 -33.13 -27.81 14.77
C GLY B 46 -33.93 -28.06 16.05
N PHE B 47 -33.23 -28.15 17.18
CA PHE B 47 -33.76 -28.24 18.56
C PHE B 47 -33.06 -27.19 19.41
N ALA B 48 -33.57 -26.97 20.63
CA ALA B 48 -32.93 -26.11 21.65
C ALA B 48 -32.94 -26.84 22.99
N LEU B 49 -31.78 -26.86 23.64
CA LEU B 49 -31.59 -27.41 25.01
C LEU B 49 -31.64 -26.23 25.96
N SER B 50 -32.64 -26.23 26.85
CA SER B 50 -32.87 -25.24 27.91
C SER B 50 -32.52 -25.90 29.25
N VAL B 51 -31.48 -25.41 29.93
CA VAL B 51 -30.97 -26.00 31.19
C VAL B 51 -30.81 -24.88 32.24
N ALA B 52 -31.16 -25.20 33.49
CA ALA B 52 -31.00 -24.33 34.67
C ALA B 52 -29.63 -24.55 35.30
N HIS B 53 -28.92 -23.46 35.60
CA HIS B 53 -27.69 -23.44 36.42
C HIS B 53 -27.49 -22.03 36.97
N GLY B 54 -27.22 -21.92 38.28
CA GLY B 54 -26.98 -20.63 38.96
C GLY B 54 -28.28 -19.86 39.09
N ARG B 55 -29.41 -20.57 39.14
CA ARG B 55 -30.80 -20.03 39.16
C ARG B 55 -31.06 -19.12 37.95
N LYS B 56 -30.30 -19.34 36.87
CA LYS B 56 -30.46 -18.71 35.52
C LYS B 56 -30.76 -19.81 34.50
N ALA B 57 -31.35 -19.45 33.36
CA ALA B 57 -31.61 -20.37 32.24
C ALA B 57 -30.53 -20.17 31.18
N HIS B 58 -30.05 -21.27 30.60
CA HIS B 58 -29.03 -21.32 29.53
C HIS B 58 -29.62 -22.08 28.34
N HIS B 59 -29.58 -21.50 27.14
CA HIS B 59 -30.27 -22.03 25.93
C HIS B 59 -29.24 -22.30 24.83
N TYR B 60 -29.17 -23.54 24.37
CA TYR B 60 -28.22 -24.00 23.34
C TYR B 60 -29.03 -24.46 22.12
N THR B 61 -28.70 -23.95 20.94
CA THR B 61 -29.30 -24.41 19.68
C THR B 61 -28.60 -25.69 19.27
N ILE B 62 -29.39 -26.74 19.02
CA ILE B 62 -28.91 -28.03 18.48
C ILE B 62 -29.29 -28.03 17.00
N GLU B 63 -28.32 -27.91 16.10
CA GLU B 63 -28.55 -27.88 14.64
C GLU B 63 -28.63 -29.31 14.12
N ARG B 64 -29.40 -29.49 13.04
CA ARG B 64 -29.30 -30.66 12.16
C ARG B 64 -28.17 -30.38 11.14
N GLU B 65 -27.07 -31.12 11.27
CA GLU B 65 -25.89 -31.09 10.35
C GLU B 65 -26.32 -31.69 9.00
N LEU B 66 -25.54 -31.44 7.95
CA LEU B 66 -25.86 -31.87 6.57
C LEU B 66 -26.06 -33.38 6.51
N ASN B 67 -25.31 -34.18 7.29
CA ASN B 67 -25.42 -35.67 7.25
C ASN B 67 -26.59 -36.23 8.07
N GLY B 68 -27.45 -35.39 8.67
CA GLY B 68 -28.64 -35.82 9.44
C GLY B 68 -28.34 -36.12 10.91
N THR B 69 -27.14 -35.77 11.39
CA THR B 69 -26.71 -35.83 12.82
C THR B 69 -27.01 -34.47 13.48
N TYR B 70 -26.82 -34.36 14.81
CA TYR B 70 -27.17 -33.16 15.60
C TYR B 70 -25.94 -32.71 16.42
N ALA B 71 -25.78 -31.39 16.63
CA ALA B 71 -24.63 -30.82 17.39
C ALA B 71 -24.96 -29.39 17.81
N ILE B 72 -24.60 -29.02 19.03
CA ILE B 72 -24.39 -27.59 19.38
C ILE B 72 -23.14 -27.11 18.62
N ALA B 73 -23.14 -25.85 18.14
CA ALA B 73 -22.09 -25.31 17.26
C ALA B 73 -20.69 -25.66 17.81
N GLY B 74 -19.90 -26.40 17.02
CA GLY B 74 -18.50 -26.77 17.28
C GLY B 74 -18.36 -27.95 18.24
N GLY B 75 -19.46 -28.62 18.60
CA GLY B 75 -19.44 -29.78 19.50
C GLY B 75 -19.36 -31.08 18.71
N ARG B 76 -19.18 -32.19 19.39
CA ARG B 76 -19.31 -33.54 18.81
C ARG B 76 -20.72 -33.66 18.21
N THR B 77 -20.85 -34.42 17.13
CA THR B 77 -22.16 -34.78 16.52
C THR B 77 -22.76 -35.97 17.28
N HIS B 78 -24.08 -36.11 17.27
CA HIS B 78 -24.86 -37.18 17.96
C HIS B 78 -25.97 -37.65 17.01
N ALA B 79 -26.42 -38.89 17.16
CA ALA B 79 -27.46 -39.53 16.31
C ALA B 79 -28.77 -38.78 16.44
N SER B 80 -29.07 -38.23 17.62
CA SER B 80 -30.37 -37.59 17.95
C SER B 80 -30.17 -36.55 19.05
N PRO B 81 -31.10 -35.60 19.25
CA PRO B 81 -31.02 -34.68 20.37
C PRO B 81 -31.16 -35.40 21.73
N ALA B 82 -31.91 -36.52 21.76
CA ALA B 82 -32.02 -37.39 22.96
C ALA B 82 -30.61 -37.85 23.35
N ASP B 83 -29.83 -38.37 22.40
CA ASP B 83 -28.44 -38.84 22.65
C ASP B 83 -27.59 -37.64 23.10
N LEU B 84 -27.77 -36.45 22.52
CA LEU B 84 -26.96 -35.28 22.90
C LEU B 84 -27.21 -34.99 24.38
N CYS B 85 -28.46 -35.02 24.81
CA CYS B 85 -28.86 -34.69 26.21
C CYS B 85 -28.24 -35.75 27.17
N HIS B 86 -28.35 -37.03 26.84
CA HIS B 86 -27.87 -38.15 27.69
C HIS B 86 -26.35 -38.09 27.82
N TYR B 87 -25.65 -37.82 26.72
CA TYR B 87 -24.19 -37.61 26.71
C TYR B 87 -23.83 -36.47 27.68
N HIS B 88 -24.49 -35.32 27.58
CA HIS B 88 -24.17 -34.18 28.46
C HIS B 88 -24.59 -34.46 29.91
N SER B 89 -25.23 -35.58 30.19
CA SER B 89 -25.56 -36.06 31.56
C SER B 89 -24.38 -36.82 32.15
N GLN B 90 -23.41 -37.17 31.31
CA GLN B 90 -22.21 -37.99 31.66
C GLN B 90 -20.93 -37.15 31.61
N GLU B 91 -20.79 -36.27 30.60
CA GLU B 91 -19.67 -35.29 30.50
C GLU B 91 -20.23 -33.90 30.22
N SER B 92 -19.75 -32.87 30.92
CA SER B 92 -20.11 -31.46 30.67
C SER B 92 -19.63 -31.08 29.26
N ASP B 93 -18.41 -31.42 28.91
CA ASP B 93 -17.80 -31.27 27.55
C ASP B 93 -18.20 -29.92 26.93
N GLY B 94 -18.10 -28.81 27.67
CA GLY B 94 -18.31 -27.45 27.14
C GLY B 94 -19.62 -26.83 27.60
N LEU B 95 -20.58 -27.62 28.08
CA LEU B 95 -21.87 -27.07 28.60
C LEU B 95 -21.59 -26.40 29.94
N VAL B 96 -22.46 -25.47 30.34
CA VAL B 96 -22.34 -24.70 31.61
C VAL B 96 -22.31 -25.65 32.81
N CYS B 97 -22.92 -26.83 32.73
CA CYS B 97 -22.92 -27.85 33.80
C CYS B 97 -23.35 -29.20 33.24
N LEU B 98 -23.18 -30.24 34.06
CA LEU B 98 -23.70 -31.59 33.78
C LEU B 98 -25.23 -31.51 33.84
N LEU B 99 -25.90 -32.19 32.91
CA LEU B 99 -27.37 -32.35 32.98
C LEU B 99 -27.64 -33.41 34.03
N LYS B 100 -28.46 -33.09 35.03
CA LYS B 100 -28.86 -34.00 36.12
C LYS B 100 -30.27 -34.56 35.87
N LYS B 101 -31.24 -33.69 35.61
CA LYS B 101 -32.68 -34.05 35.75
C LYS B 101 -33.50 -33.50 34.60
N PRO B 102 -34.11 -34.36 33.75
CA PRO B 102 -35.08 -33.91 32.76
C PRO B 102 -36.30 -33.34 33.50
N PHE B 103 -36.81 -32.20 33.06
CA PHE B 103 -38.16 -31.73 33.42
C PHE B 103 -39.11 -32.25 32.35
N ASN B 104 -40.01 -33.14 32.74
CA ASN B 104 -40.96 -33.81 31.82
C ASN B 104 -42.23 -32.97 31.66
N ARG B 105 -42.89 -33.10 30.52
CA ARG B 105 -44.25 -32.55 30.27
C ARG B 105 -45.14 -32.97 31.44
N PRO B 106 -45.78 -32.00 32.14
CA PRO B 106 -46.86 -32.31 33.07
C PRO B 106 -47.92 -33.20 32.40
N GLN B 107 -48.67 -33.97 33.18
CA GLN B 107 -49.62 -34.97 32.64
C GLN B 107 -50.62 -34.28 31.71
N GLY B 108 -50.85 -34.86 30.54
CA GLY B 108 -51.83 -34.36 29.55
C GLY B 108 -51.37 -33.11 28.79
N VAL B 109 -50.19 -32.55 29.09
CA VAL B 109 -49.54 -31.51 28.23
C VAL B 109 -48.83 -32.22 27.07
N GLN B 110 -49.15 -31.86 25.83
CA GLN B 110 -48.57 -32.46 24.60
C GLN B 110 -47.50 -31.54 24.02
N PRO B 111 -46.59 -32.05 23.18
CA PRO B 111 -45.65 -31.18 22.46
C PRO B 111 -46.44 -30.20 21.60
N LYS B 112 -46.13 -28.91 21.71
CA LYS B 112 -46.81 -27.86 20.92
C LYS B 112 -46.38 -27.98 19.45
N THR B 113 -47.32 -27.67 18.55
CA THR B 113 -47.11 -27.55 17.09
C THR B 113 -47.54 -26.15 16.67
N GLY B 114 -47.02 -25.60 15.59
CA GLY B 114 -47.47 -24.29 15.09
C GLY B 114 -48.31 -24.40 13.83
N PRO B 115 -48.74 -23.27 13.25
CA PRO B 115 -49.39 -23.23 11.95
C PRO B 115 -48.75 -24.09 10.86
N PHE B 116 -47.44 -23.93 10.63
CA PHE B 116 -46.70 -24.67 9.58
C PHE B 116 -46.80 -26.18 9.84
N GLU B 117 -46.49 -26.62 11.07
CA GLU B 117 -46.51 -28.07 11.42
C GLU B 117 -47.91 -28.64 11.18
N ASP B 118 -48.97 -27.84 11.36
CA ASP B 118 -50.37 -28.32 11.24
C ASP B 118 -50.75 -28.49 9.77
N LEU B 119 -50.08 -27.79 8.84
CA LEU B 119 -50.35 -27.87 7.37
C LEU B 119 -49.39 -28.85 6.68
N LYS B 120 -48.27 -29.17 7.31
CA LYS B 120 -47.08 -29.82 6.70
C LYS B 120 -47.43 -31.18 6.09
N GLU B 121 -48.14 -32.06 6.79
CA GLU B 121 -48.38 -33.46 6.30
C GLU B 121 -49.21 -33.42 5.00
N ASN B 122 -50.21 -32.56 4.95
CA ASN B 122 -51.11 -32.43 3.78
C ASN B 122 -50.35 -31.76 2.62
N LEU B 123 -49.54 -30.71 2.88
CA LEU B 123 -48.66 -30.09 1.85
C LEU B 123 -47.76 -31.15 1.20
N ILE B 124 -47.17 -32.05 1.98
CA ILE B 124 -46.28 -33.15 1.48
C ILE B 124 -47.11 -34.11 0.63
N ARG B 125 -48.32 -34.43 1.05
CA ARG B 125 -49.17 -35.41 0.33
C ARG B 125 -49.50 -34.80 -1.04
N GLU B 126 -49.88 -33.51 -1.07
CA GLU B 126 -50.26 -32.79 -2.30
C GLU B 126 -49.04 -32.76 -3.24
N TYR B 127 -47.84 -32.50 -2.71
CA TYR B 127 -46.59 -32.41 -3.50
C TYR B 127 -46.27 -33.74 -4.17
N VAL B 128 -46.36 -34.87 -3.46
CA VAL B 128 -46.00 -36.20 -4.02
C VAL B 128 -47.02 -36.53 -5.12
N LYS B 129 -48.31 -36.24 -4.93
CA LYS B 129 -49.34 -36.49 -5.98
C LYS B 129 -48.97 -35.69 -7.24
N GLN B 130 -48.73 -34.40 -7.07
CA GLN B 130 -48.76 -33.42 -8.19
C GLN B 130 -47.40 -33.44 -8.92
N THR B 131 -46.28 -33.57 -8.20
CA THR B 131 -44.91 -33.27 -8.72
C THR B 131 -44.15 -34.56 -9.01
N TRP B 132 -44.35 -35.62 -8.22
CA TRP B 132 -43.72 -36.93 -8.40
C TRP B 132 -44.71 -37.91 -9.02
N ASN B 133 -45.96 -37.48 -9.20
CA ASN B 133 -47.00 -38.22 -9.97
C ASN B 133 -47.17 -39.64 -9.39
N LEU B 134 -47.36 -39.75 -8.07
CA LEU B 134 -47.64 -41.05 -7.38
C LEU B 134 -49.00 -40.93 -6.70
N GLN B 135 -49.72 -42.05 -6.65
CA GLN B 135 -51.05 -42.23 -6.05
C GLN B 135 -51.06 -43.53 -5.23
N GLY B 136 -52.12 -43.73 -4.45
CA GLY B 136 -52.39 -44.99 -3.72
C GLY B 136 -51.19 -45.47 -2.94
N GLN B 137 -50.87 -46.77 -3.04
CA GLN B 137 -49.77 -47.46 -2.33
C GLN B 137 -48.46 -46.69 -2.55
N ALA B 138 -48.15 -46.39 -3.80
CA ALA B 138 -46.87 -45.80 -4.24
C ALA B 138 -46.66 -44.49 -3.47
N LEU B 139 -47.70 -43.65 -3.42
CA LEU B 139 -47.69 -42.36 -2.68
C LEU B 139 -47.33 -42.63 -1.22
N GLU B 140 -48.04 -43.58 -0.58
CA GLU B 140 -47.91 -43.90 0.86
C GLU B 140 -46.47 -44.33 1.14
N GLN B 141 -45.92 -45.16 0.25
CA GLN B 141 -44.56 -45.73 0.42
C GLN B 141 -43.52 -44.62 0.27
N ALA B 142 -43.72 -43.74 -0.71
CA ALA B 142 -42.78 -42.66 -1.08
C ALA B 142 -42.70 -41.65 0.06
N ILE B 143 -43.86 -41.29 0.64
CA ILE B 143 -43.92 -40.33 1.78
C ILE B 143 -43.03 -40.91 2.88
N ILE B 144 -43.26 -42.18 3.24
CA ILE B 144 -42.54 -42.81 4.38
C ILE B 144 -41.05 -42.90 4.07
N SER B 145 -40.71 -43.42 2.89
CA SER B 145 -39.30 -43.73 2.55
C SER B 145 -38.53 -42.44 2.31
N GLN B 146 -39.19 -41.32 2.00
CA GLN B 146 -38.54 -40.05 1.60
C GLN B 146 -38.94 -38.92 2.59
N LYS B 147 -39.51 -39.27 3.76
CA LYS B 147 -40.06 -38.25 4.69
C LYS B 147 -39.07 -37.10 4.93
N PRO B 148 -37.79 -37.35 5.29
CA PRO B 148 -36.88 -36.25 5.64
C PRO B 148 -36.68 -35.22 4.52
N GLN B 149 -36.50 -35.68 3.27
CA GLN B 149 -36.26 -34.81 2.07
C GLN B 149 -37.54 -34.01 1.76
N LEU B 150 -38.69 -34.69 1.79
CA LEU B 150 -40.03 -34.06 1.61
C LEU B 150 -40.26 -32.96 2.66
N GLU B 151 -39.92 -33.22 3.91
CA GLU B 151 -40.06 -32.24 5.03
C GLU B 151 -39.20 -30.99 4.72
N LYS B 152 -37.97 -31.17 4.24
CA LYS B 152 -37.07 -30.04 3.96
C LYS B 152 -37.64 -29.21 2.80
N LEU B 153 -38.14 -29.88 1.77
CA LEU B 153 -38.62 -29.18 0.54
C LEU B 153 -39.87 -28.37 0.85
N ILE B 154 -40.87 -29.01 1.46
CA ILE B 154 -42.17 -28.36 1.80
C ILE B 154 -41.92 -27.18 2.74
N ALA B 155 -40.98 -27.31 3.69
CA ALA B 155 -40.57 -26.20 4.58
C ALA B 155 -40.12 -24.95 3.80
N THR B 156 -39.40 -25.09 2.68
CA THR B 156 -38.79 -23.97 1.90
C THR B 156 -39.86 -23.24 1.06
N THR B 157 -40.95 -23.93 0.73
CA THR B 157 -42.00 -23.46 -0.24
C THR B 157 -43.34 -23.18 0.44
N ALA B 158 -43.56 -23.65 1.68
CA ALA B 158 -44.90 -23.66 2.30
C ALA B 158 -45.44 -22.24 2.47
N HIS B 159 -44.57 -21.23 2.63
CA HIS B 159 -44.96 -19.82 2.80
C HIS B 159 -45.85 -19.37 1.64
N GLU B 160 -45.57 -19.82 0.42
CA GLU B 160 -46.29 -19.41 -0.83
C GLU B 160 -47.81 -19.62 -0.68
N LYS B 161 -48.21 -20.64 0.08
CA LYS B 161 -49.61 -21.13 0.19
C LYS B 161 -50.27 -20.51 1.43
N MET B 162 -49.53 -19.81 2.29
CA MET B 162 -50.06 -19.35 3.59
C MET B 162 -50.77 -18.00 3.46
N PRO B 163 -51.76 -17.72 4.31
CA PRO B 163 -52.69 -16.63 4.10
C PRO B 163 -52.05 -15.22 4.11
N TRP B 164 -50.92 -15.06 4.78
CA TRP B 164 -50.28 -13.73 4.97
C TRP B 164 -49.30 -13.44 3.81
N PHE B 165 -49.06 -14.41 2.92
CA PHE B 165 -48.08 -14.24 1.82
C PHE B 165 -48.78 -13.84 0.52
N HIS B 166 -48.53 -12.62 0.05
CA HIS B 166 -49.25 -12.00 -1.10
C HIS B 166 -48.36 -11.98 -2.35
N GLY B 167 -47.20 -12.66 -2.33
CA GLY B 167 -46.32 -12.78 -3.50
C GLY B 167 -45.77 -11.43 -3.96
N LYS B 168 -45.51 -11.26 -5.26
CA LYS B 168 -44.86 -10.03 -5.80
C LYS B 168 -45.96 -8.98 -6.09
N ILE B 169 -46.16 -8.06 -5.15
CA ILE B 169 -47.10 -6.91 -5.24
C ILE B 169 -46.29 -5.68 -4.81
N SER B 170 -46.64 -4.49 -5.28
CA SER B 170 -45.89 -3.24 -5.02
C SER B 170 -46.15 -2.81 -3.58
N ARG B 171 -45.29 -1.94 -3.07
CA ARG B 171 -45.50 -1.18 -1.81
C ARG B 171 -46.89 -0.55 -1.82
N GLU B 172 -47.29 0.06 -2.94
CA GLU B 172 -48.55 0.83 -3.07
C GLU B 172 -49.72 -0.16 -2.99
N GLU B 173 -49.68 -1.28 -3.73
CA GLU B 173 -50.76 -2.31 -3.68
C GLU B 173 -50.91 -2.81 -2.24
N SER B 174 -49.80 -2.94 -1.52
CA SER B 174 -49.79 -3.50 -0.15
C SER B 174 -50.49 -2.52 0.80
N GLU B 175 -50.18 -1.22 0.74
CA GLU B 175 -50.83 -0.19 1.59
C GLU B 175 -52.34 -0.21 1.31
N GLN B 176 -52.71 -0.30 0.05
CA GLN B 176 -54.12 -0.26 -0.40
C GLN B 176 -54.87 -1.49 0.16
N ILE B 177 -54.30 -2.69 0.05
CA ILE B 177 -55.00 -3.95 0.44
C ILE B 177 -55.04 -4.05 1.97
N VAL B 178 -54.03 -3.56 2.69
CA VAL B 178 -54.01 -3.58 4.17
C VAL B 178 -55.05 -2.60 4.74
N LEU B 179 -55.28 -1.46 4.08
CA LEU B 179 -56.17 -0.37 4.58
C LEU B 179 -57.65 -0.63 4.24
N ILE B 180 -57.96 -1.66 3.44
CA ILE B 180 -59.36 -2.10 3.19
C ILE B 180 -59.91 -2.76 4.45
N GLY B 181 -61.11 -2.40 4.87
CA GLY B 181 -61.84 -3.12 5.92
C GLY B 181 -61.43 -2.64 7.30
N SER B 182 -61.70 -3.45 8.30
CA SER B 182 -61.47 -3.14 9.73
C SER B 182 -59.99 -2.83 9.92
N LYS B 183 -59.64 -1.67 10.47
CA LYS B 183 -58.22 -1.29 10.70
C LYS B 183 -57.70 -1.97 11.98
N THR B 184 -57.84 -3.28 12.08
CA THR B 184 -57.32 -4.12 13.19
C THR B 184 -55.80 -3.90 13.35
N ASN B 185 -55.35 -3.46 14.53
CA ASN B 185 -53.90 -3.33 14.81
C ASN B 185 -53.22 -4.68 14.66
N GLY B 186 -52.05 -4.69 14.01
CA GLY B 186 -51.24 -5.90 13.81
C GLY B 186 -51.63 -6.63 12.54
N LYS B 187 -52.63 -6.13 11.80
CA LYS B 187 -52.97 -6.74 10.50
C LYS B 187 -51.74 -6.61 9.61
N PHE B 188 -51.38 -7.69 8.93
CA PHE B 188 -50.05 -7.77 8.27
C PHE B 188 -50.12 -8.66 7.04
N LEU B 189 -49.18 -8.45 6.12
CA LEU B 189 -48.85 -9.39 5.02
C LEU B 189 -47.34 -9.36 4.79
N ILE B 190 -46.85 -10.36 4.07
CA ILE B 190 -45.47 -10.34 3.52
C ILE B 190 -45.58 -10.37 2.00
N ARG B 191 -44.81 -9.53 1.33
CA ARG B 191 -44.68 -9.48 -0.15
C ARG B 191 -43.21 -9.72 -0.53
N ALA B 192 -43.00 -10.29 -1.72
CA ALA B 192 -41.68 -10.37 -2.41
C ALA B 192 -41.33 -9.01 -3.01
N ARG B 193 -40.04 -8.65 -3.00
CA ARG B 193 -39.44 -7.44 -3.64
C ARG B 193 -38.68 -7.82 -4.94
N ASP B 194 -37.96 -8.94 -4.93
CA ASP B 194 -37.35 -9.57 -6.14
C ASP B 194 -37.65 -11.09 -6.04
N ASN B 195 -37.02 -11.91 -6.90
CA ASN B 195 -37.13 -13.39 -6.87
C ASN B 195 -35.95 -13.99 -6.08
N ASN B 196 -35.09 -13.14 -5.50
CA ASN B 196 -33.82 -13.53 -4.82
C ASN B 196 -33.99 -13.39 -3.31
N GLY B 197 -35.09 -13.93 -2.76
CA GLY B 197 -35.37 -13.96 -1.32
C GLY B 197 -35.19 -12.61 -0.63
N SER B 198 -35.59 -11.50 -1.25
CA SER B 198 -35.85 -10.22 -0.55
C SER B 198 -37.36 -10.05 -0.39
N TYR B 199 -37.83 -9.62 0.77
CA TYR B 199 -39.28 -9.47 1.10
C TYR B 199 -39.50 -8.19 1.90
N ALA B 200 -40.78 -7.85 2.11
CA ALA B 200 -41.18 -6.80 3.07
C ALA B 200 -42.35 -7.29 3.91
N LEU B 201 -42.29 -6.97 5.21
CA LEU B 201 -43.38 -7.15 6.19
C LEU B 201 -44.16 -5.84 6.23
N CYS B 202 -45.46 -5.89 5.90
CA CYS B 202 -46.36 -4.72 5.93
C CYS B 202 -47.32 -4.88 7.09
N LEU B 203 -47.36 -3.90 7.99
CA LEU B 203 -47.95 -4.01 9.34
C LEU B 203 -48.81 -2.78 9.62
N LEU B 204 -50.06 -2.98 10.02
CA LEU B 204 -50.98 -1.86 10.35
C LEU B 204 -50.79 -1.48 11.83
N HIS B 205 -50.46 -0.21 12.06
CA HIS B 205 -50.21 0.39 13.40
C HIS B 205 -50.95 1.72 13.48
N GLU B 206 -52.03 1.79 14.27
CA GLU B 206 -52.83 3.03 14.54
C GLU B 206 -53.22 3.67 13.21
N GLY B 207 -53.79 2.87 12.30
CA GLY B 207 -54.34 3.34 11.02
C GLY B 207 -53.28 3.62 9.97
N LYS B 208 -52.01 3.35 10.24
CA LYS B 208 -50.87 3.63 9.31
C LYS B 208 -50.16 2.31 8.95
N VAL B 209 -49.73 2.16 7.69
CA VAL B 209 -49.04 0.94 7.22
C VAL B 209 -47.52 1.16 7.28
N LEU B 210 -46.84 0.37 8.10
CA LEU B 210 -45.37 0.30 8.23
C LEU B 210 -44.84 -0.81 7.33
N HIS B 211 -43.64 -0.61 6.77
CA HIS B 211 -42.92 -1.60 5.94
C HIS B 211 -41.56 -1.86 6.59
N TYR B 212 -41.28 -3.12 6.91
CA TYR B 212 -39.96 -3.59 7.37
C TYR B 212 -39.34 -4.41 6.24
N ARG B 213 -38.05 -4.19 5.96
CA ARG B 213 -37.34 -4.96 4.90
C ARG B 213 -36.96 -6.33 5.51
N ILE B 214 -37.10 -7.41 4.73
CA ILE B 214 -36.61 -8.77 5.11
C ILE B 214 -35.62 -9.21 4.03
N ASP B 215 -34.38 -9.51 4.43
CA ASP B 215 -33.24 -9.80 3.51
C ASP B 215 -32.69 -11.19 3.77
N LYS B 216 -32.24 -11.85 2.69
CA LYS B 216 -31.48 -13.12 2.75
C LYS B 216 -30.01 -12.75 2.88
N ASP B 217 -29.36 -13.07 4.00
CA ASP B 217 -27.89 -12.88 4.18
C ASP B 217 -27.17 -14.00 3.43
N LYS B 218 -25.83 -13.99 3.44
CA LYS B 218 -24.98 -14.89 2.61
C LYS B 218 -25.10 -16.35 3.08
N THR B 219 -25.58 -16.61 4.30
CA THR B 219 -25.86 -17.98 4.85
C THR B 219 -27.16 -18.57 4.26
N GLY B 220 -28.09 -17.73 3.80
CA GLY B 220 -29.47 -18.15 3.46
C GLY B 220 -30.51 -17.84 4.54
N LYS B 221 -30.11 -17.09 5.57
CA LYS B 221 -30.97 -16.69 6.72
C LYS B 221 -31.73 -15.40 6.38
N LEU B 222 -33.04 -15.41 6.63
CA LEU B 222 -33.95 -14.25 6.49
C LEU B 222 -33.94 -13.46 7.80
N SER B 223 -33.95 -12.12 7.72
CA SER B 223 -34.12 -11.25 8.90
C SER B 223 -34.47 -9.83 8.50
N ILE B 224 -35.16 -9.14 9.40
CA ILE B 224 -35.19 -7.67 9.46
C ILE B 224 -33.84 -7.22 10.01
N PRO B 225 -33.22 -6.18 9.44
CA PRO B 225 -31.92 -5.68 9.92
C PRO B 225 -31.87 -5.55 11.45
N GLU B 226 -30.86 -6.16 12.06
CA GLU B 226 -30.60 -6.18 13.53
C GLU B 226 -31.53 -7.18 14.23
N GLY B 227 -32.27 -7.98 13.47
CA GLY B 227 -33.34 -8.83 14.03
C GLY B 227 -32.93 -10.27 14.14
N LYS B 228 -33.69 -11.07 14.85
CA LYS B 228 -33.52 -12.55 14.90
C LYS B 228 -33.45 -13.09 13.46
N LYS B 229 -32.62 -14.11 13.24
CA LYS B 229 -32.40 -14.74 11.92
C LYS B 229 -33.15 -16.07 11.84
N PHE B 230 -33.75 -16.37 10.70
CA PHE B 230 -34.63 -17.55 10.48
C PHE B 230 -34.24 -18.25 9.18
N ASP B 231 -34.57 -19.53 9.07
CA ASP B 231 -34.45 -20.31 7.81
C ASP B 231 -35.66 -20.07 6.92
N THR B 232 -36.85 -19.79 7.46
CA THR B 232 -38.11 -19.70 6.67
C THR B 232 -38.92 -18.47 7.13
N LEU B 233 -39.75 -17.95 6.23
CA LEU B 233 -40.69 -16.84 6.53
C LEU B 233 -41.74 -17.31 7.56
N TRP B 234 -42.18 -18.57 7.53
CA TRP B 234 -43.22 -19.04 8.49
C TRP B 234 -42.62 -19.03 9.89
N GLN B 235 -41.31 -19.28 10.04
CA GLN B 235 -40.63 -19.16 11.36
C GLN B 235 -40.68 -17.70 11.78
N LEU B 236 -40.34 -16.79 10.86
CA LEU B 236 -40.29 -15.33 11.13
C LEU B 236 -41.66 -14.88 11.61
N VAL B 237 -42.70 -15.27 10.88
CA VAL B 237 -44.11 -14.84 11.19
C VAL B 237 -44.51 -15.41 12.55
N GLU B 238 -44.19 -16.65 12.86
CA GLU B 238 -44.60 -17.28 14.14
C GLU B 238 -43.92 -16.49 15.26
N HIS B 239 -42.66 -16.09 15.09
CA HIS B 239 -41.89 -15.37 16.13
C HIS B 239 -42.51 -13.99 16.38
N TYR B 240 -42.75 -13.20 15.34
CA TYR B 240 -43.25 -11.82 15.47
C TYR B 240 -44.76 -11.80 15.77
N SER B 241 -45.45 -12.97 15.72
CA SER B 241 -46.83 -13.15 16.21
C SER B 241 -46.85 -13.39 17.72
N TYR B 242 -45.74 -13.79 18.32
CA TYR B 242 -45.67 -14.10 19.78
C TYR B 242 -45.27 -12.82 20.54
N LYS B 243 -44.37 -12.01 19.98
CA LYS B 243 -43.84 -10.80 20.66
C LYS B 243 -43.37 -9.81 19.59
N ALA B 244 -43.39 -8.52 19.91
CA ALA B 244 -43.03 -7.45 18.96
C ALA B 244 -41.54 -7.54 18.64
N ASP B 245 -40.72 -7.77 19.67
CA ASP B 245 -39.25 -7.96 19.56
C ASP B 245 -38.66 -6.93 18.60
N GLY B 246 -39.07 -5.66 18.73
CA GLY B 246 -38.49 -4.53 17.98
C GLY B 246 -39.45 -3.91 16.99
N LEU B 247 -40.45 -4.65 16.53
CA LEU B 247 -41.59 -4.10 15.74
C LEU B 247 -42.34 -3.11 16.66
N LEU B 248 -43.11 -2.21 16.09
CA LEU B 248 -43.97 -1.28 16.88
C LEU B 248 -45.06 -2.07 17.59
N ARG B 249 -45.45 -3.23 17.07
CA ARG B 249 -46.42 -4.12 17.76
C ARG B 249 -46.37 -5.53 17.18
N VAL B 250 -46.93 -6.46 17.91
CA VAL B 250 -47.03 -7.90 17.57
C VAL B 250 -47.90 -8.06 16.32
N LEU B 251 -47.62 -9.04 15.47
CA LEU B 251 -48.47 -9.39 14.31
C LEU B 251 -49.74 -10.09 14.82
N THR B 252 -50.91 -9.75 14.24
CA THR B 252 -52.21 -10.36 14.63
C THR B 252 -52.81 -11.06 13.42
N VAL B 253 -53.80 -10.44 12.77
CA VAL B 253 -54.62 -11.13 11.73
C VAL B 253 -53.93 -10.97 10.38
N PRO B 254 -53.76 -12.08 9.63
CA PRO B 254 -53.19 -11.99 8.31
C PRO B 254 -54.17 -11.29 7.36
N CYS B 255 -53.70 -10.32 6.60
CA CYS B 255 -54.51 -9.52 5.65
C CYS B 255 -55.00 -10.50 4.57
N GLN B 256 -56.33 -10.59 4.44
CA GLN B 256 -57.05 -11.40 3.43
C GLN B 256 -56.65 -11.02 2.00
N LYS B 257 -56.50 -11.99 1.10
CA LYS B 257 -56.26 -11.75 -0.35
C LYS B 257 -57.61 -11.50 -1.06
N ILE B 258 -57.57 -11.19 -2.37
CA ILE B 258 -58.66 -10.56 -3.18
C ILE B 258 -58.57 -11.08 -4.62
N SER C 1 38.34 -20.01 -21.85
CA SER C 1 37.71 -21.37 -21.90
C SER C 1 36.51 -21.38 -22.86
N MET C 2 35.70 -22.44 -22.77
CA MET C 2 34.49 -22.59 -23.60
C MET C 2 33.36 -21.74 -23.00
N ALA C 3 33.25 -21.67 -21.68
CA ALA C 3 32.29 -20.76 -20.99
C ALA C 3 32.56 -19.31 -21.42
N ASP C 4 33.84 -18.92 -21.54
CA ASP C 4 34.29 -17.57 -21.96
C ASP C 4 33.99 -17.36 -23.46
N SER C 5 34.36 -18.32 -24.33
CA SER C 5 34.14 -18.22 -25.80
C SER C 5 32.63 -18.08 -26.09
N ALA C 6 31.80 -18.83 -25.34
CA ALA C 6 30.32 -18.80 -25.40
C ALA C 6 29.78 -17.45 -24.94
N ASN C 7 30.40 -16.80 -23.93
CA ASN C 7 29.95 -15.46 -23.42
C ASN C 7 30.03 -14.38 -24.50
N HIS C 8 30.92 -14.54 -25.49
CA HIS C 8 31.13 -13.59 -26.60
C HIS C 8 30.17 -13.90 -27.76
N LEU C 9 29.44 -15.01 -27.76
CA LEU C 9 28.39 -15.25 -28.79
C LEU C 9 27.23 -14.32 -28.49
N PRO C 10 26.78 -13.49 -29.46
CA PRO C 10 25.70 -12.54 -29.21
C PRO C 10 24.36 -13.23 -28.97
N PHE C 11 24.22 -14.52 -29.30
CA PHE C 11 22.94 -15.28 -29.15
C PHE C 11 23.03 -16.29 -27.99
N PHE C 12 24.05 -16.17 -27.14
CA PHE C 12 24.19 -16.99 -25.89
C PHE C 12 23.67 -16.19 -24.69
N PHE C 13 22.74 -16.77 -23.93
CA PHE C 13 22.00 -16.08 -22.84
C PHE C 13 22.49 -16.57 -21.48
N GLY C 14 23.51 -17.41 -21.45
CA GLY C 14 23.93 -18.06 -20.21
C GLY C 14 22.80 -18.83 -19.56
N ASN C 15 22.62 -18.65 -18.26
CA ASN C 15 21.83 -19.56 -17.42
C ASN C 15 20.41 -19.02 -17.28
N ILE C 16 19.71 -18.84 -18.40
CA ILE C 16 18.26 -18.49 -18.43
C ILE C 16 17.47 -19.81 -18.46
N THR C 17 16.24 -19.78 -18.00
CA THR C 17 15.35 -20.97 -17.95
C THR C 17 14.74 -21.21 -19.35
N ARG C 18 14.16 -22.39 -19.53
CA ARG C 18 13.38 -22.70 -20.75
C ARG C 18 12.36 -21.58 -20.96
N GLU C 19 11.69 -21.17 -19.88
CA GLU C 19 10.59 -20.19 -19.94
C GLU C 19 11.14 -18.83 -20.40
N GLU C 20 12.28 -18.39 -19.87
CA GLU C 20 12.90 -17.10 -20.26
C GLU C 20 13.30 -17.19 -21.75
N ALA C 21 13.84 -18.33 -22.18
CA ALA C 21 14.24 -18.55 -23.58
C ALA C 21 13.01 -18.42 -24.49
N GLU C 22 11.88 -19.03 -24.10
CA GLU C 22 10.61 -18.99 -24.86
C GLU C 22 10.11 -17.53 -24.93
N ASP C 23 10.13 -16.79 -23.81
CA ASP C 23 9.74 -15.35 -23.73
C ASP C 23 10.58 -14.54 -24.73
N TYR C 24 11.89 -14.82 -24.84
CA TYR C 24 12.78 -14.12 -25.80
C TYR C 24 12.42 -14.50 -27.24
N LEU C 25 12.10 -15.78 -27.50
CA LEU C 25 11.72 -16.21 -28.87
C LEU C 25 10.41 -15.53 -29.27
N VAL C 26 9.47 -15.39 -28.34
CA VAL C 26 8.17 -14.69 -28.60
C VAL C 26 8.50 -13.23 -28.88
N GLN C 27 9.34 -12.60 -28.05
CA GLN C 27 9.76 -11.19 -28.23
C GLN C 27 10.41 -11.01 -29.60
N GLY C 28 11.10 -12.03 -30.11
CA GLY C 28 11.82 -11.94 -31.39
C GLY C 28 10.96 -12.35 -32.58
N GLY C 29 9.68 -12.64 -32.37
CA GLY C 29 8.71 -12.88 -33.46
C GLY C 29 8.34 -14.35 -33.62
N MET C 30 9.02 -15.28 -32.96
CA MET C 30 8.69 -16.73 -33.05
C MET C 30 8.62 -17.15 -34.52
N SER C 31 9.47 -16.55 -35.37
CA SER C 31 9.65 -16.92 -36.80
C SER C 31 10.29 -18.32 -36.88
N ASP C 32 9.90 -19.13 -37.84
CA ASP C 32 10.48 -20.48 -38.07
C ASP C 32 11.99 -20.34 -38.17
N GLY C 33 12.74 -21.18 -37.43
CA GLY C 33 14.21 -21.21 -37.44
C GLY C 33 14.86 -20.04 -36.67
N LEU C 34 14.07 -19.28 -35.91
CA LEU C 34 14.62 -18.34 -34.89
C LEU C 34 15.12 -19.22 -33.73
N TYR C 35 16.29 -18.90 -33.20
CA TYR C 35 16.95 -19.75 -32.19
C TYR C 35 17.84 -18.91 -31.30
N LEU C 36 18.10 -19.44 -30.11
CA LEU C 36 19.16 -18.93 -29.20
C LEU C 36 19.82 -20.11 -28.51
N LEU C 37 20.95 -19.83 -27.87
CA LEU C 37 21.73 -20.80 -27.07
C LEU C 37 21.70 -20.37 -25.60
N ARG C 38 21.51 -21.32 -24.71
CA ARG C 38 21.55 -21.10 -23.24
C ARG C 38 22.45 -22.19 -22.64
N GLN C 39 22.93 -21.95 -21.42
CA GLN C 39 23.66 -22.99 -20.65
C GLN C 39 22.65 -24.03 -20.15
N SER C 40 22.99 -25.31 -20.27
CA SER C 40 22.15 -26.41 -19.72
C SER C 40 22.05 -26.19 -18.22
N ARG C 41 20.88 -26.41 -17.65
CA ARG C 41 20.66 -26.24 -16.20
C ARG C 41 20.74 -27.60 -15.51
N ASN C 42 20.85 -28.72 -16.25
CA ASN C 42 20.87 -30.06 -15.60
C ASN C 42 21.98 -30.97 -16.16
N TYR C 43 22.75 -30.54 -17.17
CA TYR C 43 23.94 -31.27 -17.68
C TYR C 43 25.17 -30.39 -17.50
N LEU C 44 26.07 -30.86 -16.65
CA LEU C 44 27.31 -30.12 -16.36
C LEU C 44 28.09 -29.95 -17.67
N GLY C 45 28.55 -28.72 -17.94
CA GLY C 45 29.30 -28.37 -19.17
C GLY C 45 28.41 -28.38 -20.40
N GLY C 46 27.11 -28.66 -20.25
CA GLY C 46 26.16 -28.76 -21.37
C GLY C 46 25.61 -27.40 -21.81
N PHE C 47 24.94 -27.39 -22.96
CA PHE C 47 24.17 -26.25 -23.52
C PHE C 47 22.78 -26.75 -23.91
N ALA C 48 21.88 -25.81 -24.24
CA ALA C 48 20.55 -26.11 -24.81
C ALA C 48 20.32 -25.17 -25.98
N LEU C 49 19.85 -25.74 -27.09
CA LEU C 49 19.41 -25.03 -28.31
C LEU C 49 17.89 -24.90 -28.20
N SER C 50 17.41 -23.66 -28.15
CA SER C 50 15.97 -23.30 -28.17
C SER C 50 15.65 -22.67 -29.52
N VAL C 51 14.80 -23.33 -30.30
CA VAL C 51 14.45 -22.89 -31.68
C VAL C 51 12.93 -22.88 -31.84
N ALA C 52 12.42 -21.86 -32.54
CA ALA C 52 11.00 -21.70 -32.91
C ALA C 52 10.72 -22.38 -34.25
N HIS C 53 9.66 -23.16 -34.30
CA HIS C 53 9.07 -23.72 -35.54
C HIS C 53 7.59 -24.09 -35.27
N GLY C 54 6.69 -23.69 -36.15
CA GLY C 54 5.25 -24.02 -36.04
C GLY C 54 4.59 -23.23 -34.94
N ARG C 55 5.11 -22.02 -34.67
CA ARG C 55 4.72 -21.11 -33.55
C ARG C 55 4.87 -21.82 -32.19
N LYS C 56 5.69 -22.87 -32.11
CA LYS C 56 6.04 -23.65 -30.89
C LYS C 56 7.56 -23.53 -30.64
N ALA C 57 8.00 -23.74 -29.40
CA ALA C 57 9.44 -23.79 -29.06
C ALA C 57 9.86 -25.25 -28.94
N HIS C 58 11.07 -25.57 -29.45
CA HIS C 58 11.69 -26.91 -29.44
C HIS C 58 13.06 -26.77 -28.77
N HIS C 59 13.35 -27.61 -27.77
CA HIS C 59 14.54 -27.50 -26.89
C HIS C 59 15.39 -28.75 -26.99
N TYR C 60 16.65 -28.60 -27.39
CA TYR C 60 17.61 -29.71 -27.57
C TYR C 60 18.76 -29.51 -26.59
N THR C 61 19.06 -30.54 -25.80
CA THR C 61 20.26 -30.55 -24.93
C THR C 61 21.49 -30.86 -25.80
N ILE C 62 22.49 -30.01 -25.72
CA ILE C 62 23.83 -30.21 -26.31
C ILE C 62 24.77 -30.64 -25.18
N GLU C 63 25.18 -31.91 -25.15
CA GLU C 63 26.09 -32.43 -24.09
C GLU C 63 27.54 -32.13 -24.46
N ARG C 64 28.39 -31.97 -23.42
CA ARG C 64 29.85 -32.07 -23.55
C ARG C 64 30.21 -33.56 -23.47
N GLU C 65 30.69 -34.11 -24.58
CA GLU C 65 31.20 -35.51 -24.71
C GLU C 65 32.50 -35.63 -23.95
N LEU C 66 32.90 -36.87 -23.67
CA LEU C 66 34.11 -37.22 -22.89
C LEU C 66 35.34 -36.52 -23.49
N ASN C 67 35.46 -36.43 -24.80
CA ASN C 67 36.66 -35.87 -25.50
C ASN C 67 36.63 -34.32 -25.59
N GLY C 68 35.65 -33.64 -25.00
CA GLY C 68 35.57 -32.16 -24.98
C GLY C 68 34.84 -31.57 -26.20
N THR C 69 34.23 -32.42 -27.03
CA THR C 69 33.37 -32.03 -28.18
C THR C 69 31.91 -31.92 -27.71
N TYR C 70 31.00 -31.45 -28.57
CA TYR C 70 29.58 -31.19 -28.24
C TYR C 70 28.69 -31.91 -29.24
N ALA C 71 27.56 -32.45 -28.78
CA ALA C 71 26.59 -33.16 -29.64
C ALA C 71 25.22 -33.20 -28.96
N ILE C 72 24.16 -33.00 -29.73
CA ILE C 72 22.81 -33.49 -29.38
C ILE C 72 22.85 -35.02 -29.43
N ALA C 73 22.15 -35.71 -28.52
CA ALA C 73 22.15 -37.18 -28.36
C ALA C 73 22.08 -37.88 -29.73
N GLY C 74 23.15 -38.62 -30.08
CA GLY C 74 23.27 -39.47 -31.28
C GLY C 74 23.59 -38.67 -32.56
N GLY C 75 23.92 -37.38 -32.44
CA GLY C 75 24.24 -36.52 -33.60
C GLY C 75 25.73 -36.52 -33.88
N ARG C 76 26.14 -35.86 -34.95
CA ARG C 76 27.58 -35.59 -35.21
C ARG C 76 28.12 -34.78 -34.03
N THR C 77 29.40 -34.96 -33.68
CA THR C 77 30.09 -34.11 -32.67
C THR C 77 30.58 -32.84 -33.37
N HIS C 78 30.74 -31.74 -32.63
CA HIS C 78 31.22 -30.43 -33.13
C HIS C 78 32.22 -29.87 -32.12
N ALA C 79 33.10 -29.00 -32.57
CA ALA C 79 34.14 -28.36 -31.74
C ALA C 79 33.49 -27.50 -30.65
N SER C 80 32.33 -26.91 -30.92
CA SER C 80 31.67 -25.94 -30.00
C SER C 80 30.18 -25.93 -30.28
N PRO C 81 29.34 -25.43 -29.35
CA PRO C 81 27.92 -25.24 -29.64
C PRO C 81 27.66 -24.21 -30.74
N ALA C 82 28.52 -23.19 -30.88
CA ALA C 82 28.45 -22.21 -31.99
C ALA C 82 28.52 -22.97 -33.32
N ASP C 83 29.48 -23.88 -33.47
CA ASP C 83 29.65 -24.70 -34.70
C ASP C 83 28.39 -25.55 -34.88
N LEU C 84 27.84 -26.13 -33.80
CA LEU C 84 26.66 -27.00 -33.92
C LEU C 84 25.51 -26.19 -34.52
N CYS C 85 25.32 -24.96 -34.04
CA CYS C 85 24.22 -24.07 -34.48
C CYS C 85 24.42 -23.70 -35.97
N HIS C 86 25.63 -23.33 -36.37
CA HIS C 86 25.96 -22.91 -37.76
C HIS C 86 25.76 -24.09 -38.72
N TYR C 87 26.18 -25.28 -38.33
CA TYR C 87 25.97 -26.52 -39.10
C TYR C 87 24.47 -26.73 -39.32
N HIS C 88 23.66 -26.65 -38.27
CA HIS C 88 22.19 -26.86 -38.40
C HIS C 88 21.52 -25.72 -39.17
N SER C 89 22.26 -24.68 -39.54
CA SER C 89 21.80 -23.57 -40.43
C SER C 89 21.99 -23.98 -41.89
N GLN C 90 22.72 -25.06 -42.15
CA GLN C 90 23.09 -25.56 -43.51
C GLN C 90 22.39 -26.90 -43.80
N GLU C 91 22.34 -27.82 -42.81
CA GLU C 91 21.60 -29.10 -42.90
C GLU C 91 20.70 -29.25 -41.67
N SER C 92 19.45 -29.66 -41.86
CA SER C 92 18.50 -30.07 -40.79
C SER C 92 19.12 -31.22 -39.99
N ASP C 93 19.59 -32.25 -40.70
CA ASP C 93 20.25 -33.46 -40.15
C ASP C 93 19.60 -33.90 -38.83
N GLY C 94 18.27 -33.99 -38.77
CA GLY C 94 17.55 -34.54 -37.59
C GLY C 94 16.80 -33.49 -36.79
N LEU C 95 17.17 -32.20 -36.92
CA LEU C 95 16.47 -31.11 -36.19
C LEU C 95 15.09 -30.89 -36.83
N VAL C 96 14.14 -30.34 -36.09
CA VAL C 96 12.76 -30.07 -36.58
C VAL C 96 12.81 -29.14 -37.80
N CYS C 97 13.82 -28.27 -37.92
CA CYS C 97 13.93 -27.36 -39.09
C CYS C 97 15.34 -26.82 -39.24
N LEU C 98 15.62 -26.15 -40.36
CA LEU C 98 16.87 -25.39 -40.56
C LEU C 98 16.85 -24.22 -39.59
N LEU C 99 17.97 -23.92 -38.96
CA LEU C 99 18.15 -22.67 -38.21
C LEU C 99 18.34 -21.56 -39.25
N LYS C 100 17.52 -20.53 -39.19
CA LYS C 100 17.60 -19.35 -40.09
C LYS C 100 18.26 -18.16 -39.37
N LYS C 101 17.75 -17.79 -38.20
CA LYS C 101 18.03 -16.45 -37.59
C LYS C 101 18.35 -16.58 -36.10
N PRO C 102 19.58 -16.25 -35.67
CA PRO C 102 19.88 -16.16 -34.24
C PRO C 102 19.06 -15.00 -33.65
N PHE C 103 18.45 -15.19 -32.50
CA PHE C 103 17.93 -14.10 -31.65
C PHE C 103 19.04 -13.70 -30.68
N ASN C 104 19.53 -12.49 -30.82
CA ASN C 104 20.66 -11.93 -30.04
C ASN C 104 20.16 -11.31 -28.73
N ARG C 105 21.02 -11.31 -27.72
CA ARG C 105 20.82 -10.55 -26.47
C ARG C 105 20.49 -9.11 -26.84
N PRO C 106 19.33 -8.57 -26.38
CA PRO C 106 19.06 -7.15 -26.50
C PRO C 106 20.22 -6.34 -25.89
N GLN C 107 20.35 -5.07 -26.28
CA GLN C 107 21.50 -4.21 -25.88
C GLN C 107 21.54 -4.15 -24.35
N GLY C 108 22.74 -4.31 -23.77
CA GLY C 108 22.98 -4.20 -22.32
C GLY C 108 22.55 -5.43 -21.54
N VAL C 109 21.86 -6.40 -22.15
CA VAL C 109 21.56 -7.72 -21.51
C VAL C 109 22.80 -8.61 -21.62
N GLN C 110 23.29 -9.11 -20.48
CA GLN C 110 24.49 -9.98 -20.39
C GLN C 110 24.04 -11.43 -20.21
N PRO C 111 24.90 -12.42 -20.50
CA PRO C 111 24.60 -13.81 -20.19
C PRO C 111 24.37 -13.96 -18.69
N LYS C 112 23.27 -14.59 -18.29
CA LYS C 112 22.96 -14.83 -16.85
C LYS C 112 23.95 -15.86 -16.27
N THR C 113 24.31 -15.67 -14.99
CA THR C 113 25.12 -16.61 -14.18
C THR C 113 24.32 -16.98 -12.93
N GLY C 114 24.57 -18.13 -12.33
CA GLY C 114 23.89 -18.49 -11.07
C GLY C 114 24.80 -18.37 -9.86
N PRO C 115 24.28 -18.68 -8.65
CA PRO C 115 25.09 -18.82 -7.45
C PRO C 115 26.41 -19.60 -7.62
N PHE C 116 26.35 -20.80 -8.22
CA PHE C 116 27.55 -21.66 -8.40
C PHE C 116 28.59 -20.94 -9.27
N GLU C 117 28.17 -20.42 -10.43
CA GLU C 117 29.07 -19.74 -11.38
C GLU C 117 29.74 -18.53 -10.69
N ASP C 118 29.06 -17.88 -9.75
CA ASP C 118 29.58 -16.67 -9.07
C ASP C 118 30.64 -17.06 -8.02
N LEU C 119 30.64 -18.29 -7.51
CA LEU C 119 31.65 -18.79 -6.53
C LEU C 119 32.78 -19.56 -7.22
N LYS C 120 32.57 -20.02 -8.46
CA LYS C 120 33.36 -21.07 -9.13
C LYS C 120 34.86 -20.69 -9.23
N GLU C 121 35.19 -19.48 -9.69
CA GLU C 121 36.60 -19.06 -9.93
C GLU C 121 37.41 -19.10 -8.61
N ASN C 122 36.82 -18.62 -7.53
CA ASN C 122 37.49 -18.56 -6.20
CA ASN C 122 37.52 -18.57 -6.22
C ASN C 122 37.61 -19.99 -5.63
N LEU C 123 36.56 -20.81 -5.76
CA LEU C 123 36.62 -22.26 -5.36
C LEU C 123 37.81 -22.96 -6.03
N ILE C 124 38.01 -22.73 -7.34
CA ILE C 124 39.11 -23.34 -8.14
C ILE C 124 40.45 -22.82 -7.61
N ARG C 125 40.53 -21.53 -7.30
CA ARG C 125 41.81 -20.93 -6.83
C ARG C 125 42.17 -21.57 -5.49
N GLU C 126 41.20 -21.69 -4.59
CA GLU C 126 41.41 -22.27 -3.23
C GLU C 126 41.83 -23.74 -3.38
N TYR C 127 41.22 -24.48 -4.29
CA TYR C 127 41.52 -25.92 -4.52
C TYR C 127 42.97 -26.10 -4.99
N VAL C 128 43.44 -25.30 -5.94
CA VAL C 128 44.80 -25.46 -6.51
C VAL C 128 45.82 -25.07 -5.42
N LYS C 129 45.55 -24.05 -4.61
CA LYS C 129 46.45 -23.65 -3.50
C LYS C 129 46.58 -24.84 -2.53
N GLN C 130 45.45 -25.38 -2.10
CA GLN C 130 45.38 -26.27 -0.91
C GLN C 130 45.75 -27.69 -1.32
N THR C 131 45.30 -28.16 -2.48
CA THR C 131 45.29 -29.62 -2.83
C THR C 131 46.43 -29.98 -3.79
N TRP C 132 46.78 -29.07 -4.70
CA TRP C 132 47.89 -29.26 -5.68
C TRP C 132 49.13 -28.48 -5.21
N ASN C 133 48.99 -27.72 -4.10
CA ASN C 133 50.13 -27.05 -3.41
C ASN C 133 50.90 -26.16 -4.41
N LEU C 134 50.19 -25.29 -5.14
CA LEU C 134 50.79 -24.27 -6.06
C LEU C 134 50.41 -22.88 -5.58
N GLN C 135 51.31 -21.92 -5.76
CA GLN C 135 51.16 -20.48 -5.38
C GLN C 135 51.61 -19.59 -6.53
N GLY C 136 51.34 -18.29 -6.44
CA GLY C 136 51.83 -17.25 -7.38
C GLY C 136 51.67 -17.65 -8.84
N GLN C 137 52.73 -17.50 -9.63
CA GLN C 137 52.75 -17.76 -11.10
C GLN C 137 52.27 -19.19 -11.37
N ALA C 138 52.82 -20.16 -10.64
CA ALA C 138 52.57 -21.60 -10.87
C ALA C 138 51.06 -21.86 -10.76
N LEU C 139 50.42 -21.30 -9.73
CA LEU C 139 48.95 -21.39 -9.52
C LEU C 139 48.25 -20.85 -10.76
N GLU C 140 48.63 -19.64 -11.22
CA GLU C 140 47.97 -18.93 -12.34
C GLU C 140 48.06 -19.80 -13.59
N GLN C 141 49.23 -20.38 -13.82
CA GLN C 141 49.51 -21.21 -15.02
C GLN C 141 48.67 -22.49 -14.98
N ALA C 142 48.58 -23.11 -13.80
CA ALA C 142 47.91 -24.41 -13.59
C ALA C 142 46.40 -24.24 -13.81
N ILE C 143 45.83 -23.13 -13.28
CA ILE C 143 44.38 -22.84 -13.46
C ILE C 143 44.11 -22.79 -14.96
N ILE C 144 44.91 -22.02 -15.70
CA ILE C 144 44.66 -21.79 -17.15
C ILE C 144 44.85 -23.11 -17.89
N SER C 145 45.95 -23.82 -17.65
CA SER C 145 46.33 -25.01 -18.45
C SER C 145 45.41 -26.18 -18.11
N GLN C 146 44.76 -26.17 -16.94
CA GLN C 146 43.91 -27.31 -16.48
C GLN C 146 42.46 -26.84 -16.24
N LYS C 147 42.07 -25.71 -16.79
CA LYS C 147 40.73 -25.11 -16.53
C LYS C 147 39.62 -26.14 -16.66
N PRO C 148 39.51 -26.92 -17.77
CA PRO C 148 38.38 -27.83 -17.96
C PRO C 148 38.22 -28.88 -16.84
N GLN C 149 39.34 -29.51 -16.43
CA GLN C 149 39.35 -30.59 -15.41
C GLN C 149 39.01 -29.99 -14.03
N LEU C 150 39.60 -28.84 -13.71
CA LEU C 150 39.33 -28.06 -12.47
C LEU C 150 37.84 -27.69 -12.39
N GLU C 151 37.24 -27.23 -13.48
CA GLU C 151 35.79 -26.86 -13.53
C GLU C 151 34.95 -28.12 -13.22
N LYS C 152 35.30 -29.27 -13.78
CA LYS C 152 34.51 -30.50 -13.54
C LYS C 152 34.62 -30.90 -12.05
N LEU C 153 35.82 -30.82 -11.49
CA LEU C 153 36.06 -31.27 -10.09
C LEU C 153 35.31 -30.36 -9.10
N ILE C 154 35.51 -29.04 -9.22
CA ILE C 154 34.90 -28.04 -8.31
C ILE C 154 33.38 -28.14 -8.40
N ALA C 155 32.83 -28.38 -9.59
CA ALA C 155 31.39 -28.60 -9.79
C ALA C 155 30.87 -29.77 -8.93
N THR C 156 31.61 -30.86 -8.76
CA THR C 156 31.15 -32.11 -8.07
C THR C 156 31.18 -31.92 -6.54
N THR C 157 31.99 -30.98 -6.03
CA THR C 157 32.27 -30.78 -4.59
C THR C 157 31.71 -29.45 -4.07
N ALA C 158 31.34 -28.49 -4.94
CA ALA C 158 31.05 -27.10 -4.54
C ALA C 158 29.86 -27.05 -3.57
N HIS C 159 28.92 -28.01 -3.64
CA HIS C 159 27.73 -28.07 -2.76
C HIS C 159 28.15 -28.08 -1.29
N GLU C 160 29.26 -28.75 -0.95
CA GLU C 160 29.74 -28.93 0.45
C GLU C 160 29.91 -27.57 1.15
N LYS C 161 30.24 -26.53 0.40
CA LYS C 161 30.63 -25.19 0.90
C LYS C 161 29.43 -24.25 0.85
N MET C 162 28.30 -24.66 0.28
CA MET C 162 27.15 -23.75 0.04
C MET C 162 26.25 -23.69 1.27
N PRO C 163 25.56 -22.55 1.47
CA PRO C 163 24.86 -22.28 2.73
C PRO C 163 23.72 -23.26 3.03
N TRP C 164 23.12 -23.90 2.02
CA TRP C 164 21.92 -24.75 2.20
C TRP C 164 22.33 -26.19 2.48
N PHE C 165 23.63 -26.52 2.39
CA PHE C 165 24.11 -27.91 2.57
C PHE C 165 24.61 -28.12 4.01
N HIS C 166 23.93 -28.96 4.77
CA HIS C 166 24.18 -29.15 6.23
C HIS C 166 24.89 -30.48 6.49
N GLY C 167 25.34 -31.18 5.45
CA GLY C 167 26.12 -32.43 5.59
C GLY C 167 25.28 -33.54 6.19
N LYS C 168 25.90 -34.46 6.93
CA LYS C 168 25.23 -35.64 7.54
C LYS C 168 24.64 -35.21 8.90
N ILE C 169 23.35 -34.88 8.91
CA ILE C 169 22.52 -34.58 10.11
C ILE C 169 21.25 -35.43 9.98
N SER C 170 20.63 -35.79 11.11
CA SER C 170 19.46 -36.69 11.13
C SER C 170 18.23 -35.93 10.63
N ARG C 171 17.20 -36.66 10.25
CA ARG C 171 15.84 -36.13 9.99
C ARG C 171 15.41 -35.21 11.14
N GLU C 172 15.64 -35.65 12.38
CA GLU C 172 15.17 -34.94 13.61
C GLU C 172 15.96 -33.64 13.74
N GLU C 173 17.29 -33.66 13.59
CA GLU C 173 18.13 -32.44 13.68
C GLU C 173 17.67 -31.43 12.62
N SER C 174 17.27 -31.93 11.44
CA SER C 174 16.87 -31.07 10.31
C SER C 174 15.55 -30.36 10.65
N GLU C 175 14.55 -31.07 11.18
CA GLU C 175 13.25 -30.47 11.58
C GLU C 175 13.52 -29.39 12.64
N GLN C 176 14.39 -29.70 13.60
CA GLN C 176 14.70 -28.80 14.73
C GLN C 176 15.36 -27.52 14.21
N ILE C 177 16.35 -27.63 13.31
CA ILE C 177 17.13 -26.45 12.84
C ILE C 177 16.28 -25.63 11.87
N VAL C 178 15.41 -26.24 11.08
CA VAL C 178 14.52 -25.52 10.13
C VAL C 178 13.44 -24.73 10.90
N LEU C 179 12.95 -25.24 12.04
CA LEU C 179 11.83 -24.63 12.82
C LEU C 179 12.33 -23.53 13.77
N ILE C 180 13.65 -23.36 13.93
CA ILE C 180 14.23 -22.21 14.70
C ILE C 180 14.03 -20.93 13.89
N GLY C 181 13.54 -19.88 14.55
CA GLY C 181 13.51 -18.52 13.99
C GLY C 181 12.32 -18.32 13.07
N SER C 182 12.40 -17.32 12.19
CA SER C 182 11.28 -16.91 11.33
C SER C 182 10.84 -18.10 10.49
N LYS C 183 9.56 -18.48 10.53
CA LYS C 183 9.05 -19.63 9.76
C LYS C 183 8.76 -19.18 8.32
N THR C 184 9.76 -18.60 7.66
CA THR C 184 9.69 -18.18 6.23
C THR C 184 9.32 -19.38 5.35
N ASN C 185 8.23 -19.29 4.59
CA ASN C 185 7.86 -20.36 3.63
C ASN C 185 8.99 -20.53 2.60
N GLY C 186 9.31 -21.78 2.31
CA GLY C 186 10.37 -22.14 1.33
C GLY C 186 11.74 -22.22 1.97
N LYS C 187 11.85 -21.94 3.26
CA LYS C 187 13.14 -22.13 3.97
C LYS C 187 13.50 -23.61 3.85
N PHE C 188 14.75 -23.89 3.48
CA PHE C 188 15.14 -25.26 3.08
C PHE C 188 16.61 -25.52 3.43
N LEU C 189 16.96 -26.80 3.56
CA LEU C 189 18.35 -27.29 3.56
C LEU C 189 18.40 -28.63 2.81
N ILE C 190 19.60 -29.04 2.44
CA ILE C 190 19.84 -30.42 1.97
C ILE C 190 20.80 -31.10 2.96
N ARG C 191 20.47 -32.34 3.32
CA ARG C 191 21.33 -33.19 4.18
C ARG C 191 21.69 -34.47 3.44
N ALA C 192 22.87 -35.03 3.75
CA ALA C 192 23.30 -36.39 3.33
C ALA C 192 22.57 -37.43 4.20
N ARG C 193 22.20 -38.59 3.62
CA ARG C 193 21.61 -39.77 4.30
C ARG C 193 22.65 -40.90 4.47
N ASP C 194 23.48 -41.13 3.45
CA ASP C 194 24.67 -42.02 3.52
C ASP C 194 25.84 -41.25 2.87
N ASN C 195 26.97 -41.93 2.60
CA ASN C 195 28.16 -41.37 1.91
C ASN C 195 28.05 -41.65 0.39
N ASN C 196 26.99 -42.33 -0.05
CA ASN C 196 26.82 -42.87 -1.43
C ASN C 196 25.80 -42.02 -2.20
N GLY C 197 25.96 -40.69 -2.15
CA GLY C 197 25.13 -39.72 -2.90
C GLY C 197 23.63 -39.97 -2.77
N SER C 198 23.14 -40.35 -1.59
CA SER C 198 21.71 -40.21 -1.21
C SER C 198 21.58 -38.97 -0.31
N TYR C 199 20.55 -38.14 -0.54
CA TYR C 199 20.31 -36.90 0.22
C TYR C 199 18.82 -36.74 0.52
N ALA C 200 18.48 -35.72 1.31
CA ALA C 200 17.09 -35.25 1.48
C ALA C 200 17.05 -33.73 1.36
N LEU C 201 15.99 -33.23 0.73
CA LEU C 201 15.58 -31.82 0.69
C LEU C 201 14.56 -31.63 1.81
N CYS C 202 14.86 -30.74 2.76
CA CYS C 202 13.97 -30.40 3.89
C CYS C 202 13.43 -28.98 3.67
N LEU C 203 12.12 -28.83 3.63
CA LEU C 203 11.42 -27.63 3.12
C LEU C 203 10.32 -27.22 4.09
N LEU C 204 10.30 -25.95 4.49
CA LEU C 204 9.26 -25.42 5.42
C LEU C 204 8.05 -24.95 4.60
N HIS C 205 6.89 -25.52 4.88
CA HIS C 205 5.60 -25.25 4.20
C HIS C 205 4.51 -25.06 5.27
N GLU C 206 4.04 -23.82 5.47
CA GLU C 206 2.94 -23.45 6.40
C GLU C 206 3.27 -24.01 7.80
N GLY C 207 4.49 -23.77 8.29
CA GLY C 207 4.91 -24.13 9.65
C GLY C 207 5.25 -25.61 9.83
N LYS C 208 5.21 -26.40 8.75
CA LYS C 208 5.50 -27.86 8.77
C LYS C 208 6.73 -28.18 7.91
N VAL C 209 7.59 -29.10 8.36
CA VAL C 209 8.82 -29.47 7.63
C VAL C 209 8.54 -30.73 6.80
N LEU C 210 8.65 -30.59 5.47
CA LEU C 210 8.54 -31.69 4.48
C LEU C 210 9.95 -32.19 4.15
N HIS C 211 10.08 -33.49 3.88
CA HIS C 211 11.34 -34.15 3.45
C HIS C 211 11.09 -34.84 2.11
N TYR C 212 11.87 -34.48 1.08
CA TYR C 212 11.86 -35.15 -0.24
C TYR C 212 13.19 -35.92 -0.35
N ARG C 213 13.11 -37.15 -0.84
CA ARG C 213 14.28 -38.04 -1.05
C ARG C 213 15.03 -37.57 -2.31
N ILE C 214 16.35 -37.52 -2.28
CA ILE C 214 17.19 -37.27 -3.50
C ILE C 214 18.14 -38.46 -3.66
N ASP C 215 18.08 -39.14 -4.81
CA ASP C 215 18.84 -40.40 -5.08
C ASP C 215 19.75 -40.23 -6.28
N LYS C 216 20.91 -40.88 -6.22
CA LYS C 216 21.84 -41.05 -7.36
C LYS C 216 21.40 -42.32 -8.11
N ASP C 217 20.94 -42.19 -9.36
CA ASP C 217 20.63 -43.35 -10.24
C ASP C 217 21.95 -43.92 -10.75
N LYS C 218 21.90 -45.00 -11.55
CA LYS C 218 23.11 -45.79 -11.94
C LYS C 218 23.99 -44.96 -12.90
N THR C 219 23.45 -43.92 -13.56
CA THR C 219 24.19 -42.97 -14.44
C THR C 219 25.03 -41.98 -13.63
N GLY C 220 24.68 -41.71 -12.37
CA GLY C 220 25.29 -40.66 -11.53
C GLY C 220 24.42 -39.41 -11.41
N LYS C 221 23.18 -39.47 -11.92
CA LYS C 221 22.19 -38.36 -11.95
C LYS C 221 21.40 -38.34 -10.64
N LEU C 222 21.32 -37.16 -10.02
CA LEU C 222 20.54 -36.90 -8.79
C LEU C 222 19.12 -36.50 -9.20
N SER C 223 18.12 -36.99 -8.46
CA SER C 223 16.70 -36.54 -8.65
C SER C 223 15.86 -36.93 -7.43
N ILE C 224 14.80 -36.15 -7.25
CA ILE C 224 13.60 -36.55 -6.47
C ILE C 224 12.84 -37.51 -7.38
N PRO C 225 12.33 -38.65 -6.85
CA PRO C 225 11.61 -39.64 -7.64
C PRO C 225 10.57 -38.99 -8.56
N GLU C 226 10.66 -39.30 -9.86
CA GLU C 226 9.76 -38.82 -10.96
C GLU C 226 10.11 -37.38 -11.33
N GLY C 227 11.23 -36.85 -10.83
CA GLY C 227 11.61 -35.43 -10.99
C GLY C 227 12.66 -35.23 -12.06
N LYS C 228 12.91 -33.98 -12.44
CA LYS C 228 14.04 -33.62 -13.35
C LYS C 228 15.33 -34.23 -12.80
N LYS C 229 16.24 -34.68 -13.68
CA LYS C 229 17.54 -35.28 -13.30
C LYS C 229 18.67 -34.27 -13.49
N PHE C 230 19.63 -34.23 -12.58
CA PHE C 230 20.73 -33.24 -12.55
C PHE C 230 22.07 -33.96 -12.35
N ASP C 231 23.16 -33.31 -12.74
CA ASP C 231 24.54 -33.79 -12.44
C ASP C 231 24.96 -33.33 -11.03
N THR C 232 24.46 -32.21 -10.52
CA THR C 232 24.93 -31.63 -9.23
C THR C 232 23.74 -31.18 -8.39
N LEU C 233 23.91 -31.14 -7.08
CA LEU C 233 22.91 -30.61 -6.11
C LEU C 233 22.70 -29.11 -6.36
N TRP C 234 23.75 -28.34 -6.72
CA TRP C 234 23.57 -26.88 -6.93
C TRP C 234 22.66 -26.65 -8.14
N GLN C 235 22.70 -27.55 -9.13
CA GLN C 235 21.76 -27.47 -10.30
C GLN C 235 20.36 -27.71 -9.78
N LEU C 236 20.18 -28.75 -8.95
CA LEU C 236 18.87 -29.14 -8.40
C LEU C 236 18.28 -27.96 -7.63
N VAL C 237 19.08 -27.37 -6.75
CA VAL C 237 18.64 -26.24 -5.89
C VAL C 237 18.28 -25.04 -6.76
N GLU C 238 19.06 -24.74 -7.80
CA GLU C 238 18.77 -23.56 -8.67
C GLU C 238 17.43 -23.80 -9.33
N HIS C 239 17.16 -25.02 -9.78
CA HIS C 239 15.90 -25.37 -10.52
C HIS C 239 14.70 -25.20 -9.60
N TYR C 240 14.73 -25.79 -8.40
CA TYR C 240 13.58 -25.78 -7.47
C TYR C 240 13.47 -24.42 -6.76
N SER C 241 14.45 -23.53 -6.91
CA SER C 241 14.37 -22.10 -6.48
C SER C 241 13.64 -21.24 -7.53
N TYR C 242 13.53 -21.71 -8.76
CA TYR C 242 12.87 -20.95 -9.85
C TYR C 242 11.37 -21.31 -9.90
N LYS C 243 11.04 -22.59 -9.69
CA LYS C 243 9.66 -23.10 -9.80
C LYS C 243 9.51 -24.33 -8.91
N ALA C 244 8.31 -24.57 -8.41
CA ALA C 244 8.02 -25.70 -7.48
C ALA C 244 8.21 -27.03 -8.22
N ASP C 245 7.72 -27.09 -9.47
CA ASP C 245 7.85 -28.26 -10.38
C ASP C 245 7.58 -29.55 -9.59
N GLY C 246 6.51 -29.57 -8.78
CA GLY C 246 6.04 -30.78 -8.08
C GLY C 246 6.23 -30.73 -6.56
N LEU C 247 7.16 -29.89 -6.07
CA LEU C 247 7.25 -29.55 -4.63
C LEU C 247 5.96 -28.81 -4.24
N LEU C 248 5.63 -28.78 -2.95
CA LEU C 248 4.46 -28.02 -2.47
C LEU C 248 4.74 -26.52 -2.63
N ARG C 249 6.00 -26.09 -2.66
CA ARG C 249 6.32 -24.68 -3.00
C ARG C 249 7.79 -24.54 -3.43
N VAL C 250 8.08 -23.39 -4.03
CA VAL C 250 9.42 -23.00 -4.50
C VAL C 250 10.36 -22.86 -3.31
N LEU C 251 11.64 -23.17 -3.47
CA LEU C 251 12.68 -22.95 -2.42
C LEU C 251 12.97 -21.46 -2.33
N THR C 252 13.13 -20.93 -1.11
CA THR C 252 13.46 -19.49 -0.88
C THR C 252 14.77 -19.41 -0.12
N VAL C 253 14.74 -19.15 1.18
CA VAL C 253 15.96 -18.78 1.96
C VAL C 253 16.60 -20.06 2.46
N PRO C 254 17.93 -20.21 2.25
CA PRO C 254 18.64 -21.36 2.77
C PRO C 254 18.71 -21.26 4.30
N CYS C 255 18.38 -22.35 4.98
CA CYS C 255 18.39 -22.44 6.46
C CYS C 255 19.84 -22.24 6.92
N GLN C 256 20.06 -21.21 7.75
CA GLN C 256 21.37 -20.86 8.38
C GLN C 256 21.93 -22.04 9.21
N LYS C 257 23.24 -22.26 9.14
CA LYS C 257 23.97 -23.27 9.98
C LYS C 257 24.28 -22.66 11.36
N ILE C 258 24.92 -23.39 12.28
CA ILE C 258 24.95 -23.01 13.73
C ILE C 258 26.35 -23.27 14.37
N GLY C 259 27.24 -22.25 14.36
CA GLY C 259 28.65 -22.29 14.83
C GLY C 259 28.96 -23.51 15.72
N SER D 1 -18.17 17.82 -25.29
CA SER D 1 -17.60 16.52 -24.77
C SER D 1 -18.09 16.30 -23.34
N MET D 2 -18.57 15.10 -23.03
CA MET D 2 -19.11 14.74 -21.70
C MET D 2 -17.95 14.50 -20.73
N ALA D 3 -16.98 13.70 -21.18
CA ALA D 3 -15.75 13.39 -20.43
C ALA D 3 -15.01 14.70 -20.14
N ASP D 4 -14.98 15.63 -21.11
CA ASP D 4 -14.35 16.98 -20.99
C ASP D 4 -15.12 17.86 -20.00
N SER D 5 -16.45 17.95 -20.14
CA SER D 5 -17.32 18.79 -19.26
C SER D 5 -17.18 18.32 -17.79
N ALA D 6 -17.13 16.99 -17.60
CA ALA D 6 -16.92 16.35 -16.29
C ALA D 6 -15.51 16.64 -15.74
N ASN D 7 -14.48 16.75 -16.59
CA ASN D 7 -13.08 17.03 -16.15
C ASN D 7 -12.96 18.39 -15.47
N HIS D 8 -13.90 19.32 -15.71
CA HIS D 8 -13.89 20.68 -15.08
C HIS D 8 -14.40 20.61 -13.63
N LEU D 9 -15.15 19.56 -13.28
CA LEU D 9 -15.72 19.42 -11.93
C LEU D 9 -14.58 19.04 -10.99
N PRO D 10 -14.40 19.80 -9.88
CA PRO D 10 -13.39 19.46 -8.89
C PRO D 10 -13.74 18.17 -8.13
N PHE D 11 -14.98 17.66 -8.23
CA PHE D 11 -15.46 16.44 -7.54
C PHE D 11 -15.60 15.26 -8.52
N PHE D 12 -15.04 15.38 -9.73
CA PHE D 12 -14.98 14.27 -10.74
C PHE D 12 -13.64 13.55 -10.64
N PHE D 13 -13.65 12.23 -10.47
CA PHE D 13 -12.45 11.41 -10.20
C PHE D 13 -12.08 10.59 -11.43
N GLY D 14 -12.77 10.79 -12.55
CA GLY D 14 -12.62 9.94 -13.73
C GLY D 14 -12.85 8.46 -13.38
N ASN D 15 -11.95 7.59 -13.83
CA ASN D 15 -12.18 6.14 -13.90
C ASN D 15 -11.62 5.48 -12.64
N ILE D 16 -12.14 5.87 -11.47
CA ILE D 16 -11.88 5.16 -10.18
C ILE D 16 -12.97 4.08 -10.01
N THR D 17 -12.66 3.04 -9.26
CA THR D 17 -13.61 1.93 -8.97
C THR D 17 -14.60 2.34 -7.88
N ARG D 18 -15.68 1.59 -7.74
CA ARG D 18 -16.64 1.75 -6.63
C ARG D 18 -15.84 1.82 -5.33
N GLU D 19 -14.90 0.88 -5.17
CA GLU D 19 -14.13 0.72 -3.91
C GLU D 19 -13.28 1.98 -3.66
N GLU D 20 -12.62 2.53 -4.68
CA GLU D 20 -11.80 3.76 -4.55
C GLU D 20 -12.71 4.93 -4.19
N ALA D 21 -13.88 5.01 -4.80
CA ALA D 21 -14.88 6.07 -4.53
C ALA D 21 -15.30 5.98 -3.05
N GLU D 22 -15.57 4.78 -2.55
CA GLU D 22 -15.98 4.54 -1.14
C GLU D 22 -14.85 4.96 -0.20
N ASP D 23 -13.60 4.59 -0.49
CA ASP D 23 -12.39 4.96 0.29
C ASP D 23 -12.30 6.50 0.37
N TYR D 24 -12.56 7.22 -0.73
CA TYR D 24 -12.55 8.71 -0.74
C TYR D 24 -13.70 9.27 0.11
N LEU D 25 -14.90 8.67 0.05
CA LEU D 25 -16.03 9.14 0.86
C LEU D 25 -15.74 8.92 2.35
N VAL D 26 -15.10 7.80 2.69
CA VAL D 26 -14.67 7.52 4.10
C VAL D 26 -13.63 8.57 4.49
N GLN D 27 -12.64 8.81 3.64
CA GLN D 27 -11.58 9.82 3.89
C GLN D 27 -12.22 11.19 4.09
N GLY D 28 -13.34 11.48 3.43
CA GLY D 28 -14.01 12.79 3.50
C GLY D 28 -15.02 12.89 4.63
N GLY D 29 -15.14 11.83 5.46
CA GLY D 29 -15.98 11.85 6.67
C GLY D 29 -17.29 11.09 6.54
N MET D 30 -17.67 10.64 5.34
CA MET D 30 -18.93 9.89 5.13
C MET D 30 -20.11 10.64 5.79
N SER D 31 -20.08 11.97 5.74
CA SER D 31 -21.19 12.86 6.17
C SER D 31 -22.38 12.69 5.21
N ASP D 32 -23.60 12.74 5.73
CA ASP D 32 -24.84 12.69 4.91
C ASP D 32 -24.75 13.74 3.79
N GLY D 33 -24.99 13.31 2.55
CA GLY D 33 -25.01 14.19 1.36
C GLY D 33 -23.63 14.54 0.85
N LEU D 34 -22.59 13.89 1.36
CA LEU D 34 -21.24 13.94 0.76
C LEU D 34 -21.29 13.09 -0.52
N TYR D 35 -20.71 13.58 -1.60
CA TYR D 35 -20.85 12.94 -2.93
C TYR D 35 -19.63 13.25 -3.79
N LEU D 36 -19.41 12.37 -4.75
CA LEU D 36 -18.44 12.59 -5.86
C LEU D 36 -19.02 11.96 -7.12
N LEU D 37 -18.40 12.31 -8.24
CA LEU D 37 -18.73 11.81 -9.58
C LEU D 37 -17.54 11.00 -10.08
N ARG D 38 -17.81 9.85 -10.72
CA ARG D 38 -16.79 9.04 -11.40
C ARG D 38 -17.32 8.67 -12.78
N GLN D 39 -16.43 8.26 -13.69
CA GLN D 39 -16.82 7.72 -15.00
C GLN D 39 -17.39 6.32 -14.80
N SER D 40 -18.49 5.98 -15.47
CA SER D 40 -19.08 4.62 -15.43
C SER D 40 -18.02 3.69 -16.00
N ARG D 41 -17.86 2.51 -15.40
CA ARG D 41 -16.85 1.53 -15.90
C ARG D 41 -17.55 0.47 -16.76
N ASN D 42 -18.89 0.50 -16.88
CA ASN D 42 -19.60 -0.55 -17.67
C ASN D 42 -20.67 0.04 -18.61
N TYR D 43 -20.91 1.36 -18.59
CA TYR D 43 -21.80 2.05 -19.56
C TYR D 43 -20.98 3.08 -20.34
N LEU D 44 -20.86 2.84 -21.64
CA LEU D 44 -20.06 3.73 -22.50
C LEU D 44 -20.65 5.14 -22.42
N GLY D 45 -19.82 6.15 -22.20
CA GLY D 45 -20.23 7.56 -22.09
C GLY D 45 -21.04 7.85 -20.84
N GLY D 46 -21.20 6.85 -19.97
CA GLY D 46 -21.93 6.98 -18.69
C GLY D 46 -21.08 7.57 -17.56
N PHE D 47 -21.74 7.95 -16.47
CA PHE D 47 -21.12 8.38 -15.18
C PHE D 47 -21.77 7.59 -14.04
N ALA D 48 -21.20 7.70 -12.84
CA ALA D 48 -21.78 7.17 -11.59
C ALA D 48 -21.69 8.25 -10.50
N LEU D 49 -22.81 8.48 -9.82
CA LEU D 49 -22.91 9.38 -8.64
C LEU D 49 -22.81 8.50 -7.40
N SER D 50 -21.77 8.72 -6.61
CA SER D 50 -21.48 8.03 -5.33
C SER D 50 -21.73 9.03 -4.20
N VAL D 51 -22.72 8.76 -3.36
CA VAL D 51 -23.17 9.69 -2.28
C VAL D 51 -23.28 8.89 -0.97
N ALA D 52 -22.86 9.53 0.12
CA ALA D 52 -22.95 9.00 1.50
C ALA D 52 -24.26 9.42 2.13
N HIS D 53 -24.95 8.46 2.75
CA HIS D 53 -26.12 8.70 3.61
C HIS D 53 -26.31 7.48 4.53
N GLY D 54 -26.51 7.71 5.83
CA GLY D 54 -26.72 6.64 6.83
C GLY D 54 -25.44 5.86 7.08
N ARG D 55 -24.30 6.55 6.91
CA ARG D 55 -22.91 6.02 7.01
C ARG D 55 -22.72 4.83 6.04
N LYS D 56 -23.52 4.77 4.97
CA LYS D 56 -23.44 3.82 3.84
C LYS D 56 -23.17 4.61 2.54
N ALA D 57 -22.65 3.95 1.51
CA ALA D 57 -22.44 4.52 0.18
C ALA D 57 -23.58 4.06 -0.73
N HIS D 58 -24.09 4.97 -1.56
CA HIS D 58 -25.18 4.73 -2.53
C HIS D 58 -24.65 5.14 -3.92
N HIS D 59 -24.76 4.25 -4.90
CA HIS D 59 -24.14 4.42 -6.25
C HIS D 59 -25.23 4.41 -7.31
N TYR D 60 -25.33 5.48 -8.09
CA TYR D 60 -26.32 5.65 -9.17
C TYR D 60 -25.59 5.75 -10.50
N THR D 61 -25.97 4.91 -11.46
CA THR D 61 -25.47 5.00 -12.83
C THR D 61 -26.22 6.11 -13.55
N ILE D 62 -25.48 7.05 -14.13
CA ILE D 62 -26.00 8.16 -14.97
C ILE D 62 -25.66 7.78 -16.41
N GLU D 63 -26.64 7.35 -17.21
CA GLU D 63 -26.42 6.94 -18.62
C GLU D 63 -26.43 8.18 -19.51
N ARG D 64 -25.69 8.13 -20.62
CA ARG D 64 -25.87 9.01 -21.80
C ARG D 64 -27.01 8.43 -22.64
N GLU D 65 -28.15 9.13 -22.65
CA GLU D 65 -29.36 8.81 -23.43
C GLU D 65 -29.05 9.05 -24.91
N LEU D 66 -29.88 8.49 -25.79
CA LEU D 66 -29.66 8.49 -27.26
C LEU D 66 -29.51 9.94 -27.75
N ASN D 67 -30.26 10.88 -27.19
CA ASN D 67 -30.30 12.31 -27.61
C ASN D 67 -29.13 13.15 -27.04
N GLY D 68 -28.18 12.56 -26.32
CA GLY D 68 -26.99 13.27 -25.78
C GLY D 68 -27.22 13.92 -24.41
N THR D 69 -28.37 13.66 -23.78
CA THR D 69 -28.72 14.07 -22.40
C THR D 69 -28.29 12.96 -21.41
N TYR D 70 -28.40 13.22 -20.11
CA TYR D 70 -27.97 12.29 -19.04
C TYR D 70 -29.13 12.05 -18.09
N ALA D 71 -29.29 10.81 -17.64
CA ALA D 71 -30.35 10.44 -16.69
C ALA D 71 -29.97 9.18 -15.92
N ILE D 72 -30.22 9.20 -14.61
CA ILE D 72 -30.36 7.96 -13.80
C ILE D 72 -31.61 7.23 -14.30
N ALA D 73 -31.59 5.89 -14.36
CA ALA D 73 -32.72 5.07 -14.90
C ALA D 73 -34.04 5.57 -14.32
N GLY D 74 -34.96 6.02 -15.19
CA GLY D 74 -36.33 6.46 -14.84
C GLY D 74 -36.41 7.88 -14.31
N GLY D 75 -35.32 8.63 -14.29
CA GLY D 75 -35.27 10.01 -13.75
C GLY D 75 -35.46 11.03 -14.85
N ARG D 76 -35.59 12.30 -14.47
CA ARG D 76 -35.54 13.43 -15.44
C ARG D 76 -34.20 13.39 -16.18
N THR D 77 -34.20 13.83 -17.42
CA THR D 77 -32.97 14.06 -18.24
C THR D 77 -32.35 15.40 -17.85
N HIS D 78 -31.04 15.55 -18.03
CA HIS D 78 -30.27 16.79 -17.75
C HIS D 78 -29.25 16.98 -18.88
N ALA D 79 -28.83 18.22 -19.13
CA ALA D 79 -27.94 18.59 -20.25
C ALA D 79 -26.57 17.92 -20.04
N SER D 80 -26.14 17.81 -18.80
CA SER D 80 -24.78 17.38 -18.41
C SER D 80 -24.82 16.78 -17.01
N PRO D 81 -23.81 15.98 -16.60
CA PRO D 81 -23.73 15.51 -15.22
C PRO D 81 -23.56 16.65 -14.21
N ALA D 82 -22.92 17.76 -14.60
CA ALA D 82 -22.81 18.98 -13.75
C ALA D 82 -24.21 19.47 -13.41
N ASP D 83 -25.10 19.59 -14.39
CA ASP D 83 -26.50 20.01 -14.20
C ASP D 83 -27.20 18.99 -13.31
N LEU D 84 -26.98 17.69 -13.52
CA LEU D 84 -27.66 16.63 -12.74
C LEU D 84 -27.31 16.85 -11.26
N CYS D 85 -26.03 17.09 -10.98
CA CYS D 85 -25.53 17.22 -9.59
C CYS D 85 -26.14 18.47 -8.93
N HIS D 86 -26.16 19.60 -9.63
CA HIS D 86 -26.65 20.90 -9.09
C HIS D 86 -28.14 20.79 -8.80
N TYR D 87 -28.89 20.18 -9.73
CA TYR D 87 -30.33 19.93 -9.55
C TYR D 87 -30.56 19.10 -8.27
N HIS D 88 -29.85 17.98 -8.12
CA HIS D 88 -30.06 17.08 -6.95
C HIS D 88 -29.51 17.73 -5.68
N SER D 89 -28.90 18.92 -5.76
CA SER D 89 -28.47 19.70 -4.57
C SER D 89 -29.65 20.54 -4.07
N GLN D 90 -30.73 20.65 -4.87
CA GLN D 90 -31.92 21.49 -4.58
C GLN D 90 -33.14 20.60 -4.32
N GLU D 91 -33.36 19.56 -5.12
CA GLU D 91 -34.44 18.56 -4.95
C GLU D 91 -33.85 17.15 -4.93
N SER D 92 -34.29 16.35 -3.97
CA SER D 92 -33.95 14.91 -3.87
C SER D 92 -34.48 14.20 -5.11
N ASP D 93 -35.72 14.45 -5.50
CA ASP D 93 -36.40 13.89 -6.71
C ASP D 93 -36.03 12.40 -6.89
N GLY D 94 -36.11 11.61 -5.83
CA GLY D 94 -35.94 10.14 -5.89
C GLY D 94 -34.63 9.67 -5.26
N LEU D 95 -33.62 10.55 -5.14
CA LEU D 95 -32.30 10.18 -4.59
C LEU D 95 -32.45 9.95 -3.08
N VAL D 96 -31.57 9.16 -2.50
CA VAL D 96 -31.62 8.77 -1.05
C VAL D 96 -31.55 10.01 -0.18
N CYS D 97 -30.91 11.09 -0.64
CA CYS D 97 -30.85 12.40 0.06
C CYS D 97 -30.44 13.51 -0.92
N LEU D 98 -30.52 14.75 -0.45
CA LEU D 98 -30.00 15.94 -1.17
C LEU D 98 -28.50 15.80 -1.24
N LEU D 99 -27.90 16.20 -2.36
CA LEU D 99 -26.44 16.38 -2.43
C LEU D 99 -26.11 17.67 -1.69
N LYS D 100 -25.32 17.57 -0.62
CA LYS D 100 -25.05 18.72 0.29
C LYS D 100 -23.61 19.19 0.07
N LYS D 101 -22.64 18.28 0.10
CA LYS D 101 -21.19 18.63 0.06
C LYS D 101 -20.43 17.79 -0.97
N PRO D 102 -19.88 18.40 -2.03
CA PRO D 102 -18.98 17.68 -2.93
C PRO D 102 -17.72 17.30 -2.16
N PHE D 103 -17.25 16.06 -2.35
CA PHE D 103 -15.89 15.65 -1.95
C PHE D 103 -14.99 15.89 -3.16
N ASN D 104 -14.06 16.83 -3.05
CA ASN D 104 -13.20 17.25 -4.17
C ASN D 104 -11.95 16.36 -4.22
N ARG D 105 -11.38 16.21 -5.41
CA ARG D 105 -10.03 15.64 -5.62
C ARG D 105 -9.07 16.33 -4.66
N PRO D 106 -8.35 15.56 -3.80
CA PRO D 106 -7.25 16.12 -3.02
C PRO D 106 -6.27 16.83 -3.95
N GLN D 107 -5.46 17.74 -3.41
CA GLN D 107 -4.56 18.60 -4.23
C GLN D 107 -3.61 17.71 -5.03
N GLY D 108 -3.47 18.01 -6.33
CA GLY D 108 -2.56 17.31 -7.25
C GLY D 108 -3.06 15.92 -7.66
N VAL D 109 -4.21 15.44 -7.16
CA VAL D 109 -4.89 14.22 -7.68
C VAL D 109 -5.69 14.62 -8.92
N GLN D 110 -5.45 13.95 -10.04
CA GLN D 110 -6.12 14.19 -11.34
C GLN D 110 -7.21 13.14 -11.55
N PRO D 111 -8.18 13.38 -12.45
CA PRO D 111 -9.14 12.35 -12.82
C PRO D 111 -8.38 11.18 -13.43
N LYS D 112 -8.66 9.96 -12.97
CA LYS D 112 -8.05 8.74 -13.53
C LYS D 112 -8.59 8.50 -14.94
N THR D 113 -7.74 7.96 -15.82
CA THR D 113 -8.08 7.48 -17.18
C THR D 113 -7.65 6.01 -17.28
N GLY D 114 -8.24 5.23 -18.16
CA GLY D 114 -7.81 3.84 -18.40
C GLY D 114 -7.04 3.68 -19.69
N PRO D 115 -6.60 2.44 -20.02
CA PRO D 115 -5.92 2.16 -21.27
C PRO D 115 -6.64 2.72 -22.51
N PHE D 116 -7.95 2.44 -22.63
CA PHE D 116 -8.75 2.87 -23.79
C PHE D 116 -8.78 4.39 -23.89
N GLU D 117 -9.09 5.09 -22.79
CA GLU D 117 -9.17 6.57 -22.76
C GLU D 117 -7.83 7.17 -23.23
N ASP D 118 -6.71 6.52 -22.93
CA ASP D 118 -5.35 7.07 -23.24
C ASP D 118 -5.04 6.85 -24.73
N LEU D 119 -5.65 5.87 -25.40
CA LEU D 119 -5.46 5.56 -26.84
C LEU D 119 -6.52 6.25 -27.71
N LYS D 120 -7.63 6.70 -27.14
CA LYS D 120 -8.87 7.06 -27.89
C LYS D 120 -8.61 8.17 -28.93
N GLU D 121 -7.95 9.27 -28.56
CA GLU D 121 -7.77 10.45 -29.46
C GLU D 121 -6.90 10.05 -30.66
N ASN D 122 -5.84 9.27 -30.43
CA ASN D 122 -4.91 8.82 -31.48
C ASN D 122 -5.61 7.78 -32.38
N LEU D 123 -6.42 6.86 -31.84
CA LEU D 123 -7.22 5.89 -32.65
C LEU D 123 -8.15 6.67 -33.61
N ILE D 124 -8.78 7.75 -33.15
CA ILE D 124 -9.69 8.60 -33.98
C ILE D 124 -8.85 9.32 -35.04
N ARG D 125 -7.67 9.79 -34.71
CA ARG D 125 -6.77 10.49 -35.67
C ARG D 125 -6.36 9.51 -36.77
N GLU D 126 -6.00 8.29 -36.41
CA GLU D 126 -5.59 7.23 -37.37
C GLU D 126 -6.79 6.92 -38.29
N TYR D 127 -7.99 6.81 -37.73
CA TYR D 127 -9.23 6.51 -38.48
C TYR D 127 -9.53 7.60 -39.52
N VAL D 128 -9.44 8.87 -39.16
CA VAL D 128 -9.76 10.00 -40.10
C VAL D 128 -8.67 10.08 -41.18
N LYS D 129 -7.40 9.83 -40.84
CA LYS D 129 -6.28 9.79 -41.82
C LYS D 129 -6.57 8.72 -42.88
N GLN D 130 -6.97 7.53 -42.43
CA GLN D 130 -7.35 6.38 -43.28
C GLN D 130 -8.65 6.62 -44.08
N THR D 131 -9.70 7.25 -43.53
CA THR D 131 -11.09 7.16 -44.03
C THR D 131 -11.59 8.46 -44.69
N TRP D 132 -11.22 9.62 -44.16
CA TRP D 132 -11.80 10.94 -44.53
C TRP D 132 -10.87 11.76 -45.44
N ASN D 133 -11.35 12.12 -46.64
CA ASN D 133 -10.67 13.10 -47.54
C ASN D 133 -10.95 14.53 -47.07
N LEU D 134 -10.55 14.89 -45.84
CA LEU D 134 -10.51 16.27 -45.32
C LEU D 134 -9.08 16.62 -44.92
N GLN D 135 -8.74 17.91 -45.02
CA GLN D 135 -7.40 18.44 -44.65
C GLN D 135 -7.56 19.75 -43.88
N GLY D 136 -6.46 20.21 -43.26
CA GLY D 136 -6.34 21.52 -42.61
C GLY D 136 -7.52 21.82 -41.70
N GLN D 137 -8.06 23.04 -41.81
CA GLN D 137 -9.15 23.57 -40.96
C GLN D 137 -10.34 22.62 -41.03
N ALA D 138 -10.74 22.21 -42.24
CA ALA D 138 -11.95 21.40 -42.48
C ALA D 138 -11.86 20.10 -41.67
N LEU D 139 -10.69 19.44 -41.70
CA LEU D 139 -10.40 18.23 -40.89
C LEU D 139 -10.65 18.54 -39.40
N GLU D 140 -10.06 19.62 -38.91
CA GLU D 140 -10.09 20.01 -37.47
C GLU D 140 -11.56 20.22 -37.06
N GLN D 141 -12.33 20.91 -37.92
CA GLN D 141 -13.75 21.24 -37.65
C GLN D 141 -14.58 19.95 -37.63
N ALA D 142 -14.31 19.03 -38.56
CA ALA D 142 -15.06 17.76 -38.73
C ALA D 142 -14.84 16.85 -37.51
N ILE D 143 -13.60 16.77 -37.03
CA ILE D 143 -13.24 15.97 -35.81
C ILE D 143 -14.11 16.52 -34.66
N ILE D 144 -14.13 17.83 -34.46
CA ILE D 144 -14.87 18.46 -33.32
C ILE D 144 -16.37 18.23 -33.51
N SER D 145 -16.90 18.52 -34.69
CA SER D 145 -18.37 18.52 -34.95
C SER D 145 -18.87 17.07 -35.01
N GLN D 146 -17.99 16.09 -35.20
CA GLN D 146 -18.34 14.65 -35.30
C GLN D 146 -17.67 13.85 -34.17
N LYS D 147 -17.14 14.53 -33.15
CA LYS D 147 -16.49 13.88 -31.98
C LYS D 147 -17.39 12.78 -31.42
N PRO D 148 -18.69 13.00 -31.13
CA PRO D 148 -19.53 11.97 -30.51
C PRO D 148 -19.61 10.66 -31.31
N GLN D 149 -19.81 10.74 -32.63
CA GLN D 149 -19.96 9.57 -33.55
C GLN D 149 -18.61 8.84 -33.66
N LEU D 150 -17.52 9.60 -33.81
CA LEU D 150 -16.12 9.07 -33.85
C LEU D 150 -15.82 8.29 -32.56
N GLU D 151 -16.19 8.86 -31.40
CA GLU D 151 -15.96 8.21 -30.08
C GLU D 151 -16.74 6.90 -30.01
N LYS D 152 -17.98 6.85 -30.52
CA LYS D 152 -18.82 5.63 -30.46
C LYS D 152 -18.16 4.56 -31.34
N LEU D 153 -17.70 4.94 -32.54
CA LEU D 153 -17.15 3.94 -33.50
C LEU D 153 -15.85 3.35 -32.95
N ILE D 154 -14.90 4.20 -32.56
CA ILE D 154 -13.56 3.76 -32.10
C ILE D 154 -13.76 2.88 -30.84
N ALA D 155 -14.69 3.21 -29.96
CA ALA D 155 -15.02 2.40 -28.75
C ALA D 155 -15.41 0.97 -29.12
N THR D 156 -16.16 0.75 -30.20
CA THR D 156 -16.73 -0.60 -30.54
C THR D 156 -15.68 -1.47 -31.24
N THR D 157 -14.60 -0.86 -31.78
CA THR D 157 -13.56 -1.54 -32.59
C THR D 157 -12.20 -1.54 -31.88
N ALA D 158 -11.98 -0.72 -30.84
CA ALA D 158 -10.64 -0.48 -30.25
C ALA D 158 -10.05 -1.79 -29.71
N HIS D 159 -10.89 -2.74 -29.26
CA HIS D 159 -10.44 -4.04 -28.70
C HIS D 159 -9.57 -4.79 -29.72
N GLU D 160 -9.90 -4.72 -31.01
CA GLU D 160 -9.24 -5.48 -32.12
C GLU D 160 -7.73 -5.17 -32.12
N LYS D 161 -7.33 -3.96 -31.71
CA LYS D 161 -5.95 -3.45 -31.81
C LYS D 161 -5.21 -3.65 -30.47
N MET D 162 -5.89 -4.09 -29.41
CA MET D 162 -5.28 -4.16 -28.06
C MET D 162 -4.56 -5.49 -27.86
N PRO D 163 -3.50 -5.50 -27.02
CA PRO D 163 -2.57 -6.61 -26.94
C PRO D 163 -3.19 -7.94 -26.49
N TRP D 164 -4.30 -7.91 -25.75
CA TRP D 164 -4.90 -9.15 -25.16
C TRP D 164 -5.90 -9.77 -26.13
N PHE D 165 -6.20 -9.12 -27.25
CA PHE D 165 -7.24 -9.62 -28.19
C PHE D 165 -6.58 -10.37 -29.35
N HIS D 166 -6.81 -11.68 -29.45
CA HIS D 166 -6.13 -12.57 -30.43
C HIS D 166 -7.05 -12.96 -31.58
N GLY D 167 -8.23 -12.35 -31.67
CA GLY D 167 -9.20 -12.63 -32.75
C GLY D 167 -9.71 -14.07 -32.73
N LYS D 168 -10.03 -14.64 -33.89
CA LYS D 168 -10.66 -15.97 -34.03
C LYS D 168 -9.55 -17.03 -34.07
N ILE D 169 -9.27 -17.64 -32.93
CA ILE D 169 -8.29 -18.76 -32.75
C ILE D 169 -9.01 -19.83 -31.94
N SER D 170 -8.63 -21.09 -32.09
CA SER D 170 -9.32 -22.23 -31.44
C SER D 170 -8.99 -22.24 -29.93
N ARG D 171 -9.79 -22.95 -29.15
CA ARG D 171 -9.51 -23.33 -27.75
C ARG D 171 -8.09 -23.90 -27.67
N GLU D 172 -7.71 -24.79 -28.59
CA GLU D 172 -6.42 -25.53 -28.55
C GLU D 172 -5.29 -24.53 -28.81
N GLU D 173 -5.41 -23.67 -29.84
CA GLU D 173 -4.36 -22.66 -30.15
C GLU D 173 -4.16 -21.75 -28.93
N SER D 174 -5.25 -21.44 -28.22
CA SER D 174 -5.22 -20.49 -27.08
C SER D 174 -4.44 -21.14 -25.92
N GLU D 175 -4.71 -22.41 -25.58
CA GLU D 175 -3.99 -23.12 -24.49
C GLU D 175 -2.50 -23.13 -24.83
N GLN D 176 -2.17 -23.41 -26.09
CA GLN D 176 -0.79 -23.55 -26.55
C GLN D 176 -0.07 -22.19 -26.43
N ILE D 177 -0.69 -21.10 -26.86
CA ILE D 177 -0.03 -19.77 -26.90
C ILE D 177 0.08 -19.20 -25.46
N VAL D 178 -0.88 -19.49 -24.60
CA VAL D 178 -0.85 -19.05 -23.17
C VAL D 178 0.27 -19.80 -22.39
N LEU D 179 0.52 -21.07 -22.70
CA LEU D 179 1.50 -21.94 -21.97
C LEU D 179 2.94 -21.73 -22.47
N ILE D 180 3.16 -20.97 -23.54
CA ILE D 180 4.53 -20.58 -23.99
C ILE D 180 5.13 -19.57 -23.00
N GLY D 181 6.35 -19.79 -22.55
CA GLY D 181 7.11 -18.78 -21.79
C GLY D 181 6.80 -18.88 -20.32
N SER D 182 7.10 -17.81 -19.59
CA SER D 182 6.90 -17.73 -18.13
C SER D 182 5.43 -18.00 -17.81
N LYS D 183 5.13 -18.96 -16.95
CA LYS D 183 3.74 -19.29 -16.54
C LYS D 183 3.25 -18.29 -15.49
N THR D 184 3.33 -17.00 -15.80
CA THR D 184 2.84 -15.90 -14.93
C THR D 184 1.34 -16.10 -14.63
N ASN D 185 0.97 -16.20 -13.35
CA ASN D 185 -0.45 -16.28 -12.95
C ASN D 185 -1.18 -15.04 -13.44
N GLY D 186 -2.38 -15.24 -14.00
CA GLY D 186 -3.23 -14.15 -14.50
C GLY D 186 -2.93 -13.79 -15.93
N LYS D 187 -1.96 -14.45 -16.55
CA LYS D 187 -1.70 -14.24 -18.00
C LYS D 187 -2.98 -14.63 -18.73
N PHE D 188 -3.42 -13.79 -19.67
CA PHE D 188 -4.77 -13.93 -20.25
C PHE D 188 -4.80 -13.43 -21.69
N LEU D 189 -5.75 -13.93 -22.47
CA LEU D 189 -6.14 -13.35 -23.77
C LEU D 189 -7.66 -13.49 -23.93
N ILE D 190 -8.21 -12.73 -24.87
CA ILE D 190 -9.61 -12.93 -25.31
C ILE D 190 -9.59 -13.34 -26.78
N ARG D 191 -10.35 -14.38 -27.09
CA ARG D 191 -10.56 -14.87 -28.48
C ARG D 191 -12.05 -14.77 -28.85
N ALA D 192 -12.34 -14.55 -30.12
CA ALA D 192 -13.69 -14.69 -30.73
C ALA D 192 -14.03 -16.18 -30.91
N ARG D 193 -15.30 -16.55 -30.71
CA ARG D 193 -15.87 -17.91 -30.93
C ARG D 193 -16.70 -17.97 -32.24
N ASP D 194 -17.44 -16.91 -32.55
CA ASP D 194 -18.12 -16.69 -33.87
C ASP D 194 -17.86 -15.21 -34.24
N ASN D 195 -18.54 -14.67 -35.25
CA ASN D 195 -18.44 -13.23 -35.65
C ASN D 195 -19.58 -12.43 -35.00
N ASN D 196 -20.41 -13.09 -34.17
CA ASN D 196 -21.65 -12.52 -33.57
C ASN D 196 -21.42 -12.22 -32.09
N GLY D 197 -20.32 -11.54 -31.77
CA GLY D 197 -20.00 -11.05 -30.42
C GLY D 197 -20.13 -12.13 -29.34
N SER D 198 -19.74 -13.37 -29.63
CA SER D 198 -19.42 -14.38 -28.60
C SER D 198 -17.90 -14.47 -28.49
N TYR D 199 -17.35 -14.53 -27.26
CA TYR D 199 -15.88 -14.57 -27.01
C TYR D 199 -15.58 -15.57 -25.89
N ALA D 200 -14.29 -15.83 -25.67
CA ALA D 200 -13.80 -16.56 -24.48
C ALA D 200 -12.63 -15.80 -23.86
N LEU D 201 -12.59 -15.78 -22.53
CA LEU D 201 -11.46 -15.31 -21.71
C LEU D 201 -10.64 -16.55 -21.38
N CYS D 202 -9.35 -16.56 -21.77
CA CYS D 202 -8.40 -17.66 -21.47
C CYS D 202 -7.39 -17.16 -20.44
N LEU D 203 -7.29 -17.85 -19.31
CA LEU D 203 -6.65 -17.34 -18.07
C LEU D 203 -5.74 -18.41 -17.49
N LEU D 204 -4.47 -18.06 -17.22
CA LEU D 204 -3.50 -19.01 -16.63
C LEU D 204 -3.61 -18.98 -15.10
N HIS D 205 -3.89 -20.14 -14.50
CA HIS D 205 -4.06 -20.32 -13.04
C HIS D 205 -3.27 -21.56 -12.61
N GLU D 206 -2.16 -21.37 -11.88
CA GLU D 206 -1.30 -22.46 -11.31
C GLU D 206 -0.91 -23.41 -12.44
N GLY D 207 -0.43 -22.86 -13.57
CA GLY D 207 0.11 -23.63 -14.70
C GLY D 207 -0.96 -24.28 -15.57
N LYS D 208 -2.24 -24.00 -15.32
CA LYS D 208 -3.40 -24.58 -16.05
C LYS D 208 -4.20 -23.47 -16.74
N VAL D 209 -4.68 -23.71 -17.96
CA VAL D 209 -5.44 -22.70 -18.74
C VAL D 209 -6.94 -22.92 -18.55
N LEU D 210 -7.62 -21.93 -17.95
CA LEU D 210 -9.09 -21.87 -17.78
C LEU D 210 -9.68 -21.08 -18.94
N HIS D 211 -10.91 -21.43 -19.33
CA HIS D 211 -11.72 -20.72 -20.35
C HIS D 211 -13.06 -20.30 -19.73
N TYR D 212 -13.38 -19.01 -19.79
CA TYR D 212 -14.68 -18.44 -19.38
C TYR D 212 -15.40 -17.99 -20.65
N ARG D 213 -16.72 -18.22 -20.72
CA ARG D 213 -17.54 -17.78 -21.89
C ARG D 213 -17.82 -16.28 -21.70
N ILE D 214 -17.77 -15.48 -22.77
CA ILE D 214 -18.29 -14.08 -22.81
C ILE D 214 -19.36 -14.00 -23.91
N ASP D 215 -20.58 -13.60 -23.55
CA ASP D 215 -21.78 -13.60 -24.42
C ASP D 215 -22.33 -12.18 -24.56
N LYS D 216 -22.84 -11.87 -25.75
CA LYS D 216 -23.66 -10.67 -26.00
C LYS D 216 -25.12 -11.04 -25.70
N ASP D 217 -25.72 -10.43 -24.66
CA ASP D 217 -27.16 -10.62 -24.33
C ASP D 217 -27.98 -9.79 -25.34
N LYS D 218 -29.32 -9.84 -25.24
CA LYS D 218 -30.24 -9.27 -26.26
C LYS D 218 -30.15 -7.72 -26.27
N THR D 219 -29.65 -7.09 -25.19
CA THR D 219 -29.42 -5.63 -25.08
C THR D 219 -28.17 -5.18 -25.86
N GLY D 220 -27.21 -6.07 -26.11
CA GLY D 220 -25.88 -5.73 -26.67
C GLY D 220 -24.77 -5.68 -25.61
N LYS D 221 -25.09 -6.12 -24.39
CA LYS D 221 -24.17 -6.12 -23.22
C LYS D 221 -23.36 -7.42 -23.20
N LEU D 222 -22.05 -7.31 -23.05
CA LEU D 222 -21.11 -8.46 -22.89
C LEU D 222 -21.02 -8.85 -21.41
N SER D 223 -20.97 -10.15 -21.11
CA SER D 223 -20.72 -10.64 -19.74
C SER D 223 -20.30 -12.12 -19.74
N ILE D 224 -19.55 -12.50 -18.73
CA ILE D 224 -19.42 -13.88 -18.25
C ILE D 224 -20.71 -14.21 -17.52
N PRO D 225 -21.30 -15.41 -17.75
CA PRO D 225 -22.56 -15.79 -17.09
C PRO D 225 -22.58 -15.45 -15.60
N GLU D 226 -23.60 -14.70 -15.17
CA GLU D 226 -23.83 -14.27 -13.76
C GLU D 226 -22.87 -13.11 -13.38
N GLY D 227 -22.21 -12.52 -14.37
CA GLY D 227 -21.16 -11.51 -14.14
C GLY D 227 -21.63 -10.12 -14.44
N LYS D 228 -20.86 -9.11 -14.04
CA LYS D 228 -21.10 -7.69 -14.40
C LYS D 228 -21.25 -7.58 -15.92
N LYS D 229 -22.13 -6.71 -16.40
CA LYS D 229 -22.44 -6.48 -17.82
C LYS D 229 -21.77 -5.19 -18.30
N PHE D 230 -21.24 -5.20 -19.53
CA PHE D 230 -20.41 -4.11 -20.09
C PHE D 230 -20.88 -3.79 -21.52
N ASP D 231 -20.58 -2.59 -21.99
CA ASP D 231 -20.78 -2.20 -23.41
C ASP D 231 -19.60 -2.70 -24.27
N THR D 232 -18.38 -2.77 -23.74
CA THR D 232 -17.16 -3.08 -24.54
C THR D 232 -16.29 -4.11 -23.81
N LEU D 233 -15.49 -4.84 -24.57
CA LEU D 233 -14.49 -5.81 -24.04
C LEU D 233 -13.42 -5.05 -23.24
N TRP D 234 -13.01 -3.85 -23.66
CA TRP D 234 -11.95 -3.10 -22.94
C TRP D 234 -12.46 -2.71 -21.54
N GLN D 235 -13.76 -2.46 -21.38
CA GLN D 235 -14.37 -2.22 -20.05
C GLN D 235 -14.27 -3.51 -19.23
N LEU D 236 -14.63 -4.65 -19.83
CA LEU D 236 -14.64 -5.98 -19.17
C LEU D 236 -13.21 -6.28 -18.68
N VAL D 237 -12.22 -6.09 -19.54
CA VAL D 237 -10.80 -6.40 -19.22
C VAL D 237 -10.34 -5.48 -18.09
N GLU D 238 -10.69 -4.20 -18.12
CA GLU D 238 -10.24 -3.25 -17.08
C GLU D 238 -10.83 -3.72 -15.73
N HIS D 239 -12.08 -4.19 -15.72
CA HIS D 239 -12.78 -4.59 -14.48
C HIS D 239 -12.10 -5.83 -13.88
N TYR D 240 -11.89 -6.87 -14.69
CA TYR D 240 -11.34 -8.15 -14.19
C TYR D 240 -9.81 -8.06 -14.00
N SER D 241 -9.17 -6.96 -14.43
CA SER D 241 -7.76 -6.63 -14.08
C SER D 241 -7.66 -5.95 -12.71
N TYR D 242 -8.78 -5.43 -12.17
CA TYR D 242 -8.78 -4.73 -10.86
C TYR D 242 -9.07 -5.74 -9.76
N LYS D 243 -9.96 -6.69 -9.99
CA LYS D 243 -10.37 -7.69 -8.98
C LYS D 243 -10.88 -8.94 -9.71
N ALA D 244 -10.76 -10.09 -9.08
CA ALA D 244 -11.17 -11.39 -9.64
C ALA D 244 -12.67 -11.41 -9.88
N ASP D 245 -13.43 -10.90 -8.90
CA ASP D 245 -14.91 -10.74 -8.97
C ASP D 245 -15.53 -12.03 -9.52
N GLY D 246 -15.07 -13.19 -9.02
CA GLY D 246 -15.65 -14.50 -9.34
C GLY D 246 -14.74 -15.39 -10.17
N LEU D 247 -13.81 -14.81 -10.94
CA LEU D 247 -12.73 -15.57 -11.62
C LEU D 247 -11.86 -16.21 -10.53
N LEU D 248 -11.12 -17.28 -10.86
CA LEU D 248 -10.20 -17.92 -9.89
C LEU D 248 -9.07 -16.94 -9.55
N ARG D 249 -8.74 -15.98 -10.42
CA ARG D 249 -7.82 -14.90 -10.04
C ARG D 249 -7.93 -13.69 -10.97
N VAL D 250 -7.34 -12.58 -10.54
CA VAL D 250 -7.36 -11.28 -11.27
C VAL D 250 -6.54 -11.46 -12.55
N LEU D 251 -6.90 -10.76 -13.63
CA LEU D 251 -6.10 -10.74 -14.88
C LEU D 251 -4.84 -9.89 -14.63
N THR D 252 -3.68 -10.34 -15.13
CA THR D 252 -2.37 -9.63 -15.00
C THR D 252 -1.85 -9.28 -16.39
N VAL D 253 -0.88 -10.05 -16.90
CA VAL D 253 -0.13 -9.68 -18.14
C VAL D 253 -0.90 -10.21 -19.34
N PRO D 254 -1.14 -9.36 -20.35
CA PRO D 254 -1.80 -9.81 -21.57
C PRO D 254 -0.84 -10.72 -22.35
N CYS D 255 -1.34 -11.88 -22.77
CA CYS D 255 -0.55 -12.87 -23.53
C CYS D 255 -0.15 -12.23 -24.86
N GLN D 256 1.16 -12.12 -25.11
CA GLN D 256 1.78 -11.56 -26.35
C GLN D 256 1.33 -12.35 -27.59
N LYS D 257 1.10 -11.65 -28.70
CA LYS D 257 0.79 -12.26 -30.03
C LYS D 257 2.08 -12.74 -30.71
N ILE D 258 1.90 -13.42 -31.85
CA ILE D 258 2.95 -14.25 -32.54
C ILE D 258 2.84 -14.06 -34.06
N SER E 1 -11.22 31.03 -34.84
CA SER E 1 -10.79 30.53 -36.19
C SER E 1 -10.10 29.16 -36.10
N MET E 2 -9.44 28.81 -34.98
CA MET E 2 -9.16 27.39 -34.61
C MET E 2 -10.47 26.70 -34.20
N ALA E 3 -10.63 25.42 -34.57
CA ALA E 3 -11.84 24.62 -34.28
C ALA E 3 -12.02 24.52 -32.75
N ASP E 4 -10.92 24.35 -32.00
CA ASP E 4 -10.85 24.37 -30.51
C ASP E 4 -9.86 25.44 -29.99
N SER E 5 -10.01 25.84 -28.71
CA SER E 5 -9.10 26.77 -28.00
C SER E 5 -7.66 26.21 -28.01
N ALA E 6 -7.52 24.88 -27.79
CA ALA E 6 -6.24 24.13 -27.87
C ALA E 6 -6.03 23.55 -29.29
N ASN E 7 -4.77 23.55 -29.76
CA ASN E 7 -4.34 22.86 -31.01
C ASN E 7 -4.23 21.34 -30.74
N HIS E 8 -4.46 20.50 -31.75
CA HIS E 8 -4.58 19.02 -31.65
C HIS E 8 -3.92 18.28 -32.83
N LEU E 9 -3.26 19.00 -33.73
CA LEU E 9 -2.44 18.46 -34.87
C LEU E 9 -1.39 17.43 -34.42
N PRO E 10 -1.10 16.35 -35.17
CA PRO E 10 -0.14 15.34 -34.73
C PRO E 10 1.31 15.86 -34.65
N PHE E 11 1.58 17.01 -35.31
CA PHE E 11 2.92 17.63 -35.38
C PHE E 11 3.00 18.90 -34.53
N PHE E 12 2.02 19.10 -33.64
CA PHE E 12 1.99 20.21 -32.65
C PHE E 12 2.53 19.71 -31.31
N PHE E 13 3.53 20.40 -30.76
CA PHE E 13 4.30 19.97 -29.57
C PHE E 13 3.92 20.81 -28.36
N GLY E 14 2.94 21.70 -28.51
CA GLY E 14 2.63 22.67 -27.47
C GLY E 14 3.85 23.51 -27.14
N ASN E 15 4.12 23.69 -25.86
CA ASN E 15 4.98 24.77 -25.34
C ASN E 15 6.39 24.20 -25.13
N ILE E 16 6.99 23.67 -26.18
CA ILE E 16 8.42 23.25 -26.19
C ILE E 16 9.26 24.45 -26.61
N THR E 17 10.52 24.50 -26.18
CA THR E 17 11.46 25.60 -26.50
C THR E 17 12.01 25.43 -27.92
N ARG E 18 12.62 26.48 -28.46
CA ARG E 18 13.33 26.42 -29.75
C ARG E 18 14.28 25.22 -29.71
N GLU E 19 15.01 25.09 -28.60
CA GLU E 19 16.05 24.06 -28.44
C GLU E 19 15.41 22.65 -28.49
N GLU E 20 14.27 22.43 -27.82
CA GLU E 20 13.56 21.12 -27.82
C GLU E 20 13.06 20.85 -29.24
N ALA E 21 12.56 21.87 -29.94
CA ALA E 21 12.07 21.74 -31.33
C ALA E 21 13.22 21.30 -32.23
N GLU E 22 14.40 21.91 -32.07
CA GLU E 22 15.62 21.57 -32.86
C GLU E 22 16.04 20.13 -32.55
N ASP E 23 16.05 19.71 -31.29
CA ASP E 23 16.39 18.33 -30.85
C ASP E 23 15.43 17.34 -31.55
N TYR E 24 14.13 17.66 -31.67
CA TYR E 24 13.14 16.79 -32.35
C TYR E 24 13.43 16.75 -33.86
N LEU E 25 13.79 17.88 -34.47
CA LEU E 25 14.11 17.92 -35.93
C LEU E 25 15.38 17.09 -36.18
N VAL E 26 16.37 17.15 -35.28
CA VAL E 26 17.61 16.32 -35.37
C VAL E 26 17.17 14.85 -35.26
N GLN E 27 16.35 14.51 -34.25
CA GLN E 27 15.86 13.13 -34.04
C GLN E 27 15.12 12.65 -35.29
N GLY E 28 14.45 13.55 -36.03
CA GLY E 28 13.66 13.19 -37.21
C GLY E 28 14.48 13.21 -38.50
N GLY E 29 15.79 13.47 -38.42
CA GLY E 29 16.70 13.36 -39.58
C GLY E 29 17.11 14.71 -40.15
N MET E 30 16.51 15.82 -39.73
CA MET E 30 16.86 17.18 -40.25
C MET E 30 16.84 17.18 -41.79
N SER E 31 15.93 16.41 -42.38
CA SER E 31 15.68 16.36 -43.84
C SER E 31 15.04 17.68 -44.30
N ASP E 32 15.39 18.17 -45.49
CA ASP E 32 14.82 19.41 -46.06
C ASP E 32 13.29 19.33 -46.04
N GLY E 33 12.63 20.37 -45.51
CA GLY E 33 11.15 20.46 -45.45
C GLY E 33 10.54 19.65 -44.33
N LEU E 34 11.35 19.09 -43.43
CA LEU E 34 10.86 18.51 -42.16
C LEU E 34 10.48 19.68 -41.26
N TYR E 35 9.35 19.57 -40.57
CA TYR E 35 8.77 20.70 -39.80
C TYR E 35 7.93 20.17 -38.65
N LEU E 36 7.79 21.02 -37.64
CA LEU E 36 6.78 20.87 -36.57
C LEU E 36 6.22 22.26 -36.21
N LEU E 37 5.14 22.23 -35.44
CA LEU E 37 4.46 23.42 -34.87
C LEU E 37 4.62 23.38 -33.34
N ARG E 38 4.93 24.52 -32.74
CA ARG E 38 4.93 24.71 -31.29
C ARG E 38 4.11 25.94 -30.94
N GLN E 39 3.67 26.04 -29.69
CA GLN E 39 2.99 27.25 -29.16
C GLN E 39 4.06 28.32 -28.95
N SER E 40 3.79 29.55 -29.39
CA SER E 40 4.70 30.70 -29.18
C SER E 40 4.86 30.88 -27.68
N ARG E 41 6.08 31.16 -27.25
CA ARG E 41 6.38 31.36 -25.82
C ARG E 41 6.39 32.86 -25.50
N ASN E 42 6.28 33.75 -26.48
CA ASN E 42 6.35 35.21 -26.21
C ASN E 42 5.26 36.02 -26.94
N TYR E 43 4.42 35.37 -27.76
CA TYR E 43 3.23 36.01 -28.40
C TYR E 43 1.97 35.31 -27.94
N LEU E 44 1.13 36.03 -27.22
CA LEU E 44 -0.13 35.49 -26.68
C LEU E 44 -0.96 34.99 -27.86
N GLY E 45 -1.46 33.75 -27.76
CA GLY E 45 -2.30 33.13 -28.80
C GLY E 45 -1.50 32.79 -30.03
N GLY E 46 -0.18 33.02 -30.02
CA GLY E 46 0.71 32.79 -31.18
C GLY E 46 1.20 31.36 -31.27
N PHE E 47 1.80 31.02 -32.42
CA PHE E 47 2.47 29.73 -32.70
C PHE E 47 3.86 30.04 -33.28
N ALA E 48 4.69 29.01 -33.44
CA ALA E 48 5.98 29.08 -34.16
C ALA E 48 6.10 27.84 -35.07
N LEU E 49 6.51 28.07 -36.30
CA LEU E 49 6.77 27.04 -37.32
C LEU E 49 8.28 26.84 -37.35
N SER E 50 8.72 25.63 -36.99
CA SER E 50 10.14 25.20 -36.98
C SER E 50 10.34 24.20 -38.12
N VAL E 51 11.13 24.58 -39.13
CA VAL E 51 11.37 23.77 -40.34
C VAL E 51 12.87 23.63 -40.58
N ALA E 52 13.29 22.44 -41.00
CA ALA E 52 14.69 22.11 -41.40
C ALA E 52 14.87 22.37 -42.89
N HIS E 53 15.95 23.08 -43.22
CA HIS E 53 16.43 23.27 -44.61
C HIS E 53 17.91 23.65 -44.57
N GLY E 54 18.73 22.99 -45.40
CA GLY E 54 20.20 23.23 -45.48
C GLY E 54 20.89 22.71 -44.24
N ARG E 55 20.31 21.69 -43.61
CA ARG E 55 20.74 21.06 -42.32
C ARG E 55 20.81 22.12 -41.21
N LYS E 56 20.05 23.21 -41.34
CA LYS E 56 19.83 24.28 -40.32
C LYS E 56 18.34 24.30 -39.94
N ALA E 57 18.00 24.85 -38.77
CA ALA E 57 16.60 25.07 -38.34
C ALA E 57 16.21 26.52 -38.60
N HIS E 58 15.00 26.74 -39.09
CA HIS E 58 14.41 28.05 -39.41
C HIS E 58 13.09 28.17 -38.62
N HIS E 59 12.94 29.25 -37.86
CA HIS E 59 11.83 29.45 -36.89
C HIS E 59 11.04 30.70 -37.25
N TYR E 60 9.75 30.54 -37.50
CA TYR E 60 8.83 31.62 -37.91
C TYR E 60 7.76 31.76 -36.84
N THR E 61 7.55 32.97 -36.35
CA THR E 61 6.45 33.30 -35.42
C THR E 61 5.17 33.46 -36.23
N ILE E 62 4.13 32.72 -35.85
CA ILE E 62 2.77 32.86 -36.40
C ILE E 62 1.94 33.62 -35.36
N GLU E 63 1.58 34.88 -35.62
CA GLU E 63 0.77 35.70 -34.68
C GLU E 63 -0.73 35.41 -34.87
N ARG E 64 -1.50 35.53 -33.80
CA ARG E 64 -2.98 35.68 -33.85
C ARG E 64 -3.28 37.17 -34.10
N GLU E 65 -3.81 37.47 -35.28
CA GLU E 65 -4.29 38.81 -35.71
C GLU E 65 -5.55 39.17 -34.92
N LEU E 66 -5.91 40.45 -34.89
CA LEU E 66 -7.04 40.96 -34.07
C LEU E 66 -8.33 40.22 -34.42
N ASN E 67 -8.56 39.86 -35.68
CA ASN E 67 -9.82 39.19 -36.14
C ASN E 67 -9.84 37.68 -35.86
N GLY E 68 -8.83 37.10 -35.21
CA GLY E 68 -8.79 35.66 -34.87
C GLY E 68 -8.21 34.78 -35.98
N THR E 69 -7.63 35.38 -37.02
CA THR E 69 -6.86 34.70 -38.10
C THR E 69 -5.37 34.64 -37.68
N TYR E 70 -4.53 33.95 -38.45
CA TYR E 70 -3.09 33.71 -38.14
C TYR E 70 -2.23 34.12 -39.33
N ALA E 71 -1.06 34.71 -39.07
CA ALA E 71 -0.13 35.12 -40.14
C ALA E 71 1.30 35.21 -39.63
N ILE E 72 2.26 34.73 -40.40
CA ILE E 72 3.67 35.17 -40.27
C ILE E 72 3.72 36.64 -40.72
N ALA E 73 4.54 37.47 -40.06
CA ALA E 73 4.61 38.96 -40.24
C ALA E 73 4.61 39.30 -41.74
N GLY E 74 3.58 40.01 -42.21
CA GLY E 74 3.44 40.53 -43.58
C GLY E 74 2.98 39.47 -44.60
N GLY E 75 2.59 38.28 -44.15
CA GLY E 75 2.13 37.18 -45.03
C GLY E 75 0.62 37.20 -45.17
N ARG E 76 0.09 36.32 -46.01
CA ARG E 76 -1.36 36.06 -46.08
C ARG E 76 -1.84 35.64 -44.69
N THR E 77 -3.08 36.01 -44.32
CA THR E 77 -3.76 35.48 -43.13
C THR E 77 -4.34 34.10 -43.47
N HIS E 78 -4.53 33.24 -42.47
CA HIS E 78 -5.10 31.89 -42.59
C HIS E 78 -6.07 31.67 -41.43
N ALA E 79 -7.07 30.81 -41.61
CA ALA E 79 -8.14 30.56 -40.63
C ALA E 79 -7.53 29.99 -39.34
N SER E 80 -6.49 29.17 -39.49
CA SER E 80 -5.92 28.31 -38.42
C SER E 80 -4.47 28.01 -38.78
N PRO E 81 -3.64 27.61 -37.81
CA PRO E 81 -2.30 27.14 -38.11
C PRO E 81 -2.30 25.87 -38.98
N ALA E 82 -3.31 25.01 -38.86
CA ALA E 82 -3.50 23.83 -39.75
C ALA E 82 -3.55 24.28 -41.20
N ASP E 83 -4.39 25.28 -41.50
CA ASP E 83 -4.50 25.85 -42.87
C ASP E 83 -3.14 26.45 -43.28
N LEU E 84 -2.46 27.16 -42.36
CA LEU E 84 -1.19 27.83 -42.71
C LEU E 84 -0.20 26.76 -43.15
N CYS E 85 -0.13 25.65 -42.43
CA CYS E 85 0.87 24.58 -42.68
C CYS E 85 0.56 23.91 -44.02
N HIS E 86 -0.71 23.59 -44.28
CA HIS E 86 -1.14 22.89 -45.52
C HIS E 86 -0.87 23.77 -46.74
N TYR E 87 -1.19 25.06 -46.63
CA TYR E 87 -0.87 26.06 -47.67
C TYR E 87 0.63 26.05 -47.97
N HIS E 88 1.48 26.16 -46.94
CA HIS E 88 2.94 26.24 -47.16
C HIS E 88 3.49 24.89 -47.60
N SER E 89 2.65 23.84 -47.66
CA SER E 89 3.03 22.50 -48.22
C SER E 89 2.89 22.53 -49.75
N GLN E 90 2.21 23.56 -50.28
CA GLN E 90 1.86 23.70 -51.72
C GLN E 90 2.58 24.89 -52.33
N GLU E 91 2.67 26.02 -51.63
CA GLU E 91 3.40 27.23 -52.06
C GLU E 91 4.38 27.67 -50.96
N SER E 92 5.62 27.93 -51.34
CA SER E 92 6.66 28.46 -50.42
C SER E 92 6.23 29.85 -49.93
N ASP E 93 5.77 30.71 -50.84
CA ASP E 93 5.27 32.08 -50.58
C ASP E 93 6.09 32.77 -49.48
N GLY E 94 7.42 32.75 -49.59
CA GLY E 94 8.31 33.51 -48.69
C GLY E 94 9.10 32.61 -47.74
N LEU E 95 8.63 31.39 -47.49
CA LEU E 95 9.30 30.45 -46.55
C LEU E 95 10.59 29.94 -47.21
N VAL E 96 11.56 29.51 -46.42
CA VAL E 96 12.88 29.04 -46.91
C VAL E 96 12.68 27.86 -47.87
N CYS E 97 11.63 27.06 -47.67
CA CYS E 97 11.30 25.91 -48.55
C CYS E 97 9.84 25.48 -48.38
N LEU E 98 9.37 24.58 -49.23
CA LEU E 98 8.05 23.91 -49.08
C LEU E 98 8.10 23.08 -47.82
N LEU E 99 7.00 23.03 -47.07
CA LEU E 99 6.83 22.03 -46.00
C LEU E 99 6.56 20.69 -46.68
N LYS E 100 7.41 19.70 -46.45
CA LYS E 100 7.33 18.40 -47.15
C LYS E 100 6.85 17.34 -46.14
N LYS E 101 7.50 17.25 -44.97
CA LYS E 101 7.27 16.13 -44.02
C LYS E 101 7.04 16.65 -42.60
N PRO E 102 5.83 16.47 -42.03
CA PRO E 102 5.61 16.78 -40.62
C PRO E 102 6.43 15.81 -39.79
N PHE E 103 7.08 16.32 -38.74
CA PHE E 103 7.64 15.47 -37.68
C PHE E 103 6.58 15.40 -36.60
N ASN E 104 6.01 14.22 -36.38
CA ASN E 104 4.89 14.02 -35.45
C ASN E 104 5.43 13.74 -34.05
N ARG E 105 4.63 14.09 -33.04
CA ARG E 105 4.86 13.65 -31.64
C ARG E 105 5.11 12.14 -31.65
N PRO E 106 6.26 11.68 -31.09
CA PRO E 106 6.48 10.26 -30.88
C PRO E 106 5.30 9.67 -30.08
N GLN E 107 5.08 8.36 -30.14
CA GLN E 107 3.87 7.72 -29.57
C GLN E 107 3.83 8.03 -28.06
N GLY E 108 2.65 8.47 -27.56
CA GLY E 108 2.42 8.75 -26.13
C GLY E 108 3.09 10.04 -25.62
N VAL E 109 3.82 10.78 -26.46
CA VAL E 109 4.26 12.19 -26.17
C VAL E 109 3.09 13.12 -26.44
N GLN E 110 2.71 13.93 -25.44
CA GLN E 110 1.58 14.89 -25.49
C GLN E 110 2.15 16.30 -25.72
N PRO E 111 1.32 17.25 -26.20
CA PRO E 111 1.74 18.65 -26.28
C PRO E 111 2.10 19.12 -24.88
N LYS E 112 3.24 19.78 -24.74
CA LYS E 112 3.66 20.41 -23.46
C LYS E 112 2.73 21.61 -23.20
N THR E 113 2.43 21.86 -21.94
CA THR E 113 1.68 23.03 -21.42
C THR E 113 2.55 23.68 -20.34
N GLY E 114 2.35 24.95 -20.06
CA GLY E 114 3.00 25.64 -18.93
C GLY E 114 2.04 25.81 -17.76
N PRO E 115 2.51 26.38 -16.63
CA PRO E 115 1.64 26.70 -15.49
C PRO E 115 0.35 27.43 -15.87
N PHE E 116 0.48 28.52 -16.64
CA PHE E 116 -0.67 29.36 -17.08
C PHE E 116 -1.68 28.50 -17.87
N GLU E 117 -1.21 27.77 -18.87
CA GLU E 117 -2.08 26.92 -19.73
C GLU E 117 -2.83 25.88 -18.88
N ASP E 118 -2.25 25.41 -17.79
CA ASP E 118 -2.86 24.34 -16.95
C ASP E 118 -3.96 24.94 -16.08
N LEU E 119 -3.88 26.26 -15.75
CA LEU E 119 -4.96 26.85 -14.91
C LEU E 119 -5.93 27.69 -15.76
N LYS E 120 -5.69 27.88 -17.05
CA LYS E 120 -6.41 28.87 -17.89
C LYS E 120 -7.92 28.57 -17.95
N GLU E 121 -8.32 27.32 -18.25
CA GLU E 121 -9.75 26.98 -18.46
C GLU E 121 -10.53 27.18 -17.17
N ASN E 122 -9.95 26.77 -16.03
CA ASN E 122 -10.59 26.89 -14.70
C ASN E 122 -10.64 28.37 -14.27
N LEU E 123 -9.61 29.19 -14.51
CA LEU E 123 -9.64 30.65 -14.22
C LEU E 123 -10.83 31.31 -14.96
N ILE E 124 -11.02 30.95 -16.24
CA ILE E 124 -12.12 31.51 -17.08
C ILE E 124 -13.45 31.03 -16.50
N ARG E 125 -13.53 29.77 -16.09
CA ARG E 125 -14.78 29.15 -15.59
C ARG E 125 -15.16 29.84 -14.29
N GLU E 126 -14.19 30.07 -13.40
CA GLU E 126 -14.42 30.72 -12.09
C GLU E 126 -14.93 32.14 -12.34
N TYR E 127 -14.32 32.87 -13.29
CA TYR E 127 -14.73 34.25 -13.60
C TYR E 127 -16.19 34.33 -14.07
N VAL E 128 -16.58 33.48 -15.00
CA VAL E 128 -17.95 33.55 -15.59
C VAL E 128 -18.96 33.10 -14.53
N LYS E 129 -18.62 32.07 -13.75
CA LYS E 129 -19.47 31.50 -12.69
C LYS E 129 -19.78 32.58 -11.67
N GLN E 130 -18.76 33.32 -11.23
CA GLN E 130 -18.89 34.32 -10.14
C GLN E 130 -19.51 35.61 -10.69
N THR E 131 -19.19 36.03 -11.91
CA THR E 131 -19.76 37.27 -12.47
C THR E 131 -21.25 37.08 -12.81
N TRP E 132 -21.66 35.94 -13.38
CA TRP E 132 -22.97 35.81 -14.09
C TRP E 132 -23.85 34.81 -13.37
N ASN E 133 -23.35 34.17 -12.31
CA ASN E 133 -24.08 33.16 -11.50
C ASN E 133 -24.64 32.02 -12.39
N LEU E 134 -23.76 31.30 -13.08
CA LEU E 134 -24.12 30.23 -14.05
C LEU E 134 -23.52 28.88 -13.61
N GLN E 135 -24.18 27.78 -14.01
CA GLN E 135 -23.74 26.40 -13.74
C GLN E 135 -23.85 25.54 -15.01
N GLY E 136 -23.20 24.38 -14.99
CA GLY E 136 -23.38 23.29 -15.97
C GLY E 136 -23.32 23.78 -17.39
N GLN E 137 -24.25 23.33 -18.24
CA GLN E 137 -24.29 23.62 -19.69
C GLN E 137 -24.30 25.15 -19.89
N ALA E 138 -25.14 25.88 -19.17
CA ALA E 138 -25.31 27.34 -19.33
C ALA E 138 -23.94 28.04 -19.17
N LEU E 139 -23.19 27.66 -18.14
CA LEU E 139 -21.81 28.17 -17.90
C LEU E 139 -20.94 27.88 -19.14
N GLU E 140 -20.96 26.64 -19.61
CA GLU E 140 -20.15 26.18 -20.79
C GLU E 140 -20.54 26.99 -22.03
N GLN E 141 -21.82 27.28 -22.25
CA GLN E 141 -22.34 28.03 -23.42
C GLN E 141 -21.85 29.48 -23.33
N ALA E 142 -21.89 30.06 -22.13
CA ALA E 142 -21.47 31.47 -21.90
C ALA E 142 -19.96 31.63 -22.17
N ILE E 143 -19.16 30.68 -21.71
CA ILE E 143 -17.69 30.63 -21.95
C ILE E 143 -17.47 30.64 -23.47
N ILE E 144 -18.15 29.75 -24.19
CA ILE E 144 -17.96 29.57 -25.66
C ILE E 144 -18.36 30.87 -26.35
N SER E 145 -19.53 31.46 -26.00
CA SER E 145 -20.05 32.64 -26.69
C SER E 145 -19.07 33.84 -26.62
N GLN E 146 -18.28 33.97 -25.55
CA GLN E 146 -17.31 35.09 -25.42
C GLN E 146 -15.87 34.57 -25.28
N LYS E 147 -15.57 33.34 -25.71
CA LYS E 147 -14.26 32.67 -25.46
C LYS E 147 -13.11 33.61 -25.78
N PRO E 148 -13.03 34.25 -26.97
CA PRO E 148 -11.85 35.06 -27.31
C PRO E 148 -11.56 36.20 -26.32
N GLN E 149 -12.59 36.94 -25.89
CA GLN E 149 -12.47 38.11 -24.95
C GLN E 149 -12.10 37.59 -23.56
N LEU E 150 -12.74 36.51 -23.10
CA LEU E 150 -12.44 35.83 -21.82
C LEU E 150 -10.98 35.36 -21.78
N GLU E 151 -10.48 34.77 -22.89
CA GLU E 151 -9.07 34.30 -22.98
C GLU E 151 -8.14 35.48 -22.85
N LYS E 152 -8.45 36.62 -23.49
CA LYS E 152 -7.57 37.80 -23.45
C LYS E 152 -7.56 38.35 -22.02
N LEU E 153 -8.71 38.41 -21.34
CA LEU E 153 -8.83 39.01 -19.99
C LEU E 153 -8.04 38.16 -19.00
N ILE E 154 -8.30 36.85 -18.94
CA ILE E 154 -7.66 35.95 -17.93
C ILE E 154 -6.13 35.99 -18.15
N ALA E 155 -5.67 36.01 -19.42
CA ALA E 155 -4.23 36.09 -19.75
C ALA E 155 -3.57 37.35 -19.16
N THR E 156 -4.27 38.50 -19.15
CA THR E 156 -3.67 39.80 -18.75
C THR E 156 -3.69 39.95 -17.23
N THR E 157 -4.49 39.17 -16.52
CA THR E 157 -4.68 39.27 -15.04
C THR E 157 -4.11 38.05 -14.30
N ALA E 158 -3.84 36.91 -14.97
CA ALA E 158 -3.60 35.64 -14.24
C ALA E 158 -2.34 35.76 -13.37
N HIS E 159 -1.36 36.59 -13.78
CA HIS E 159 -0.09 36.80 -13.04
C HIS E 159 -0.36 37.25 -11.59
N GLU E 160 -1.38 38.08 -11.37
CA GLU E 160 -1.74 38.65 -10.04
C GLU E 160 -1.92 37.55 -8.99
N LYS E 161 -2.39 36.39 -9.40
CA LYS E 161 -2.79 35.26 -8.51
C LYS E 161 -1.64 34.24 -8.39
N MET E 162 -0.56 34.38 -9.16
CA MET E 162 0.50 33.35 -9.24
C MET E 162 1.52 33.59 -8.13
N PRO E 163 2.17 32.51 -7.65
CA PRO E 163 2.94 32.54 -6.40
C PRO E 163 4.15 33.47 -6.43
N TRP E 164 4.71 33.78 -7.60
CA TRP E 164 5.95 34.59 -7.72
C TRP E 164 5.62 36.09 -7.81
N PHE E 165 4.35 36.45 -7.91
CA PHE E 165 3.94 37.87 -8.10
C PHE E 165 3.53 38.49 -6.77
N HIS E 166 4.30 39.47 -6.29
CA HIS E 166 4.14 40.06 -4.93
C HIS E 166 3.50 41.45 -5.01
N GLY E 167 3.04 41.87 -6.19
CA GLY E 167 2.32 43.15 -6.37
C GLY E 167 3.22 44.35 -6.10
N LYS E 168 2.63 45.45 -5.62
CA LYS E 168 3.38 46.72 -5.37
C LYS E 168 3.97 46.66 -3.96
N ILE E 169 5.23 46.26 -3.85
CA ILE E 169 6.06 46.19 -2.64
C ILE E 169 7.40 46.84 -3.00
N SER E 170 8.10 47.42 -2.03
CA SER E 170 9.32 48.24 -2.29
C SER E 170 10.49 47.32 -2.61
N ARG E 171 11.54 47.87 -3.23
CA ARG E 171 12.86 47.22 -3.39
C ARG E 171 13.31 46.62 -2.04
N GLU E 172 13.14 47.39 -0.95
CA GLU E 172 13.64 47.00 0.39
CA GLU E 172 13.65 46.99 0.40
C GLU E 172 12.83 45.81 0.89
N GLU E 173 11.48 45.86 0.80
CA GLU E 173 10.61 44.74 1.24
CA GLU E 173 10.64 44.73 1.29
C GLU E 173 10.97 43.46 0.46
N SER E 174 11.33 43.62 -0.81
CA SER E 174 11.62 42.48 -1.71
C SER E 174 12.93 41.80 -1.25
N GLU E 175 13.99 42.57 -0.96
CA GLU E 175 15.28 42.00 -0.47
C GLU E 175 15.00 41.25 0.83
N GLN E 176 14.22 41.83 1.71
CA GLN E 176 13.89 41.27 3.04
C GLN E 176 13.16 39.94 2.87
N ILE E 177 12.14 39.88 2.03
CA ILE E 177 11.27 38.67 1.89
C ILE E 177 12.03 37.57 1.13
N VAL E 178 12.89 37.91 0.18
CA VAL E 178 13.71 36.91 -0.57
C VAL E 178 14.77 36.28 0.35
N LEU E 179 15.34 37.02 1.31
CA LEU E 179 16.45 36.58 2.18
C LEU E 179 15.93 35.76 3.39
N ILE E 180 14.62 35.72 3.63
CA ILE E 180 13.99 34.86 4.68
C ILE E 180 14.07 33.40 4.22
N GLY E 181 14.51 32.49 5.08
CA GLY E 181 14.40 31.04 4.83
C GLY E 181 15.58 30.54 4.01
N SER E 182 15.43 29.38 3.39
CA SER E 182 16.52 28.68 2.68
C SER E 182 17.01 29.58 1.55
N LYS E 183 18.30 29.89 1.48
CA LYS E 183 18.86 30.80 0.44
C LYS E 183 19.10 29.99 -0.84
N THR E 184 18.07 29.30 -1.32
CA THR E 184 18.08 28.53 -2.59
C THR E 184 18.45 29.45 -3.75
N ASN E 185 19.51 29.13 -4.49
CA ASN E 185 19.87 29.89 -5.72
C ASN E 185 18.70 29.85 -6.71
N GLY E 186 18.41 31.01 -7.31
CA GLY E 186 17.34 31.16 -8.31
C GLY E 186 16.00 31.47 -7.67
N LYS E 187 15.94 31.55 -6.34
CA LYS E 187 14.68 32.00 -5.67
C LYS E 187 14.37 33.41 -6.17
N PHE E 188 13.12 33.65 -6.56
CA PHE E 188 12.76 34.89 -7.30
C PHE E 188 11.34 35.32 -6.98
N LEU E 189 11.06 36.61 -7.17
CA LEU E 189 9.69 37.18 -7.24
C LEU E 189 9.67 38.29 -8.30
N ILE E 190 8.47 38.67 -8.72
CA ILE E 190 8.28 39.89 -9.54
C ILE E 190 7.39 40.84 -8.73
N ARG E 191 7.78 42.12 -8.70
CA ARG E 191 7.02 43.21 -8.05
C ARG E 191 6.71 44.30 -9.10
N ALA E 192 5.60 45.03 -8.90
CA ALA E 192 5.25 46.26 -9.63
C ALA E 192 6.09 47.43 -9.10
N ARG E 193 6.48 48.37 -9.97
CA ARG E 193 7.17 49.64 -9.64
C ARG E 193 6.19 50.84 -9.74
N ASP E 194 5.31 50.86 -10.74
CA ASP E 194 4.15 51.78 -10.84
C ASP E 194 2.93 50.94 -11.23
N ASN E 195 1.81 51.59 -11.57
CA ASN E 195 0.56 50.92 -12.04
C ASN E 195 0.54 50.89 -13.58
N ASN E 196 1.60 51.36 -14.24
CA ASN E 196 1.72 51.49 -15.72
C ASN E 196 2.63 50.39 -16.27
N GLY E 197 2.43 49.14 -15.83
CA GLY E 197 3.16 47.96 -16.35
C GLY E 197 4.67 48.15 -16.39
N SER E 198 5.25 48.78 -15.37
CA SER E 198 6.70 48.67 -15.07
C SER E 198 6.86 47.70 -13.90
N TYR E 199 7.83 46.77 -13.95
CA TYR E 199 8.05 45.73 -12.89
C TYR E 199 9.54 45.56 -12.61
N ALA E 200 9.86 44.78 -11.59
CA ALA E 200 11.23 44.28 -11.35
C ALA E 200 11.21 42.78 -11.06
N LEU E 201 12.23 42.08 -11.57
CA LEU E 201 12.53 40.67 -11.26
C LEU E 201 13.60 40.69 -10.15
N CYS E 202 13.29 40.09 -9.00
CA CYS E 202 14.23 39.99 -7.86
C CYS E 202 14.69 38.54 -7.72
N LEU E 203 15.99 38.31 -7.76
CA LEU E 203 16.61 36.99 -7.98
C LEU E 203 17.73 36.77 -6.96
N LEU E 204 17.70 35.65 -6.24
CA LEU E 204 18.76 35.29 -5.25
C LEU E 204 19.92 34.57 -5.96
N HIS E 205 21.11 35.15 -5.87
CA HIS E 205 22.36 34.63 -6.49
C HIS E 205 23.48 34.67 -5.44
N GLU E 206 23.90 33.50 -4.95
CA GLU E 206 25.03 33.33 -3.98
C GLU E 206 24.78 34.22 -2.75
N GLY E 207 23.58 34.17 -2.20
CA GLY E 207 23.20 34.87 -0.95
C GLY E 207 22.94 36.37 -1.14
N LYS E 208 22.97 36.87 -2.37
CA LYS E 208 22.75 38.31 -2.70
C LYS E 208 21.51 38.48 -3.61
N VAL E 209 20.72 39.53 -3.39
CA VAL E 209 19.47 39.78 -4.18
C VAL E 209 19.79 40.75 -5.32
N LEU E 210 19.63 40.28 -6.56
CA LEU E 210 19.72 41.09 -7.81
C LEU E 210 18.33 41.57 -8.19
N HIS E 211 18.25 42.76 -8.77
CA HIS E 211 17.02 43.38 -9.33
C HIS E 211 17.24 43.69 -10.81
N TYR E 212 16.39 43.15 -11.67
CA TYR E 212 16.37 43.45 -13.13
C TYR E 212 15.10 44.26 -13.41
N ARG E 213 15.21 45.31 -14.23
CA ARG E 213 14.05 46.16 -14.61
C ARG E 213 13.24 45.41 -15.68
N ILE E 214 11.91 45.44 -15.59
CA ILE E 214 11.00 44.93 -16.68
C ILE E 214 10.09 46.10 -17.10
N ASP E 215 10.11 46.46 -18.38
CA ASP E 215 9.46 47.68 -18.92
C ASP E 215 8.46 47.29 -20.02
N LYS E 216 7.32 47.98 -20.04
CA LYS E 216 6.30 47.91 -21.10
C LYS E 216 6.69 48.92 -22.17
N ASP E 217 7.00 48.47 -23.39
CA ASP E 217 7.21 49.37 -24.56
C ASP E 217 5.83 49.85 -25.04
N LYS E 218 5.76 50.69 -26.06
CA LYS E 218 4.52 51.39 -26.50
C LYS E 218 3.51 50.39 -27.10
N THR E 219 3.96 49.20 -27.52
CA THR E 219 3.09 48.11 -28.03
C THR E 219 2.36 47.37 -26.89
N GLY E 220 2.90 47.41 -25.68
CA GLY E 220 2.41 46.60 -24.55
C GLY E 220 3.32 45.41 -24.22
N LYS E 221 4.45 45.28 -24.91
CA LYS E 221 5.45 44.18 -24.78
C LYS E 221 6.41 44.43 -23.61
N LEU E 222 6.52 43.45 -22.71
CA LEU E 222 7.38 43.50 -21.49
C LEU E 222 8.75 42.93 -21.86
N SER E 223 9.82 43.53 -21.34
CA SER E 223 11.18 42.98 -21.46
C SER E 223 12.13 43.60 -20.43
N ILE E 224 13.14 42.83 -20.09
CA ILE E 224 14.41 43.32 -19.48
C ILE E 224 15.18 43.97 -20.63
N PRO E 225 15.78 45.16 -20.43
CA PRO E 225 16.46 45.86 -21.51
C PRO E 225 17.42 44.95 -22.29
N GLU E 226 17.25 44.93 -23.62
CA GLU E 226 18.06 44.13 -24.59
C GLU E 226 17.60 42.66 -24.57
N GLY E 227 16.51 42.35 -23.87
CA GLY E 227 16.06 40.96 -23.62
C GLY E 227 14.91 40.58 -24.54
N LYS E 228 14.59 39.30 -24.57
CA LYS E 228 13.39 38.79 -25.31
C LYS E 228 12.17 39.58 -24.86
N LYS E 229 11.23 39.84 -25.77
CA LYS E 229 9.98 40.58 -25.52
C LYS E 229 8.81 39.61 -25.39
N PHE E 230 7.89 39.89 -24.47
CA PHE E 230 6.75 39.02 -24.11
C PHE E 230 5.46 39.84 -24.04
N ASP E 231 4.31 39.19 -24.20
CA ASP E 231 2.99 39.83 -23.99
C ASP E 231 2.62 39.80 -22.51
N THR E 232 3.07 38.79 -21.74
CA THR E 232 2.67 38.60 -20.32
C THR E 232 3.89 38.28 -19.46
N LEU E 233 3.79 38.57 -18.17
CA LEU E 233 4.82 38.22 -17.16
C LEU E 233 4.90 36.70 -17.02
N TRP E 234 3.78 35.95 -17.11
CA TRP E 234 3.85 34.47 -16.97
C TRP E 234 4.68 33.87 -18.13
N GLN E 235 4.65 34.49 -19.30
CA GLN E 235 5.51 34.08 -20.43
C GLN E 235 6.97 34.34 -20.06
N LEU E 236 7.24 35.53 -19.52
CA LEU E 236 8.62 35.97 -19.16
C LEU E 236 9.16 34.97 -18.13
N VAL E 237 8.38 34.66 -17.12
CA VAL E 237 8.79 33.73 -16.02
C VAL E 237 9.07 32.35 -16.60
N GLU E 238 8.22 31.84 -17.50
CA GLU E 238 8.42 30.50 -18.09
C GLU E 238 9.76 30.47 -18.83
N HIS E 239 10.07 31.55 -19.55
CA HIS E 239 11.29 31.63 -20.40
C HIS E 239 12.53 31.63 -19.51
N TYR E 240 12.59 32.49 -18.50
CA TYR E 240 13.79 32.65 -17.64
C TYR E 240 13.87 31.51 -16.62
N SER E 241 12.84 30.67 -16.50
CA SER E 241 12.87 29.40 -15.72
C SER E 241 13.51 28.27 -16.55
N TYR E 242 13.60 28.41 -17.87
CA TYR E 242 14.20 27.37 -18.74
C TYR E 242 15.71 27.63 -18.90
N LYS E 243 16.10 28.89 -19.03
CA LYS E 243 17.50 29.28 -19.32
C LYS E 243 17.72 30.69 -18.77
N ALA E 244 18.96 30.99 -18.39
CA ALA E 244 19.34 32.29 -17.78
C ALA E 244 19.16 33.39 -18.84
N ASP E 245 19.61 33.11 -20.06
CA ASP E 245 19.47 34.00 -21.25
C ASP E 245 19.84 35.41 -20.86
N GLY E 246 20.95 35.58 -20.13
CA GLY E 246 21.53 36.90 -19.80
C GLY E 246 21.45 37.23 -18.32
N LEU E 247 20.51 36.62 -17.59
CA LEU E 247 20.47 36.66 -16.11
C LEU E 247 21.74 35.98 -15.60
N LEU E 248 22.14 36.25 -14.35
CA LEU E 248 23.28 35.56 -13.73
C LEU E 248 22.94 34.07 -13.54
N ARG E 249 21.66 33.73 -13.39
CA ARG E 249 21.26 32.30 -13.31
C ARG E 249 19.77 32.13 -13.60
N VAL E 250 19.39 30.89 -13.87
CA VAL E 250 18.00 30.48 -14.22
C VAL E 250 17.12 30.71 -12.98
N LEU E 251 15.85 31.06 -13.17
CA LEU E 251 14.86 31.17 -12.06
C LEU E 251 14.49 29.74 -11.60
N THR E 252 14.38 29.54 -10.28
CA THR E 252 14.03 28.22 -9.68
C THR E 252 12.73 28.38 -8.88
N VAL E 253 12.82 28.46 -7.55
CA VAL E 253 11.63 28.38 -6.67
C VAL E 253 11.05 29.77 -6.50
N PRO E 254 9.73 29.94 -6.69
CA PRO E 254 9.09 31.22 -6.46
C PRO E 254 9.10 31.53 -4.96
N CYS E 255 9.53 32.74 -4.61
CA CYS E 255 9.57 33.21 -3.21
C CYS E 255 8.11 33.27 -2.72
N GLN E 256 7.81 32.51 -1.65
CA GLN E 256 6.45 32.37 -1.08
C GLN E 256 6.00 33.71 -0.48
N LYS E 257 4.68 33.95 -0.56
CA LYS E 257 3.97 35.15 -0.03
C LYS E 257 3.21 34.76 1.26
N SER F 1 12.69 14.81 31.47
CA SER F 1 12.26 16.26 31.45
C SER F 1 13.48 17.19 31.68
N MET F 2 14.48 17.03 30.81
CA MET F 2 15.64 17.98 30.59
C MET F 2 15.79 18.36 29.09
N ALA F 3 16.83 17.88 28.40
CA ALA F 3 16.87 17.81 26.92
C ALA F 3 15.63 17.02 26.40
N ASP F 4 15.26 15.96 27.11
CA ASP F 4 14.06 15.09 26.93
C ASP F 4 12.75 15.91 26.91
N SER F 5 12.56 16.83 27.86
CA SER F 5 11.34 17.60 28.14
C SER F 5 10.80 18.28 26.86
N ALA F 6 11.72 18.83 26.06
CA ALA F 6 11.46 19.58 24.80
C ALA F 6 10.80 18.67 23.75
N ASN F 7 11.11 17.37 23.72
CA ASN F 7 10.55 16.40 22.73
C ASN F 7 9.03 16.27 22.86
N HIS F 8 8.47 16.55 24.05
CA HIS F 8 7.00 16.49 24.30
C HIS F 8 6.29 17.74 23.78
N LEU F 9 7.01 18.83 23.52
CA LEU F 9 6.40 20.07 22.99
C LEU F 9 6.06 19.82 21.52
N PRO F 10 4.80 20.08 21.13
CA PRO F 10 4.39 19.91 19.74
C PRO F 10 5.04 20.97 18.83
N PHE F 11 5.61 22.05 19.40
CA PHE F 11 6.25 23.16 18.65
C PHE F 11 7.78 23.10 18.74
N PHE F 12 8.34 21.97 19.19
CA PHE F 12 9.81 21.71 19.20
C PHE F 12 10.21 20.90 17.96
N PHE F 13 11.19 21.39 17.20
CA PHE F 13 11.58 20.84 15.87
C PHE F 13 12.92 20.12 15.97
N GLY F 14 13.48 20.01 17.18
CA GLY F 14 14.84 19.50 17.36
C GLY F 14 15.84 20.30 16.56
N ASN F 15 16.73 19.63 15.84
CA ASN F 15 17.96 20.22 15.28
C ASN F 15 17.69 20.65 13.84
N ILE F 16 16.75 21.57 13.65
CA ILE F 16 16.56 22.30 12.36
C ILE F 16 17.44 23.55 12.37
N THR F 17 17.80 24.04 11.19
CA THR F 17 18.62 25.27 11.03
C THR F 17 17.74 26.51 11.21
N ARG F 18 18.39 27.66 11.40
CA ARG F 18 17.70 28.97 11.39
C ARG F 18 16.82 29.05 10.15
N GLU F 19 17.39 28.67 9.01
CA GLU F 19 16.72 28.79 7.69
C GLU F 19 15.48 27.89 7.66
N GLU F 20 15.55 26.65 8.15
CA GLU F 20 14.40 25.72 8.18
C GLU F 20 13.33 26.29 9.11
N ALA F 21 13.74 26.85 10.25
CA ALA F 21 12.81 27.47 11.23
C ALA F 21 12.06 28.63 10.56
N GLU F 22 12.78 29.48 9.80
CA GLU F 22 12.20 30.64 9.09
C GLU F 22 11.21 30.13 8.02
N ASP F 23 11.56 29.10 7.26
CA ASP F 23 10.70 28.48 6.23
C ASP F 23 9.40 28.00 6.89
N TYR F 24 9.47 27.39 8.09
CA TYR F 24 8.27 26.92 8.83
C TYR F 24 7.43 28.12 9.30
N LEU F 25 8.07 29.20 9.78
CA LEU F 25 7.31 30.40 10.22
C LEU F 25 6.61 31.03 9.01
N VAL F 26 7.24 31.06 7.85
CA VAL F 26 6.61 31.56 6.61
C VAL F 26 5.43 30.64 6.26
N GLN F 27 5.64 29.32 6.29
CA GLN F 27 4.58 28.31 6.00
C GLN F 27 3.42 28.51 6.98
N GLY F 28 3.69 28.96 8.21
CA GLY F 28 2.65 29.12 9.24
C GLY F 28 2.02 30.50 9.24
N GLY F 29 2.39 31.36 8.28
CA GLY F 29 1.73 32.67 8.07
C GLY F 29 2.56 33.85 8.54
N MET F 30 3.65 33.64 9.27
CA MET F 30 4.52 34.74 9.76
C MET F 30 3.64 35.79 10.48
N SER F 31 2.59 35.34 11.16
CA SER F 31 1.70 36.18 12.01
C SER F 31 2.48 36.64 13.25
N ASP F 32 2.27 37.87 13.70
CA ASP F 32 2.95 38.43 14.90
C ASP F 32 2.76 37.47 16.08
N GLY F 33 3.84 37.11 16.76
CA GLY F 33 3.82 36.22 17.95
C GLY F 33 3.68 34.74 17.61
N LEU F 34 3.81 34.39 16.33
CA LEU F 34 4.00 32.98 15.90
C LEU F 34 5.43 32.59 16.26
N TYR F 35 5.61 31.40 16.82
CA TYR F 35 6.92 30.98 17.38
C TYR F 35 7.03 29.47 17.33
N LEU F 36 8.29 29.01 17.30
CA LEU F 36 8.65 27.59 17.51
C LEU F 36 9.94 27.54 18.33
N LEU F 37 10.24 26.35 18.82
CA LEU F 37 11.47 26.01 19.56
C LEU F 37 12.31 25.04 18.72
N ARG F 38 13.61 25.27 18.67
CA ARG F 38 14.59 24.34 18.05
C ARG F 38 15.74 24.10 19.03
N GLN F 39 16.50 23.04 18.83
CA GLN F 39 17.74 22.76 19.58
C GLN F 39 18.81 23.75 19.11
N SER F 40 19.55 24.36 20.04
CA SER F 40 20.70 25.24 19.69
C SER F 40 21.70 24.39 18.92
N ARG F 41 22.28 24.94 17.87
CA ARG F 41 23.27 24.19 17.06
C ARG F 41 24.69 24.61 17.47
N ASN F 42 24.85 25.59 18.38
CA ASN F 42 26.21 26.05 18.78
C ASN F 42 26.36 26.20 20.31
N TYR F 43 25.31 26.00 21.10
CA TYR F 43 25.37 25.97 22.58
C TYR F 43 24.93 24.58 23.06
N LEU F 44 25.86 23.86 23.66
CA LEU F 44 25.60 22.50 24.16
C LEU F 44 24.46 22.56 25.16
N GLY F 45 23.46 21.69 25.02
CA GLY F 45 22.27 21.63 25.89
C GLY F 45 21.37 22.83 25.77
N GLY F 46 21.68 23.73 24.83
CA GLY F 46 20.91 24.98 24.60
C GLY F 46 19.70 24.76 23.69
N PHE F 47 18.83 25.77 23.61
CA PHE F 47 17.67 25.88 22.69
C PHE F 47 17.74 27.23 21.97
N ALA F 48 16.91 27.41 20.95
CA ALA F 48 16.68 28.71 20.28
C ALA F 48 15.17 28.91 20.11
N LEU F 49 14.70 30.09 20.49
CA LEU F 49 13.30 30.55 20.31
C LEU F 49 13.29 31.40 19.04
N SER F 50 12.53 30.93 18.04
CA SER F 50 12.32 31.61 16.73
C SER F 50 10.89 32.13 16.70
N VAL F 51 10.72 33.45 16.67
CA VAL F 51 9.39 34.11 16.75
C VAL F 51 9.27 35.14 15.62
N ALA F 52 8.09 35.22 15.00
CA ALA F 52 7.73 36.19 13.95
C ALA F 52 7.15 37.45 14.58
N HIS F 53 7.64 38.61 14.15
CA HIS F 53 7.06 39.94 14.47
C HIS F 53 7.55 40.96 13.44
N GLY F 54 6.63 41.75 12.89
CA GLY F 54 6.94 42.79 11.88
C GLY F 54 7.29 42.15 10.54
N ARG F 55 6.71 40.96 10.29
CA ARG F 55 6.96 40.09 9.11
C ARG F 55 8.46 39.75 8.99
N LYS F 56 9.20 39.81 10.10
CA LYS F 56 10.63 39.42 10.26
C LYS F 56 10.72 38.27 11.27
N ALA F 57 11.79 37.49 11.22
CA ALA F 57 12.08 36.42 12.22
C ALA F 57 13.08 36.96 13.23
N HIS F 58 12.86 36.64 14.51
CA HIS F 58 13.73 37.02 15.65
C HIS F 58 14.14 35.74 16.36
N HIS F 59 15.45 35.55 16.56
CA HIS F 59 16.04 34.30 17.09
C HIS F 59 16.77 34.57 18.40
N TYR F 60 16.36 33.89 19.47
CA TYR F 60 16.91 34.05 20.83
C TYR F 60 17.55 32.73 21.23
N THR F 61 18.81 32.77 21.64
CA THR F 61 19.49 31.58 22.21
C THR F 61 19.04 31.43 23.66
N ILE F 62 18.54 30.25 24.01
CA ILE F 62 18.22 29.85 25.40
C ILE F 62 19.35 28.94 25.87
N GLU F 63 20.22 29.40 26.77
CA GLU F 63 21.35 28.59 27.29
C GLU F 63 20.86 27.71 28.44
N ARG F 64 21.50 26.56 28.62
CA ARG F 64 21.46 25.78 29.88
C ARG F 64 22.53 26.36 30.81
N GLU F 65 22.07 27.03 31.88
CA GLU F 65 22.90 27.61 32.95
C GLU F 65 23.54 26.46 33.76
N LEU F 66 24.59 26.79 34.52
CA LEU F 66 25.37 25.78 35.27
C LEU F 66 24.46 24.96 36.20
N ASN F 67 23.45 25.58 36.80
CA ASN F 67 22.52 24.95 37.79
C ASN F 67 21.42 24.10 37.14
N GLY F 68 21.39 23.95 35.81
CA GLY F 68 20.39 23.11 35.09
C GLY F 68 19.10 23.84 34.76
N THR F 69 19.06 25.17 34.96
CA THR F 69 17.96 26.08 34.55
C THR F 69 18.25 26.61 33.14
N TYR F 70 17.31 27.34 32.54
CA TYR F 70 17.41 27.88 31.17
C TYR F 70 17.14 29.39 31.20
N ALA F 71 17.86 30.15 30.37
CA ALA F 71 17.70 31.61 30.28
C ALA F 71 18.20 32.12 28.93
N ILE F 72 17.45 33.03 28.32
CA ILE F 72 18.01 33.99 27.33
C ILE F 72 18.99 34.90 28.05
N ALA F 73 20.11 35.29 27.43
CA ALA F 73 21.19 36.10 28.07
C ALA F 73 20.56 37.31 28.79
N GLY F 74 20.74 37.40 30.11
CA GLY F 74 20.28 38.52 30.96
C GLY F 74 18.80 38.45 31.34
N GLY F 75 18.10 37.35 31.00
CA GLY F 75 16.69 37.15 31.33
C GLY F 75 16.52 36.39 32.63
N ARG F 76 15.29 36.26 33.10
CA ARG F 76 14.96 35.38 34.24
C ARG F 76 15.36 33.95 33.85
N THR F 77 15.77 33.14 34.82
CA THR F 77 15.98 31.68 34.65
C THR F 77 14.62 30.97 34.76
N HIS F 78 14.47 29.82 34.13
CA HIS F 78 13.24 29.00 34.11
C HIS F 78 13.63 27.53 34.22
N ALA F 79 12.74 26.69 34.74
CA ALA F 79 13.01 25.26 35.03
C ALA F 79 13.28 24.52 33.71
N SER F 80 12.63 24.92 32.63
CA SER F 80 12.62 24.22 31.32
C SER F 80 12.35 25.24 30.22
N PRO F 81 12.67 24.93 28.94
CA PRO F 81 12.29 25.80 27.84
C PRO F 81 10.76 25.89 27.68
N ALA F 82 10.02 24.83 28.03
CA ALA F 82 8.53 24.86 28.06
C ALA F 82 8.07 26.01 28.96
N ASP F 83 8.60 26.09 30.18
CA ASP F 83 8.27 27.17 31.16
C ASP F 83 8.68 28.52 30.57
N LEU F 84 9.84 28.60 29.91
CA LEU F 84 10.33 29.90 29.35
C LEU F 84 9.28 30.38 28.35
N CYS F 85 8.80 29.49 27.48
CA CYS F 85 7.84 29.83 26.40
C CYS F 85 6.51 30.29 27.01
N HIS F 86 6.00 29.55 28.00
CA HIS F 86 4.69 29.84 28.65
C HIS F 86 4.75 31.19 29.36
N TYR F 87 5.85 31.46 30.07
CA TYR F 87 6.08 32.75 30.73
C TYR F 87 6.03 33.88 29.69
N HIS F 88 6.78 33.76 28.59
CA HIS F 88 6.84 34.82 27.56
C HIS F 88 5.52 34.90 26.78
N SER F 89 4.55 34.01 27.06
CA SER F 89 3.18 34.07 26.49
C SER F 89 2.32 34.98 27.36
N GLN F 90 2.80 35.36 28.53
CA GLN F 90 2.07 36.17 29.56
C GLN F 90 2.72 37.55 29.69
N GLU F 91 4.05 37.61 29.73
CA GLU F 91 4.84 38.87 29.80
C GLU F 91 5.89 38.86 28.68
N SER F 92 6.01 39.95 27.94
CA SER F 92 7.08 40.16 26.93
C SER F 92 8.43 40.16 27.65
N ASP F 93 8.55 40.89 28.76
CA ASP F 93 9.75 40.96 29.65
C ASP F 93 11.04 40.98 28.81
N GLY F 94 11.10 41.83 27.79
CA GLY F 94 12.33 42.07 27.00
C GLY F 94 12.26 41.50 25.59
N LEU F 95 11.37 40.55 25.34
CA LEU F 95 11.21 39.92 24.00
C LEU F 95 10.55 40.94 23.07
N VAL F 96 10.77 40.81 21.77
CA VAL F 96 10.25 41.77 20.77
C VAL F 96 8.71 41.78 20.81
N CYS F 97 8.06 40.69 21.22
CA CYS F 97 6.59 40.65 21.42
C CYS F 97 6.18 39.48 22.34
N LEU F 98 4.92 39.43 22.73
CA LEU F 98 4.30 38.28 23.44
C LEU F 98 4.33 37.10 22.49
N LEU F 99 4.59 35.91 23.01
CA LEU F 99 4.36 34.66 22.24
C LEU F 99 2.86 34.41 22.25
N LYS F 100 2.24 34.38 21.07
CA LYS F 100 0.75 34.27 20.95
C LYS F 100 0.41 32.86 20.46
N LYS F 101 1.02 32.41 19.36
CA LYS F 101 0.63 31.16 18.67
C LYS F 101 1.84 30.26 18.39
N PRO F 102 1.89 29.05 19.01
CA PRO F 102 2.91 28.07 18.65
C PRO F 102 2.67 27.60 17.21
N PHE F 103 3.73 27.50 16.42
CA PHE F 103 3.70 26.76 15.13
C PHE F 103 4.11 25.32 15.42
N ASN F 104 3.19 24.37 15.27
CA ASN F 104 3.45 22.95 15.62
C ASN F 104 4.06 22.20 14.44
N ARG F 105 4.84 21.15 14.74
CA ARG F 105 5.31 20.15 13.76
C ARG F 105 4.09 19.69 12.95
N PRO F 106 4.14 19.82 11.61
CA PRO F 106 3.13 19.19 10.74
C PRO F 106 3.04 17.69 11.07
N GLN F 107 1.92 17.06 10.72
CA GLN F 107 1.63 15.64 11.03
C GLN F 107 2.76 14.78 10.47
N GLY F 108 3.27 13.85 11.28
CA GLY F 108 4.32 12.88 10.89
C GLY F 108 5.71 13.49 10.82
N VAL F 109 5.89 14.81 10.99
CA VAL F 109 7.23 15.46 11.13
C VAL F 109 7.70 15.27 12.58
N GLN F 110 8.89 14.70 12.76
CA GLN F 110 9.50 14.42 14.09
C GLN F 110 10.56 15.48 14.37
N PRO F 111 10.96 15.66 15.64
CA PRO F 111 12.11 16.51 15.95
C PRO F 111 13.35 15.93 15.27
N LYS F 112 14.10 16.75 14.55
CA LYS F 112 15.35 16.33 13.89
C LYS F 112 16.42 16.07 14.96
N THR F 113 17.30 15.11 14.70
CA THR F 113 18.50 14.80 15.52
C THR F 113 19.74 14.88 14.61
N GLY F 114 20.92 15.10 15.16
CA GLY F 114 22.16 15.05 14.35
C GLY F 114 22.96 13.78 14.58
N PRO F 115 24.09 13.63 13.85
CA PRO F 115 25.00 12.51 14.08
C PRO F 115 25.35 12.24 15.55
N PHE F 116 25.75 13.28 16.28
CA PHE F 116 26.16 13.18 17.70
C PHE F 116 24.99 12.67 18.55
N GLU F 117 23.81 13.26 18.41
CA GLU F 117 22.61 12.86 19.20
C GLU F 117 22.32 11.36 18.96
N ASP F 118 22.58 10.85 17.77
CA ASP F 118 22.24 9.45 17.39
C ASP F 118 23.27 8.48 18.01
N LEU F 119 24.49 8.94 18.30
CA LEU F 119 25.60 8.12 18.85
C LEU F 119 25.71 8.25 20.37
N LYS F 120 25.09 9.27 20.96
CA LYS F 120 25.38 9.75 22.34
C LYS F 120 25.14 8.63 23.41
N GLU F 121 24.02 7.92 23.34
CA GLU F 121 23.61 6.90 24.35
C GLU F 121 24.62 5.75 24.36
N ASN F 122 25.05 5.30 23.18
CA ASN F 122 26.02 4.18 23.05
C ASN F 122 27.41 4.65 23.48
N LEU F 123 27.82 5.87 23.16
CA LEU F 123 29.11 6.44 23.65
C LEU F 123 29.15 6.42 25.19
N ILE F 124 28.05 6.79 25.84
CA ILE F 124 27.95 6.81 27.33
C ILE F 124 28.04 5.36 27.84
N ARG F 125 27.38 4.43 27.16
CA ARG F 125 27.39 2.99 27.57
C ARG F 125 28.83 2.45 27.49
N GLU F 126 29.54 2.76 26.41
CA GLU F 126 30.94 2.32 26.19
C GLU F 126 31.82 2.91 27.31
N TYR F 127 31.62 4.19 27.65
CA TYR F 127 32.40 4.87 28.70
C TYR F 127 32.21 4.19 30.07
N VAL F 128 30.99 3.89 30.47
CA VAL F 128 30.74 3.29 31.82
C VAL F 128 31.26 1.83 31.83
N LYS F 129 31.18 1.08 30.73
CA LYS F 129 31.75 -0.29 30.60
C LYS F 129 33.26 -0.21 30.87
N GLN F 130 33.93 0.74 30.24
CA GLN F 130 35.38 1.00 30.39
C GLN F 130 35.76 1.55 31.79
N THR F 131 34.98 2.44 32.41
CA THR F 131 35.42 3.34 33.52
C THR F 131 34.83 2.96 34.89
N TRP F 132 33.57 2.55 34.94
CA TRP F 132 32.79 2.38 36.21
C TRP F 132 32.66 0.90 36.61
N ASN F 133 33.16 0.56 37.81
CA ASN F 133 32.88 -0.74 38.47
C ASN F 133 31.48 -0.71 39.11
N LEU F 134 30.43 -0.51 38.31
CA LEU F 134 29.02 -0.74 38.69
C LEU F 134 28.42 -1.78 37.74
N GLN F 135 27.44 -2.55 38.25
CA GLN F 135 26.72 -3.61 37.49
C GLN F 135 25.23 -3.53 37.80
N GLY F 136 24.42 -4.24 37.01
CA GLY F 136 22.98 -4.47 37.25
C GLY F 136 22.26 -3.18 37.54
N GLN F 137 21.39 -3.21 38.56
CA GLN F 137 20.51 -2.08 38.97
C GLN F 137 21.38 -0.85 39.24
N ALA F 138 22.46 -1.02 40.00
CA ALA F 138 23.32 0.09 40.47
C ALA F 138 23.83 0.87 39.26
N LEU F 139 24.30 0.16 38.22
CA LEU F 139 24.74 0.76 36.93
C LEU F 139 23.61 1.60 36.34
N GLU F 140 22.42 1.02 36.24
CA GLU F 140 21.23 1.64 35.62
C GLU F 140 20.90 2.93 36.38
N GLN F 141 20.93 2.89 37.71
CA GLN F 141 20.62 4.03 38.59
C GLN F 141 21.65 5.14 38.41
N ALA F 142 22.93 4.77 38.33
CA ALA F 142 24.07 5.71 38.23
C ALA F 142 24.00 6.46 36.90
N ILE F 143 23.71 5.75 35.81
CA ILE F 143 23.56 6.38 34.47
C ILE F 143 22.46 7.44 34.57
N ILE F 144 21.31 7.10 35.13
CA ILE F 144 20.14 8.04 35.23
C ILE F 144 20.53 9.23 36.14
N SER F 145 21.07 8.95 37.32
CA SER F 145 21.32 9.99 38.36
C SER F 145 22.50 10.86 37.95
N GLN F 146 23.35 10.39 37.03
CA GLN F 146 24.55 11.10 36.55
C GLN F 146 24.45 11.41 35.05
N LYS F 147 23.25 11.29 34.46
CA LYS F 147 23.01 11.56 33.02
C LYS F 147 23.61 12.92 32.64
N PRO F 148 23.33 14.03 33.36
CA PRO F 148 23.82 15.35 32.93
C PRO F 148 25.35 15.43 32.80
N GLN F 149 26.10 14.91 33.78
CA GLN F 149 27.60 14.93 33.81
C GLN F 149 28.16 14.01 32.70
N LEU F 150 27.58 12.81 32.53
CA LEU F 150 27.91 11.85 31.44
C LEU F 150 27.72 12.53 30.08
N GLU F 151 26.60 13.23 29.88
CA GLU F 151 26.30 13.94 28.61
C GLU F 151 27.36 15.03 28.36
N LYS F 152 27.76 15.77 29.39
CA LYS F 152 28.78 16.85 29.23
C LYS F 152 30.12 16.23 28.83
N LEU F 153 30.50 15.12 29.47
CA LEU F 153 31.83 14.50 29.22
C LEU F 153 31.87 13.93 27.80
N ILE F 154 30.88 13.11 27.43
CA ILE F 154 30.82 12.42 26.12
C ILE F 154 30.77 13.49 25.03
N ALA F 155 30.06 14.59 25.22
CA ALA F 155 30.01 15.72 24.26
C ALA F 155 31.41 16.28 23.95
N THR F 156 32.30 16.39 24.95
CA THR F 156 33.63 17.05 24.79
C THR F 156 34.64 16.09 24.17
N THR F 157 34.38 14.78 24.21
CA THR F 157 35.30 13.69 23.73
C THR F 157 34.75 12.95 22.48
N ALA F 158 33.48 13.10 22.13
CA ALA F 158 32.81 12.27 21.10
C ALA F 158 33.47 12.44 19.74
N HIS F 159 34.03 13.62 19.46
CA HIS F 159 34.73 13.94 18.18
C HIS F 159 35.84 12.92 17.92
N GLU F 160 36.56 12.46 18.95
CA GLU F 160 37.73 11.54 18.84
C GLU F 160 37.34 10.27 18.08
N LYS F 161 36.09 9.84 18.18
CA LYS F 161 35.59 8.55 17.65
C LYS F 161 34.92 8.76 16.28
N MET F 162 34.74 10.00 15.83
CA MET F 162 33.95 10.29 14.60
C MET F 162 34.85 10.24 13.38
N PRO F 163 34.29 9.89 12.21
CA PRO F 163 35.08 9.52 11.03
C PRO F 163 35.96 10.64 10.48
N TRP F 164 35.62 11.90 10.70
CA TRP F 164 36.32 13.07 10.10
C TRP F 164 37.46 13.53 11.01
N PHE F 165 37.61 12.95 12.20
CA PHE F 165 38.66 13.36 13.17
C PHE F 165 39.86 12.43 13.08
N HIS F 166 41.02 12.96 12.65
CA HIS F 166 42.23 12.14 12.36
C HIS F 166 43.30 12.31 13.45
N GLY F 167 42.96 12.95 14.55
CA GLY F 167 43.88 13.13 15.69
C GLY F 167 45.03 14.05 15.34
N LYS F 168 46.17 13.84 15.99
CA LYS F 168 47.39 14.67 15.83
C LYS F 168 48.20 14.13 14.64
N ILE F 169 48.02 14.75 13.48
CA ILE F 169 48.76 14.45 12.22
C ILE F 169 49.24 15.80 11.69
N SER F 170 50.32 15.82 10.90
CA SER F 170 50.92 17.06 10.39
C SER F 170 50.04 17.64 9.27
N ARG F 171 50.23 18.92 8.97
CA ARG F 171 49.69 19.57 7.75
C ARG F 171 50.01 18.72 6.52
N GLU F 172 51.23 18.19 6.42
CA GLU F 172 51.70 17.45 5.22
C GLU F 172 50.95 16.12 5.16
N GLU F 173 50.85 15.37 6.26
CA GLU F 173 50.11 14.08 6.28
C GLU F 173 48.66 14.31 5.86
N SER F 174 48.08 15.46 6.26
CA SER F 174 46.66 15.78 6.00
C SER F 174 46.47 16.01 4.48
N GLU F 175 47.35 16.79 3.83
CA GLU F 175 47.26 17.05 2.38
C GLU F 175 47.36 15.71 1.63
N GLN F 176 48.28 14.86 2.07
CA GLN F 176 48.56 13.55 1.43
C GLN F 176 47.32 12.66 1.54
N ILE F 177 46.71 12.57 2.71
CA ILE F 177 45.58 11.61 2.97
C ILE F 177 44.30 12.15 2.30
N VAL F 178 44.11 13.46 2.22
CA VAL F 178 42.93 14.07 1.55
C VAL F 178 43.01 13.88 0.02
N LEU F 179 44.22 13.92 -0.57
CA LEU F 179 44.44 13.86 -2.05
C LEU F 179 44.44 12.42 -2.56
N ILE F 180 44.45 11.41 -1.69
CA ILE F 180 44.29 9.97 -2.10
C ILE F 180 42.83 9.75 -2.54
N GLY F 181 42.63 9.09 -3.67
CA GLY F 181 41.30 8.59 -4.08
C GLY F 181 40.50 9.67 -4.78
N SER F 182 39.19 9.50 -4.82
CA SER F 182 38.26 10.37 -5.58
C SER F 182 38.41 11.79 -5.03
N LYS F 183 38.66 12.78 -5.89
CA LYS F 183 38.88 14.19 -5.46
C LYS F 183 37.50 14.86 -5.32
N THR F 184 36.62 14.25 -4.53
CA THR F 184 35.27 14.79 -4.22
C THR F 184 35.40 16.18 -3.60
N ASN F 185 34.81 17.21 -4.20
CA ASN F 185 34.78 18.57 -3.59
C ASN F 185 34.09 18.49 -2.22
N GLY F 186 34.67 19.18 -1.23
CA GLY F 186 34.14 19.22 0.14
C GLY F 186 34.66 18.08 0.99
N LYS F 187 35.49 17.19 0.44
CA LYS F 187 36.11 16.14 1.26
C LYS F 187 36.95 16.84 2.32
N PHE F 188 36.85 16.40 3.57
CA PHE F 188 37.41 17.16 4.71
C PHE F 188 37.83 16.21 5.82
N LEU F 189 38.76 16.67 6.65
CA LEU F 189 39.07 16.10 7.98
C LEU F 189 39.38 17.23 8.96
N ILE F 190 39.35 16.91 10.24
CA ILE F 190 39.87 17.83 11.28
C ILE F 190 41.03 17.10 11.98
N ARG F 191 42.12 17.85 12.18
CA ARG F 191 43.31 17.37 12.93
C ARG F 191 43.54 18.28 14.14
N ALA F 192 44.10 17.70 15.21
CA ALA F 192 44.67 18.45 16.37
C ALA F 192 46.02 19.06 15.97
N ARG F 193 46.30 20.28 16.46
CA ARG F 193 47.62 20.98 16.33
C ARG F 193 48.38 20.95 17.68
N ASP F 194 47.67 21.13 18.79
CA ASP F 194 48.11 21.04 20.20
C ASP F 194 47.28 19.93 20.89
N ASN F 195 47.51 19.67 22.17
CA ASN F 195 46.57 18.95 23.08
C ASN F 195 45.69 19.98 23.83
N ASN F 196 45.82 21.26 23.49
CA ASN F 196 45.19 22.43 24.14
C ASN F 196 44.07 22.97 23.24
N GLY F 197 43.23 22.08 22.68
CA GLY F 197 42.04 22.44 21.88
C GLY F 197 42.34 23.46 20.78
N SER F 198 43.50 23.36 20.11
CA SER F 198 43.71 24.02 18.80
C SER F 198 43.60 22.94 17.71
N TYR F 199 42.91 23.23 16.60
CA TYR F 199 42.66 22.26 15.50
C TYR F 199 42.82 22.93 14.13
N ALA F 200 42.78 22.13 13.08
CA ALA F 200 42.65 22.64 11.68
C ALA F 200 41.60 21.83 10.93
N LEU F 201 40.81 22.53 10.12
CA LEU F 201 39.86 21.96 9.15
C LEU F 201 40.60 21.91 7.82
N CYS F 202 40.74 20.71 7.24
CA CYS F 202 41.40 20.49 5.93
C CYS F 202 40.32 20.11 4.90
N LEU F 203 40.19 20.88 3.83
CA LEU F 203 39.02 20.89 2.92
C LEU F 203 39.50 20.83 1.46
N LEU F 204 38.98 19.88 0.68
CA LEU F 204 39.35 19.75 -0.75
C LEU F 204 38.45 20.66 -1.61
N HIS F 205 39.07 21.58 -2.35
CA HIS F 205 38.42 22.58 -3.22
C HIS F 205 39.13 22.60 -4.58
N GLU F 206 38.48 22.09 -5.63
CA GLU F 206 38.98 22.09 -7.04
C GLU F 206 40.40 21.50 -7.08
N GLY F 207 40.59 20.33 -6.46
CA GLY F 207 41.84 19.56 -6.49
C GLY F 207 42.92 20.10 -5.57
N LYS F 208 42.62 21.13 -4.77
CA LYS F 208 43.59 21.78 -3.83
C LYS F 208 43.11 21.63 -2.38
N VAL F 209 44.02 21.39 -1.44
CA VAL F 209 43.69 21.24 0.01
C VAL F 209 43.88 22.58 0.72
N LEU F 210 42.78 23.15 1.23
CA LEU F 210 42.76 24.36 2.08
C LEU F 210 42.80 23.94 3.55
N HIS F 211 43.44 24.75 4.39
CA HIS F 211 43.51 24.59 5.86
C HIS F 211 42.94 25.84 6.53
N TYR F 212 41.91 25.66 7.37
CA TYR F 212 41.33 26.72 8.22
C TYR F 212 41.75 26.42 9.66
N ARG F 213 42.17 27.44 10.40
CA ARG F 213 42.58 27.32 11.83
C ARG F 213 41.31 27.25 12.68
N ILE F 214 41.26 26.37 13.68
CA ILE F 214 40.15 26.34 14.70
C ILE F 214 40.78 26.52 16.09
N ASP F 215 40.35 27.55 16.82
CA ASP F 215 40.96 27.95 18.13
C ASP F 215 39.93 27.91 19.25
N LYS F 216 40.37 27.50 20.44
CA LYS F 216 39.56 27.60 21.68
C LYS F 216 39.83 28.99 22.29
N ASP F 217 38.83 29.86 22.36
CA ASP F 217 38.94 31.16 23.08
C ASP F 217 38.86 30.88 24.59
N LYS F 218 38.98 31.92 25.43
CA LYS F 218 39.16 31.73 26.90
C LYS F 218 37.83 31.27 27.54
N THR F 219 36.69 31.38 26.85
CA THR F 219 35.36 30.85 27.28
C THR F 219 35.28 29.32 27.11
N GLY F 220 36.08 28.75 26.21
CA GLY F 220 35.98 27.33 25.80
C GLY F 220 35.28 27.14 24.46
N LYS F 221 34.99 28.23 23.74
CA LYS F 221 34.30 28.26 22.43
C LYS F 221 35.32 28.05 21.29
N LEU F 222 35.04 27.09 20.41
CA LEU F 222 35.82 26.81 19.18
C LEU F 222 35.29 27.67 18.05
N SER F 223 36.18 28.21 17.22
CA SER F 223 35.79 28.91 15.96
C SER F 223 36.98 29.03 15.01
N ILE F 224 36.66 29.14 13.73
CA ILE F 224 37.55 29.73 12.71
C ILE F 224 37.50 31.23 12.93
N PRO F 225 38.65 31.94 12.87
CA PRO F 225 38.68 33.39 13.07
C PRO F 225 37.57 34.13 12.32
N GLU F 226 36.76 34.90 13.05
CA GLU F 226 35.63 35.73 12.55
C GLU F 226 34.41 34.85 12.25
N GLY F 227 34.45 33.58 12.67
CA GLY F 227 33.41 32.57 12.35
C GLY F 227 32.45 32.37 13.50
N LYS F 228 31.32 31.71 13.24
CA LYS F 228 30.37 31.24 14.28
C LYS F 228 31.15 30.49 15.37
N LYS F 229 30.73 30.65 16.63
CA LYS F 229 31.38 30.00 17.80
C LYS F 229 30.54 28.80 18.25
N PHE F 230 31.22 27.74 18.65
CA PHE F 230 30.60 26.44 19.03
C PHE F 230 31.19 25.96 20.35
N ASP F 231 30.46 25.10 21.04
CA ASP F 231 30.97 24.39 22.24
C ASP F 231 31.76 23.15 21.81
N THR F 232 31.41 22.50 20.69
CA THR F 232 32.04 21.22 20.28
C THR F 232 32.39 21.25 18.78
N LEU F 233 33.36 20.44 18.38
CA LEU F 233 33.75 20.21 16.99
C LEU F 233 32.60 19.56 16.21
N TRP F 234 31.83 18.65 16.81
CA TRP F 234 30.72 17.98 16.07
C TRP F 234 29.66 19.03 15.72
N GLN F 235 29.47 20.05 16.56
CA GLN F 235 28.55 21.17 16.23
C GLN F 235 29.11 21.92 15.03
N LEU F 236 30.42 22.22 15.06
CA LEU F 236 31.12 22.99 14.00
C LEU F 236 30.97 22.23 12.68
N VAL F 237 31.22 20.93 12.68
CA VAL F 237 31.16 20.08 11.45
C VAL F 237 29.72 20.06 10.94
N GLU F 238 28.72 19.93 11.82
CA GLU F 238 27.31 19.88 11.38
C GLU F 238 26.96 21.20 10.69
N HIS F 239 27.43 22.32 11.22
CA HIS F 239 27.11 23.67 10.71
C HIS F 239 27.73 23.85 9.32
N TYR F 240 29.02 23.56 9.16
CA TYR F 240 29.73 23.80 7.89
C TYR F 240 29.41 22.70 6.87
N SER F 241 28.71 21.63 7.26
CA SER F 241 28.11 20.62 6.34
C SER F 241 26.77 21.10 5.77
N TYR F 242 26.13 22.09 6.38
CA TYR F 242 24.83 22.61 5.92
C TYR F 242 25.04 23.75 4.92
N LYS F 243 26.03 24.61 5.16
CA LYS F 243 26.29 25.81 4.33
C LYS F 243 27.77 26.20 4.50
N ALA F 244 28.34 26.84 3.48
CA ALA F 244 29.75 27.25 3.46
C ALA F 244 30.03 28.27 4.56
N ASP F 245 29.13 29.24 4.70
CA ASP F 245 29.17 30.32 5.72
C ASP F 245 30.59 30.87 5.85
N GLY F 246 31.25 31.13 4.71
CA GLY F 246 32.56 31.80 4.66
C GLY F 246 33.69 30.89 4.20
N LEU F 247 33.53 29.56 4.33
CA LEU F 247 34.42 28.57 3.66
C LEU F 247 34.25 28.76 2.14
N LEU F 248 35.22 28.30 1.36
CA LEU F 248 35.10 28.34 -0.13
C LEU F 248 33.98 27.40 -0.58
N ARG F 249 33.67 26.37 0.20
CA ARG F 249 32.52 25.48 -0.09
C ARG F 249 32.09 24.69 1.14
N VAL F 250 30.90 24.12 1.06
CA VAL F 250 30.27 23.28 2.11
C VAL F 250 31.12 22.01 2.31
N LEU F 251 31.19 21.49 3.52
CA LEU F 251 31.83 20.17 3.81
C LEU F 251 30.89 19.06 3.29
N THR F 252 31.45 18.03 2.67
CA THR F 252 30.68 16.87 2.13
C THR F 252 31.17 15.60 2.83
N VAL F 253 32.02 14.81 2.16
CA VAL F 253 32.33 13.43 2.63
C VAL F 253 33.53 13.53 3.56
N PRO F 254 33.44 12.88 4.74
CA PRO F 254 34.58 12.84 5.65
C PRO F 254 35.67 11.96 5.03
N CYS F 255 36.91 12.45 5.06
CA CYS F 255 38.10 11.73 4.55
C CYS F 255 38.28 10.49 5.43
N GLN F 256 38.25 9.31 4.81
CA GLN F 256 38.41 7.99 5.47
C GLN F 256 39.78 7.88 6.14
N LYS F 257 39.87 7.24 7.32
CA LYS F 257 41.15 6.93 8.02
C LYS F 257 41.80 5.65 7.44
N ILE F 258 42.84 5.12 8.11
CA ILE F 258 43.84 4.18 7.51
C ILE F 258 44.18 3.06 8.51
N GLN G 2 52.87 26.72 5.87
CA GLN G 2 52.33 27.66 4.86
C GLN G 2 51.09 28.40 5.44
N LEU G 3 50.14 28.81 4.58
CA LEU G 3 49.05 29.77 4.91
C LEU G 3 47.85 29.06 5.59
N GLN G 5 43.68 29.56 5.49
CA GLN G 5 42.66 30.18 4.67
C GLN G 5 41.81 31.10 5.54
N PRO G 6 41.56 32.36 5.11
CA PRO G 6 40.56 33.22 5.77
C PRO G 6 39.13 32.92 5.31
N LEU G 7 38.15 33.20 6.17
CA LEU G 7 36.72 33.12 5.78
C LEU G 7 36.45 34.23 4.78
N LYS G 8 35.61 33.97 3.78
CA LYS G 8 34.98 34.96 2.89
C LYS G 8 33.75 35.55 3.60
N ASP G 9 32.74 35.93 2.81
CA ASP G 9 31.55 36.67 3.27
C ASP G 9 30.72 35.71 4.12
N ARG G 10 30.86 35.82 5.44
CA ARG G 10 29.95 35.19 6.45
C ARG G 10 28.51 35.63 6.14
N GLU G 11 27.53 34.70 6.14
CA GLU G 11 26.10 35.07 5.93
C GLU G 11 25.66 35.95 7.09
N ASP G 12 24.71 36.86 6.88
CA ASP G 12 24.05 37.59 8.01
C ASP G 12 23.37 36.57 8.94
N ASP G 13 23.66 36.66 10.26
CA ASP G 13 23.23 35.68 11.28
C ASP G 13 23.06 36.40 12.63
N GLN G 14 22.10 37.33 12.68
CA GLN G 14 21.83 38.18 13.87
C GLN G 14 21.00 37.41 14.90
N SER G 16 18.84 37.85 18.38
CA SER G 16 18.09 38.89 19.07
C SER G 16 18.52 38.94 20.55
N HIS G 17 18.40 40.12 21.16
CA HIS G 17 18.80 40.41 22.57
C HIS G 17 17.56 40.89 23.32
N LEU G 18 17.53 40.71 24.63
CA LEU G 18 16.49 41.32 25.52
C LEU G 18 16.70 42.84 25.58
N GLN G 19 15.58 43.60 25.54
CA GLN G 19 15.52 45.05 25.89
C GLN G 19 14.34 45.32 26.83
N GLN H 2 -16.09 -30.30 -16.86
CA GLN H 2 -16.29 -28.84 -16.92
C GLN H 2 -15.35 -28.27 -18.01
N LEU H 3 -15.92 -27.88 -19.16
CA LEU H 3 -15.17 -27.20 -20.26
C LEU H 3 -15.00 -25.72 -19.95
N GLN H 5 -15.09 -22.68 -17.05
CA GLN H 5 -15.12 -22.39 -15.62
C GLN H 5 -16.35 -21.54 -15.31
N PRO H 6 -17.14 -21.87 -14.26
CA PRO H 6 -18.14 -20.95 -13.72
C PRO H 6 -17.51 -19.89 -12.81
N LEU H 7 -18.13 -18.72 -12.69
CA LEU H 7 -17.71 -17.72 -11.65
C LEU H 7 -18.02 -18.32 -10.29
N LYS H 8 -17.15 -18.11 -9.29
CA LYS H 8 -17.44 -18.39 -7.86
C LYS H 8 -18.12 -17.13 -7.30
N ASP H 9 -17.82 -16.76 -6.05
CA ASP H 9 -18.63 -15.77 -5.30
C ASP H 9 -18.38 -14.39 -5.91
N ARG H 10 -19.24 -13.94 -6.83
CA ARG H 10 -19.25 -12.54 -7.35
C ARG H 10 -19.48 -11.59 -6.17
N GLU H 11 -18.71 -10.52 -6.04
CA GLU H 11 -18.82 -9.57 -4.88
C GLU H 11 -20.18 -8.87 -5.00
N ASP H 12 -20.80 -8.49 -3.89
CA ASP H 12 -22.07 -7.70 -3.91
C ASP H 12 -21.78 -6.35 -4.58
N ASP H 13 -22.64 -5.97 -5.54
CA ASP H 13 -22.44 -4.75 -6.39
C ASP H 13 -23.77 -4.05 -6.66
N GLN H 14 -24.43 -3.56 -5.61
CA GLN H 14 -25.79 -3.01 -5.65
C GLN H 14 -25.77 -1.55 -6.14
N SER H 16 -28.04 1.83 -6.70
CA SER H 16 -29.25 2.43 -6.18
C SER H 16 -30.12 2.93 -7.35
N HIS H 17 -31.44 2.99 -7.16
CA HIS H 17 -32.46 3.37 -8.17
C HIS H 17 -33.24 4.55 -7.58
N LEU H 18 -33.81 5.40 -8.43
CA LEU H 18 -34.71 6.49 -7.98
C LEU H 18 -36.04 5.91 -7.45
N GLN H 19 -36.55 6.47 -6.34
CA GLN H 19 -37.74 6.00 -5.59
C GLN H 19 -38.95 6.87 -5.94
N GLN I 2 -39.76 4.38 -0.78
CA GLN I 2 -39.65 5.29 0.40
C GLN I 2 -38.95 4.54 1.56
N LEU I 3 -39.25 4.90 2.81
CA LEU I 3 -38.51 4.47 4.03
C LEU I 3 -38.99 3.10 4.51
N GLN I 5 -39.23 1.00 8.23
CA GLN I 5 -39.16 1.10 9.68
C GLN I 5 -37.97 0.29 10.20
N PRO I 6 -37.12 0.87 11.08
CA PRO I 6 -36.10 0.11 11.81
C PRO I 6 -36.67 -0.60 13.04
N LEU I 7 -36.06 -1.72 13.46
CA LEU I 7 -36.44 -2.35 14.74
C LEU I 7 -36.04 -1.40 15.87
N LYS I 8 -36.83 -1.35 16.94
CA LYS I 8 -36.49 -0.70 18.23
C LYS I 8 -35.63 -1.68 19.05
N ASP I 9 -35.54 -1.45 20.35
CA ASP I 9 -34.67 -2.26 21.25
C ASP I 9 -35.26 -3.67 21.35
N ARG I 10 -34.67 -4.58 20.59
CA ARG I 10 -34.82 -6.05 20.70
C ARG I 10 -34.65 -6.48 22.18
N GLU I 11 -35.52 -7.34 22.70
CA GLU I 11 -35.35 -8.02 24.01
C GLU I 11 -34.01 -8.79 24.01
N ASP I 12 -33.36 -8.90 25.18
CA ASP I 12 -32.16 -9.74 25.34
C ASP I 12 -32.51 -11.20 24.99
N ASP I 13 -31.71 -11.84 24.11
CA ASP I 13 -31.98 -13.21 23.57
C ASP I 13 -30.64 -13.94 23.33
N GLN I 14 -29.87 -14.13 24.39
CA GLN I 14 -28.51 -14.71 24.33
C GLN I 14 -28.60 -16.24 24.29
N SER I 16 -26.29 -19.64 24.52
CA SER I 16 -25.03 -20.06 25.12
C SER I 16 -24.23 -20.83 24.06
N HIS I 17 -22.90 -20.87 24.19
CA HIS I 17 -21.97 -21.62 23.30
C HIS I 17 -21.10 -22.50 24.20
N LEU I 18 -20.47 -23.54 23.63
CA LEU I 18 -19.57 -24.44 24.38
C LEU I 18 -18.26 -23.71 24.74
N GLN I 19 -17.79 -23.88 25.98
CA GLN I 19 -16.54 -23.30 26.54
C GLN I 19 -16.15 -24.17 27.73
N GLN J 2 10.48 -41.96 8.93
CA GLN J 2 9.03 -41.68 8.66
C GLN J 2 8.83 -41.47 7.14
N LEU J 3 7.82 -40.69 6.74
CA LEU J 3 7.34 -40.55 5.34
C LEU J 3 8.19 -39.54 4.55
N GLN J 5 7.66 -36.86 1.27
CA GLN J 5 6.71 -36.24 0.37
C GLN J 5 6.97 -36.68 -1.07
N PRO J 6 5.94 -37.12 -1.82
CA PRO J 6 6.06 -37.35 -3.27
C PRO J 6 5.92 -36.04 -4.05
N LEU J 7 6.51 -35.96 -5.25
CA LEU J 7 6.24 -34.83 -6.17
C LEU J 7 4.78 -34.89 -6.59
N LYS J 8 4.14 -33.72 -6.73
CA LYS J 8 2.81 -33.57 -7.35
C LYS J 8 3.04 -33.45 -8.86
N ASP J 9 2.09 -32.86 -9.59
CA ASP J 9 2.13 -32.86 -11.08
C ASP J 9 3.27 -31.94 -11.51
N ARG J 10 4.40 -32.58 -11.88
CA ARG J 10 5.54 -32.00 -12.61
C ARG J 10 5.03 -31.26 -13.84
N GLU J 11 5.50 -30.02 -14.08
CA GLU J 11 5.13 -29.24 -15.29
C GLU J 11 5.62 -30.01 -16.53
N ASP J 12 4.93 -29.89 -17.66
CA ASP J 12 5.41 -30.48 -18.94
C ASP J 12 6.78 -29.90 -19.30
N ASP J 13 7.77 -30.76 -19.57
CA ASP J 13 9.19 -30.38 -19.81
C ASP J 13 9.81 -31.35 -20.84
N GLN J 14 9.28 -31.36 -22.04
CA GLN J 14 9.73 -32.26 -23.13
C GLN J 14 10.97 -31.70 -23.82
N SER J 16 13.40 -32.13 -27.10
CA SER J 16 13.28 -32.60 -28.45
C SER J 16 14.47 -33.53 -28.78
N HIS J 17 14.27 -34.46 -29.72
CA HIS J 17 15.26 -35.49 -30.12
C HIS J 17 15.52 -35.33 -31.61
N LEU J 18 16.71 -35.73 -32.07
CA LEU J 18 16.99 -35.92 -33.52
C LEU J 18 16.16 -37.11 -34.06
N GLN J 19 15.62 -36.96 -35.27
CA GLN J 19 14.87 -38.02 -36.02
C GLN J 19 15.78 -38.78 -36.99
N GLN K 2 18.79 51.81 -5.77
CA GLN K 2 20.19 51.57 -6.26
C GLN K 2 20.15 50.95 -7.67
N LEU K 3 21.08 50.04 -8.02
CA LEU K 3 21.35 49.61 -9.42
C LEU K 3 20.40 48.50 -9.86
N GLN K 5 20.50 45.14 -12.42
CA GLN K 5 21.47 44.27 -13.07
C GLN K 5 21.25 44.27 -14.58
N PRO K 6 22.31 44.45 -15.40
CA PRO K 6 22.20 44.30 -16.86
C PRO K 6 22.30 42.83 -17.29
N LEU K 7 21.70 42.48 -18.43
CA LEU K 7 21.84 41.13 -19.02
C LEU K 7 23.29 40.99 -19.48
N LYS K 8 23.86 39.79 -19.35
CA LYS K 8 25.15 39.40 -19.96
C LYS K 8 24.91 39.01 -21.42
N ASP K 9 25.75 38.13 -21.98
CA ASP K 9 25.64 37.68 -23.38
C ASP K 9 24.37 36.84 -23.53
N ARG K 10 23.29 37.47 -23.99
CA ARG K 10 22.03 36.81 -24.41
C ARG K 10 22.38 35.82 -25.54
N GLU K 11 21.85 34.59 -25.49
CA GLU K 11 22.06 33.57 -26.55
C GLU K 11 21.55 34.11 -27.90
N ASP K 12 22.16 33.73 -29.00
CA ASP K 12 21.64 34.01 -30.37
C ASP K 12 20.22 33.42 -30.50
N ASP K 13 19.25 34.22 -30.95
CA ASP K 13 17.80 33.86 -31.02
C ASP K 13 17.15 34.50 -32.25
N GLN K 14 17.64 34.17 -33.44
CA GLN K 14 17.20 34.78 -34.72
C GLN K 14 15.91 34.11 -35.21
N SER K 16 13.28 33.69 -38.36
CA SER K 16 13.27 33.79 -39.80
C SER K 16 12.07 34.65 -40.26
N HIS K 17 12.21 35.32 -41.41
CA HIS K 17 11.21 36.26 -42.01
C HIS K 17 10.89 35.74 -43.42
N LEU K 18 9.75 36.12 -43.99
CA LEU K 18 9.40 35.74 -45.40
C LEU K 18 10.26 36.54 -46.38
N GLN K 19 10.75 35.86 -47.44
CA GLN K 19 11.56 36.41 -48.56
C GLN K 19 11.08 35.79 -49.88
N GLN L 2 -20.93 -21.98 10.53
CA GLN L 2 -20.64 -21.69 11.99
C GLN L 2 -20.43 -20.17 12.18
N LEU L 3 -20.95 -19.56 13.26
CA LEU L 3 -21.11 -18.09 13.40
C LEU L 3 -19.81 -17.42 13.82
N GLN L 5 -15.65 -17.99 13.90
CA GLN L 5 -14.58 -18.81 13.37
C GLN L 5 -13.78 -19.40 14.52
N PRO L 6 -13.50 -20.72 14.51
CA PRO L 6 -12.52 -21.31 15.42
C PRO L 6 -11.07 -21.09 14.96
N LEU L 7 -10.11 -21.04 15.89
CA LEU L 7 -8.68 -21.06 15.55
C LEU L 7 -8.35 -22.40 14.90
N LYS L 8 -7.46 -22.40 13.91
CA LYS L 8 -6.82 -23.60 13.34
C LYS L 8 -5.67 -24.01 14.27
N ASP L 9 -4.71 -24.76 13.72
CA ASP L 9 -3.54 -25.30 14.47
C ASP L 9 -2.65 -24.11 14.84
N ARG L 10 -2.78 -23.65 16.09
CA ARG L 10 -1.86 -22.67 16.73
C ARG L 10 -0.43 -23.23 16.68
N GLU L 11 0.56 -22.41 16.31
CA GLU L 11 1.99 -22.82 16.25
C GLU L 11 2.44 -23.26 17.66
N ASP L 12 3.35 -24.22 17.76
CA ASP L 12 4.04 -24.56 19.03
C ASP L 12 4.72 -23.29 19.62
N ASP L 13 4.47 -23.01 20.90
CA ASP L 13 4.92 -21.77 21.59
C ASP L 13 5.25 -22.08 23.07
N GLN L 14 6.22 -22.96 23.31
CA GLN L 14 6.52 -23.50 24.66
C GLN L 14 7.42 -22.57 25.45
N SER L 16 9.76 -21.91 28.80
CA SER L 16 10.60 -22.65 29.73
C SER L 16 10.27 -22.25 31.17
N HIS L 17 10.47 -23.17 32.13
CA HIS L 17 10.14 -23.04 33.57
C HIS L 17 11.43 -23.27 34.38
N LEU L 18 11.52 -22.76 35.59
CA LEU L 18 12.69 -23.04 36.49
C LEU L 18 12.63 -24.50 36.98
N GLN L 19 13.75 -25.20 36.93
CA GLN L 19 13.81 -26.68 36.97
C GLN L 19 15.23 -27.10 37.31
N GLY L 20 15.39 -28.05 38.25
CA GLY L 20 16.70 -28.49 38.76
C GLY L 20 17.34 -27.43 39.65
#